data_5LFT
# 
_entry.id   5LFT 
# 
_audit_conform.dict_name       mmcif_pdbx.dic 
_audit_conform.dict_version    5.397 
_audit_conform.dict_location   http://mmcif.pdb.org/dictionaries/ascii/mmcif_pdbx.dic 
# 
loop_
_database_2.database_id 
_database_2.database_code 
_database_2.pdbx_database_accession 
_database_2.pdbx_DOI 
PDB   5LFT         pdb_00005lft 10.2210/pdb5lft/pdb 
WWPDB D_1200000267 ?            ?                   
# 
loop_
_pdbx_audit_revision_history.ordinal 
_pdbx_audit_revision_history.data_content_type 
_pdbx_audit_revision_history.major_revision 
_pdbx_audit_revision_history.minor_revision 
_pdbx_audit_revision_history.revision_date 
1 'Structure model' 1 0 2017-07-12 
2 'Structure model' 1 1 2018-02-28 
3 'Structure model' 2 0 2019-01-23 
4 'Structure model' 2 1 2024-01-10 
5 'Structure model' 2 2 2024-10-23 
# 
_pdbx_audit_revision_details.ordinal             1 
_pdbx_audit_revision_details.revision_ordinal    1 
_pdbx_audit_revision_details.data_content_type   'Structure model' 
_pdbx_audit_revision_details.provider            repository 
_pdbx_audit_revision_details.type                'Initial release' 
_pdbx_audit_revision_details.description         ? 
_pdbx_audit_revision_details.details             ? 
# 
loop_
_pdbx_audit_revision_group.ordinal 
_pdbx_audit_revision_group.revision_ordinal 
_pdbx_audit_revision_group.data_content_type 
_pdbx_audit_revision_group.group 
1  2 'Structure model' 'Database references'     
2  3 'Structure model' 'Atomic model'            
3  3 'Structure model' 'Data collection'         
4  3 'Structure model' 'Derived calculations'    
5  3 'Structure model' 'Non-polymer description' 
6  3 'Structure model' 'Structure summary'       
7  4 'Structure model' 'Data collection'         
8  4 'Structure model' 'Database references'     
9  4 'Structure model' 'Derived calculations'    
10 4 'Structure model' 'Refinement description'  
11 5 'Structure model' 'Structure summary'       
# 
loop_
_pdbx_audit_revision_category.ordinal 
_pdbx_audit_revision_category.revision_ordinal 
_pdbx_audit_revision_category.data_content_type 
_pdbx_audit_revision_category.category 
1  2 'Structure model' citation                      
2  3 'Structure model' atom_site                     
3  3 'Structure model' chem_comp                     
4  3 'Structure model' entity                        
5  3 'Structure model' pdbx_entity_nonpoly           
6  3 'Structure model' pdbx_nonpoly_scheme           
7  3 'Structure model' pdbx_struct_conn_angle        
8  3 'Structure model' struct_conn                   
9  3 'Structure model' struct_site                   
10 4 'Structure model' chem_comp_atom                
11 4 'Structure model' chem_comp_bond                
12 4 'Structure model' database_2                    
13 4 'Structure model' pdbx_initial_refinement_model 
14 4 'Structure model' struct_conn                   
15 5 'Structure model' pdbx_entry_details            
16 5 'Structure model' pdbx_modification_feature     
# 
loop_
_pdbx_audit_revision_item.ordinal 
_pdbx_audit_revision_item.revision_ordinal 
_pdbx_audit_revision_item.data_content_type 
_pdbx_audit_revision_item.item 
1  2 'Structure model' '_citation.country'                           
2  2 'Structure model' '_citation.journal_abbrev'                    
3  2 'Structure model' '_citation.journal_id_CSD'                    
4  2 'Structure model' '_citation.journal_id_ISSN'                   
5  2 'Structure model' '_citation.journal_volume'                    
6  2 'Structure model' '_citation.page_first'                        
7  2 'Structure model' '_citation.page_last'                         
8  2 'Structure model' '_citation.pdbx_database_id_DOI'              
9  2 'Structure model' '_citation.pdbx_database_id_PubMed'           
10 2 'Structure model' '_citation.title'                             
11 2 'Structure model' '_citation.year'                              
12 3 'Structure model' '_atom_site.B_iso_or_equiv'                   
13 3 'Structure model' '_atom_site.Cartn_x'                          
14 3 'Structure model' '_atom_site.Cartn_y'                          
15 3 'Structure model' '_atom_site.Cartn_z'                          
16 3 'Structure model' '_atom_site.auth_atom_id'                     
17 3 'Structure model' '_atom_site.auth_comp_id'                     
18 3 'Structure model' '_atom_site.label_atom_id'                    
19 3 'Structure model' '_atom_site.label_comp_id'                    
20 3 'Structure model' '_atom_site.type_symbol'                      
21 3 'Structure model' '_chem_comp.formula'                          
22 3 'Structure model' '_chem_comp.formula_weight'                   
23 3 'Structure model' '_chem_comp.id'                               
24 3 'Structure model' '_chem_comp.name'                             
25 3 'Structure model' '_chem_comp.pdbx_synonyms'                    
26 3 'Structure model' '_entity.formula_weight'                      
27 3 'Structure model' '_entity.pdbx_description'                    
28 3 'Structure model' '_pdbx_entity_nonpoly.comp_id'                
29 3 'Structure model' '_pdbx_entity_nonpoly.name'                   
30 3 'Structure model' '_pdbx_nonpoly_scheme.mon_id'                 
31 3 'Structure model' '_pdbx_nonpoly_scheme.pdb_mon_id'             
32 3 'Structure model' '_pdbx_struct_conn_angle.ptnr1_auth_comp_id'  
33 3 'Structure model' '_pdbx_struct_conn_angle.ptnr1_label_comp_id' 
34 3 'Structure model' '_pdbx_struct_conn_angle.ptnr2_auth_comp_id'  
35 3 'Structure model' '_pdbx_struct_conn_angle.ptnr2_label_comp_id' 
36 3 'Structure model' '_pdbx_struct_conn_angle.ptnr3_auth_comp_id'  
37 3 'Structure model' '_pdbx_struct_conn_angle.ptnr3_label_comp_id' 
38 3 'Structure model' '_struct_conn.pdbx_leaving_atom_flag'         
39 3 'Structure model' '_struct_conn.ptnr2_auth_comp_id'             
40 3 'Structure model' '_struct_conn.ptnr2_label_comp_id'            
41 3 'Structure model' '_struct_site.details'                        
42 3 'Structure model' '_struct_site.pdbx_auth_comp_id'              
43 4 'Structure model' '_database_2.pdbx_DOI'                        
44 4 'Structure model' '_database_2.pdbx_database_accession'         
45 4 'Structure model' '_struct_conn.conn_type_id'                   
46 4 'Structure model' '_struct_conn.id'                             
47 4 'Structure model' '_struct_conn.pdbx_dist_value'                
48 4 'Structure model' '_struct_conn.pdbx_leaving_atom_flag'         
49 4 'Structure model' '_struct_conn.ptnr1_auth_comp_id'             
50 4 'Structure model' '_struct_conn.ptnr1_auth_seq_id'              
51 4 'Structure model' '_struct_conn.ptnr1_label_asym_id'            
52 4 'Structure model' '_struct_conn.ptnr1_label_atom_id'            
53 4 'Structure model' '_struct_conn.ptnr1_label_comp_id'            
54 4 'Structure model' '_struct_conn.ptnr1_label_seq_id'             
55 4 'Structure model' '_struct_conn.ptnr2_auth_comp_id'             
56 4 'Structure model' '_struct_conn.ptnr2_auth_seq_id'              
57 4 'Structure model' '_struct_conn.ptnr2_label_asym_id'            
58 4 'Structure model' '_struct_conn.ptnr2_label_atom_id'            
59 4 'Structure model' '_struct_conn.ptnr2_label_comp_id'            
# 
_pdbx_database_status.status_code                     REL 
_pdbx_database_status.status_code_sf                  REL 
_pdbx_database_status.status_code_mr                  ? 
_pdbx_database_status.entry_id                        5LFT 
_pdbx_database_status.recvd_initial_deposition_date   2016-07-04 
_pdbx_database_status.SG_entry                        N 
_pdbx_database_status.deposit_site                    PDBE 
_pdbx_database_status.process_site                    PDBE 
_pdbx_database_status.status_code_cs                  ? 
_pdbx_database_status.methods_development_category    ? 
_pdbx_database_status.pdb_format_compatible           Y 
_pdbx_database_status.status_code_nmr_data            ? 
# 
loop_
_pdbx_database_related.content_type 
_pdbx_database_related.db_id 
_pdbx_database_related.db_name 
_pdbx_database_related.details 
unspecified 5KPF PDB . 
unspecified 5T8W PDB . 
# 
loop_
_audit_author.name 
_audit_author.pdbx_ordinal 
'Doolan, A.M.'  1 
'Rennie, M.L.'  2 
'Crowley, P.B.' 3 
# 
_citation.abstract                  ? 
_citation.abstract_id_CAS           ? 
_citation.book_id_ISBN              ? 
_citation.book_publisher            ? 
_citation.book_publisher_city       ? 
_citation.book_title                ? 
_citation.coordinate_linkage        ? 
_citation.country                   GE 
_citation.database_id_Medline       ? 
_citation.details                   ? 
_citation.id                        primary 
_citation.journal_abbrev            Chemistry 
_citation.journal_id_ASTM           ? 
_citation.journal_id_CSD            ? 
_citation.journal_id_ISSN           1521-3765 
_citation.journal_full              ? 
_citation.journal_issue             ? 
_citation.journal_volume            24 
_citation.language                  ? 
_citation.page_first                984 
_citation.page_last                 991 
_citation.title                     'Protein Recognition by Functionalized Sulfonatocalix[4]arenes.' 
_citation.year                      2018 
_citation.database_id_CSD           ? 
_citation.pdbx_database_id_DOI      10.1002/chem.201704931 
_citation.pdbx_database_id_PubMed   29125201 
_citation.unpublished_flag          ? 
# 
loop_
_citation_author.citation_id 
_citation_author.name 
_citation_author.ordinal 
_citation_author.identifier_ORCID 
primary 'Doolan, A.M.'  1 ? 
primary 'Rennie, M.L.'  2 ? 
primary 'Crowley, P.B.' 3 ? 
# 
loop_
_entity.id 
_entity.type 
_entity.src_method 
_entity.pdbx_description 
_entity.formula_weight 
_entity.pdbx_number_of_molecules 
_entity.pdbx_ec 
_entity.pdbx_mutation 
_entity.pdbx_fragment 
_entity.details 
1 polymer     man 'Cytochrome c iso-1'              12041.770 1   ? ? ? ? 
2 non-polymer syn 'HEME C'                          618.503   1   ? ? ? ? 
3 non-polymer syn 'BROMIDE ION'                     79.904    2   ? ? ? ? 
4 non-polymer syn 'Bromo-trisulfonatocalix[4]arene' 743.573   3   ? ? ? ? 
5 water       nat water                             18.015    194 ? ? ? ? 
# 
_entity_name_com.entity_id   1 
_entity_name_com.name        'Cytochrome c' 
# 
_entity_poly.entity_id                      1 
_entity_poly.type                           'polypeptide(L)' 
_entity_poly.nstd_linkage                   no 
_entity_poly.nstd_monomer                   no 
_entity_poly.pdbx_seq_one_letter_code       
;AEFKAGSAKKGATLFKTRCLQCHTVEKGGPHKVGPNLHGIFGRHSGQAEGYSYTDANIKKNVLWDENNMSEYLTNPKKYI
PGTKMAFGGLKKEKDRNDLITYLKKATE
;
_entity_poly.pdbx_seq_one_letter_code_can   
;AEFKAGSAKKGATLFKTRCLQCHTVEKGGPHKVGPNLHGIFGRHSGQAEGYSYTDANIKKNVLWDENNMSEYLTNPKKYI
PGTKMAFGGLKKEKDRNDLITYLKKATE
;
_entity_poly.pdbx_strand_id                 A 
_entity_poly.pdbx_target_identifier         ? 
# 
loop_
_pdbx_entity_nonpoly.entity_id 
_pdbx_entity_nonpoly.name 
_pdbx_entity_nonpoly.comp_id 
2 'HEME C'                          HEC 
3 'BROMIDE ION'                     BR  
4 'Bromo-trisulfonatocalix[4]arene' 6VB 
5 water                             HOH 
# 
loop_
_entity_poly_seq.entity_id 
_entity_poly_seq.num 
_entity_poly_seq.mon_id 
_entity_poly_seq.hetero 
1 1   ALA n 
1 2   GLU n 
1 3   PHE n 
1 4   LYS n 
1 5   ALA n 
1 6   GLY n 
1 7   SER n 
1 8   ALA n 
1 9   LYS n 
1 10  LYS n 
1 11  GLY n 
1 12  ALA n 
1 13  THR n 
1 14  LEU n 
1 15  PHE n 
1 16  LYS n 
1 17  THR n 
1 18  ARG n 
1 19  CYS n 
1 20  LEU n 
1 21  GLN n 
1 22  CYS n 
1 23  HIS n 
1 24  THR n 
1 25  VAL n 
1 26  GLU n 
1 27  LYS n 
1 28  GLY n 
1 29  GLY n 
1 30  PRO n 
1 31  HIS n 
1 32  LYS n 
1 33  VAL n 
1 34  GLY n 
1 35  PRO n 
1 36  ASN n 
1 37  LEU n 
1 38  HIS n 
1 39  GLY n 
1 40  ILE n 
1 41  PHE n 
1 42  GLY n 
1 43  ARG n 
1 44  HIS n 
1 45  SER n 
1 46  GLY n 
1 47  GLN n 
1 48  ALA n 
1 49  GLU n 
1 50  GLY n 
1 51  TYR n 
1 52  SER n 
1 53  TYR n 
1 54  THR n 
1 55  ASP n 
1 56  ALA n 
1 57  ASN n 
1 58  ILE n 
1 59  LYS n 
1 60  LYS n 
1 61  ASN n 
1 62  VAL n 
1 63  LEU n 
1 64  TRP n 
1 65  ASP n 
1 66  GLU n 
1 67  ASN n 
1 68  ASN n 
1 69  MET n 
1 70  SER n 
1 71  GLU n 
1 72  TYR n 
1 73  LEU n 
1 74  THR n 
1 75  ASN n 
1 76  PRO n 
1 77  LYS n 
1 78  LYS n 
1 79  TYR n 
1 80  ILE n 
1 81  PRO n 
1 82  GLY n 
1 83  THR n 
1 84  LYS n 
1 85  MET n 
1 86  ALA n 
1 87  PHE n 
1 88  GLY n 
1 89  GLY n 
1 90  LEU n 
1 91  LYS n 
1 92  LYS n 
1 93  GLU n 
1 94  LYS n 
1 95  ASP n 
1 96  ARG n 
1 97  ASN n 
1 98  ASP n 
1 99  LEU n 
1 100 ILE n 
1 101 THR n 
1 102 TYR n 
1 103 LEU n 
1 104 LYS n 
1 105 LYS n 
1 106 ALA n 
1 107 THR n 
1 108 GLU n 
# 
_entity_src_gen.entity_id                          1 
_entity_src_gen.pdbx_src_id                        1 
_entity_src_gen.pdbx_alt_source_flag               sample 
_entity_src_gen.pdbx_seq_type                      'Biological sequence' 
_entity_src_gen.pdbx_beg_seq_num                   1 
_entity_src_gen.pdbx_end_seq_num                   108 
_entity_src_gen.gene_src_common_name               
;Baker's yeast
;
_entity_src_gen.gene_src_genus                     ? 
_entity_src_gen.pdbx_gene_src_gene                 'CYC1, YJR048W, J1653' 
_entity_src_gen.gene_src_species                   ? 
_entity_src_gen.gene_src_strain                    ? 
_entity_src_gen.gene_src_tissue                    ? 
_entity_src_gen.gene_src_tissue_fraction           ? 
_entity_src_gen.gene_src_details                   ? 
_entity_src_gen.pdbx_gene_src_fragment             ? 
_entity_src_gen.pdbx_gene_src_scientific_name      'Saccharomyces cerevisiae' 
_entity_src_gen.pdbx_gene_src_ncbi_taxonomy_id     4932 
_entity_src_gen.pdbx_gene_src_variant              ? 
_entity_src_gen.pdbx_gene_src_cell_line            ? 
_entity_src_gen.pdbx_gene_src_atcc                 ? 
_entity_src_gen.pdbx_gene_src_organ                ? 
_entity_src_gen.pdbx_gene_src_organelle            ? 
_entity_src_gen.pdbx_gene_src_cell                 ? 
_entity_src_gen.pdbx_gene_src_cellular_location    ? 
_entity_src_gen.host_org_common_name               ? 
_entity_src_gen.pdbx_host_org_scientific_name      'Escherichia coli' 
_entity_src_gen.pdbx_host_org_ncbi_taxonomy_id     562 
_entity_src_gen.host_org_genus                     ? 
_entity_src_gen.pdbx_host_org_gene                 ? 
_entity_src_gen.pdbx_host_org_organ                ? 
_entity_src_gen.host_org_species                   ? 
_entity_src_gen.pdbx_host_org_tissue               ? 
_entity_src_gen.pdbx_host_org_tissue_fraction      ? 
_entity_src_gen.pdbx_host_org_strain               ? 
_entity_src_gen.pdbx_host_org_variant              ? 
_entity_src_gen.pdbx_host_org_cell_line            ? 
_entity_src_gen.pdbx_host_org_atcc                 ? 
_entity_src_gen.pdbx_host_org_culture_collection   ? 
_entity_src_gen.pdbx_host_org_cell                 ? 
_entity_src_gen.pdbx_host_org_organelle            ? 
_entity_src_gen.pdbx_host_org_cellular_location    ? 
_entity_src_gen.pdbx_host_org_vector_type          ? 
_entity_src_gen.pdbx_host_org_vector               ? 
_entity_src_gen.host_org_details                   ? 
_entity_src_gen.expression_system_id               ? 
_entity_src_gen.plasmid_name                       ? 
_entity_src_gen.plasmid_details                    ? 
_entity_src_gen.pdbx_description                   ? 
# 
loop_
_chem_comp.id 
_chem_comp.type 
_chem_comp.mon_nstd_flag 
_chem_comp.name 
_chem_comp.pdbx_synonyms 
_chem_comp.formula 
_chem_comp.formula_weight 
6VB non-polymer         . 'Bromo-trisulfonatocalix[4]arene' ? 'C28 H23 Br O13 S3' 743.573 
ALA 'L-peptide linking' y ALANINE                           ? 'C3 H7 N O2'        89.093  
ARG 'L-peptide linking' y ARGININE                          ? 'C6 H15 N4 O2 1'    175.209 
ASN 'L-peptide linking' y ASPARAGINE                        ? 'C4 H8 N2 O3'       132.118 
ASP 'L-peptide linking' y 'ASPARTIC ACID'                   ? 'C4 H7 N O4'        133.103 
BR  non-polymer         . 'BROMIDE ION'                     ? 'Br -1'             79.904  
CYS 'L-peptide linking' y CYSTEINE                          ? 'C3 H7 N O2 S'      121.158 
GLN 'L-peptide linking' y GLUTAMINE                         ? 'C5 H10 N2 O3'      146.144 
GLU 'L-peptide linking' y 'GLUTAMIC ACID'                   ? 'C5 H9 N O4'        147.129 
GLY 'peptide linking'   y GLYCINE                           ? 'C2 H5 N O2'        75.067  
HEC non-polymer         . 'HEME C'                          ? 'C34 H34 Fe N4 O4'  618.503 
HIS 'L-peptide linking' y HISTIDINE                         ? 'C6 H10 N3 O2 1'    156.162 
HOH non-polymer         . WATER                             ? 'H2 O'              18.015  
ILE 'L-peptide linking' y ISOLEUCINE                        ? 'C6 H13 N O2'       131.173 
LEU 'L-peptide linking' y LEUCINE                           ? 'C6 H13 N O2'       131.173 
LYS 'L-peptide linking' y LYSINE                            ? 'C6 H15 N2 O2 1'    147.195 
MET 'L-peptide linking' y METHIONINE                        ? 'C5 H11 N O2 S'     149.211 
PHE 'L-peptide linking' y PHENYLALANINE                     ? 'C9 H11 N O2'       165.189 
PRO 'L-peptide linking' y PROLINE                           ? 'C5 H9 N O2'        115.130 
SER 'L-peptide linking' y SERINE                            ? 'C3 H7 N O3'        105.093 
THR 'L-peptide linking' y THREONINE                         ? 'C4 H9 N O3'        119.119 
TRP 'L-peptide linking' y TRYPTOPHAN                        ? 'C11 H12 N2 O2'     204.225 
TYR 'L-peptide linking' y TYROSINE                          ? 'C9 H11 N O3'       181.189 
VAL 'L-peptide linking' y VALINE                            ? 'C5 H11 N O2'       117.146 
# 
loop_
_pdbx_poly_seq_scheme.asym_id 
_pdbx_poly_seq_scheme.entity_id 
_pdbx_poly_seq_scheme.seq_id 
_pdbx_poly_seq_scheme.mon_id 
_pdbx_poly_seq_scheme.ndb_seq_num 
_pdbx_poly_seq_scheme.pdb_seq_num 
_pdbx_poly_seq_scheme.auth_seq_num 
_pdbx_poly_seq_scheme.pdb_mon_id 
_pdbx_poly_seq_scheme.auth_mon_id 
_pdbx_poly_seq_scheme.pdb_strand_id 
_pdbx_poly_seq_scheme.pdb_ins_code 
_pdbx_poly_seq_scheme.hetero 
A 1 1   ALA 1   -5  -5  ALA ALA A . n 
A 1 2   GLU 2   -4  -4  GLU GLU A . n 
A 1 3   PHE 3   -3  -3  PHE PHE A . n 
A 1 4   LYS 4   -2  -2  LYS LYS A . n 
A 1 5   ALA 5   -1  -1  ALA ALA A . n 
A 1 6   GLY 6   1   1   GLY GLY A . n 
A 1 7   SER 7   2   2   SER SER A . n 
A 1 8   ALA 8   3   3   ALA ALA A . n 
A 1 9   LYS 9   4   4   LYS LYS A . n 
A 1 10  LYS 10  5   5   LYS LYS A . n 
A 1 11  GLY 11  6   6   GLY GLY A . n 
A 1 12  ALA 12  7   7   ALA ALA A . n 
A 1 13  THR 13  8   8   THR THR A . n 
A 1 14  LEU 14  9   9   LEU LEU A . n 
A 1 15  PHE 15  10  10  PHE PHE A . n 
A 1 16  LYS 16  11  11  LYS LYS A . n 
A 1 17  THR 17  12  12  THR THR A . n 
A 1 18  ARG 18  13  13  ARG ARG A . n 
A 1 19  CYS 19  14  14  CYS CYS A . n 
A 1 20  LEU 20  15  15  LEU LEU A . n 
A 1 21  GLN 21  16  16  GLN GLN A . n 
A 1 22  CYS 22  17  17  CYS CYS A . n 
A 1 23  HIS 23  18  18  HIS HIS A . n 
A 1 24  THR 24  19  19  THR THR A . n 
A 1 25  VAL 25  20  20  VAL VAL A . n 
A 1 26  GLU 26  21  21  GLU GLU A . n 
A 1 27  LYS 27  22  22  LYS LYS A . n 
A 1 28  GLY 28  23  23  GLY GLY A . n 
A 1 29  GLY 29  24  24  GLY GLY A . n 
A 1 30  PRO 30  25  25  PRO PRO A . n 
A 1 31  HIS 31  26  26  HIS HIS A . n 
A 1 32  LYS 32  27  27  LYS LYS A . n 
A 1 33  VAL 33  28  28  VAL VAL A . n 
A 1 34  GLY 34  29  29  GLY GLY A . n 
A 1 35  PRO 35  30  30  PRO PRO A . n 
A 1 36  ASN 36  31  31  ASN ASN A . n 
A 1 37  LEU 37  32  32  LEU LEU A . n 
A 1 38  HIS 38  33  33  HIS HIS A . n 
A 1 39  GLY 39  34  34  GLY GLY A . n 
A 1 40  ILE 40  35  35  ILE ILE A . n 
A 1 41  PHE 41  36  36  PHE PHE A . n 
A 1 42  GLY 42  37  37  GLY GLY A . n 
A 1 43  ARG 43  38  38  ARG ARG A . n 
A 1 44  HIS 44  39  39  HIS HIS A . n 
A 1 45  SER 45  40  40  SER SER A . n 
A 1 46  GLY 46  41  41  GLY GLY A . n 
A 1 47  GLN 47  42  42  GLN GLN A . n 
A 1 48  ALA 48  43  43  ALA ALA A . n 
A 1 49  GLU 49  44  44  GLU GLU A . n 
A 1 50  GLY 50  45  45  GLY GLY A . n 
A 1 51  TYR 51  46  46  TYR TYR A . n 
A 1 52  SER 52  47  47  SER SER A . n 
A 1 53  TYR 53  48  48  TYR TYR A . n 
A 1 54  THR 54  49  49  THR THR A . n 
A 1 55  ASP 55  50  50  ASP ASP A . n 
A 1 56  ALA 56  51  51  ALA ALA A . n 
A 1 57  ASN 57  52  52  ASN ASN A . n 
A 1 58  ILE 58  53  53  ILE ILE A . n 
A 1 59  LYS 59  54  54  LYS LYS A . n 
A 1 60  LYS 60  55  55  LYS LYS A . n 
A 1 61  ASN 61  56  56  ASN ASN A . n 
A 1 62  VAL 62  57  57  VAL VAL A . n 
A 1 63  LEU 63  58  58  LEU LEU A . n 
A 1 64  TRP 64  59  59  TRP TRP A . n 
A 1 65  ASP 65  60  60  ASP ASP A . n 
A 1 66  GLU 66  61  61  GLU GLU A . n 
A 1 67  ASN 67  62  62  ASN ASN A . n 
A 1 68  ASN 68  63  63  ASN ASN A . n 
A 1 69  MET 69  64  64  MET MET A . n 
A 1 70  SER 70  65  65  SER SER A . n 
A 1 71  GLU 71  66  66  GLU GLU A . n 
A 1 72  TYR 72  67  67  TYR TYR A . n 
A 1 73  LEU 73  68  68  LEU LEU A . n 
A 1 74  THR 74  69  69  THR THR A . n 
A 1 75  ASN 75  70  70  ASN ASN A . n 
A 1 76  PRO 76  71  71  PRO PRO A . n 
A 1 77  LYS 77  72  72  LYS LYS A . n 
A 1 78  LYS 78  73  73  LYS LYS A . n 
A 1 79  TYR 79  74  74  TYR TYR A . n 
A 1 80  ILE 80  75  75  ILE ILE A . n 
A 1 81  PRO 81  76  76  PRO PRO A . n 
A 1 82  GLY 82  77  77  GLY GLY A . n 
A 1 83  THR 83  78  78  THR THR A . n 
A 1 84  LYS 84  79  79  LYS LYS A . n 
A 1 85  MET 85  80  80  MET MET A . n 
A 1 86  ALA 86  81  81  ALA ALA A . n 
A 1 87  PHE 87  82  82  PHE PHE A . n 
A 1 88  GLY 88  83  83  GLY GLY A . n 
A 1 89  GLY 89  84  84  GLY GLY A . n 
A 1 90  LEU 90  85  85  LEU LEU A . n 
A 1 91  LYS 91  86  86  LYS LYS A . n 
A 1 92  LYS 92  87  87  LYS LYS A . n 
A 1 93  GLU 93  88  88  GLU GLU A . n 
A 1 94  LYS 94  89  89  LYS LYS A . n 
A 1 95  ASP 95  90  90  ASP ASP A . n 
A 1 96  ARG 96  91  91  ARG ARG A . n 
A 1 97  ASN 97  92  92  ASN ASN A . n 
A 1 98  ASP 98  93  93  ASP ASP A . n 
A 1 99  LEU 99  94  94  LEU LEU A . n 
A 1 100 ILE 100 95  95  ILE ILE A . n 
A 1 101 THR 101 96  96  THR THR A . n 
A 1 102 TYR 102 97  97  TYR TYR A . n 
A 1 103 LEU 103 98  98  LEU LEU A . n 
A 1 104 LYS 104 99  99  LYS LYS A . n 
A 1 105 LYS 105 100 100 LYS LYS A . n 
A 1 106 ALA 106 101 101 ALA ALA A . n 
A 1 107 THR 107 102 102 THR THR A . n 
A 1 108 GLU 108 103 103 GLU GLU A . n 
# 
loop_
_pdbx_nonpoly_scheme.asym_id 
_pdbx_nonpoly_scheme.entity_id 
_pdbx_nonpoly_scheme.mon_id 
_pdbx_nonpoly_scheme.ndb_seq_num 
_pdbx_nonpoly_scheme.pdb_seq_num 
_pdbx_nonpoly_scheme.auth_seq_num 
_pdbx_nonpoly_scheme.pdb_mon_id 
_pdbx_nonpoly_scheme.auth_mon_id 
_pdbx_nonpoly_scheme.pdb_strand_id 
_pdbx_nonpoly_scheme.pdb_ins_code 
B 2 HEC 1   201 201 HEC HEM A . 
C 3 BR  1   202 1   BR  BR  A . 
D 3 BR  1   203 1   BR  BR  A . 
E 4 6VB 1   204 1   6VB BRS A . 
F 4 6VB 1   205 2   6VB BRS A . 
G 4 6VB 1   206 3   6VB BRS A . 
H 5 HOH 1   301 175 HOH HOH A . 
H 5 HOH 2   302 108 HOH HOH A . 
H 5 HOH 3   303 95  HOH HOH A . 
H 5 HOH 4   304 117 HOH HOH A . 
H 5 HOH 5   305 197 HOH HOH A . 
H 5 HOH 6   306 153 HOH HOH A . 
H 5 HOH 7   307 121 HOH HOH A . 
H 5 HOH 8   308 69  HOH HOH A . 
H 5 HOH 9   309 55  HOH HOH A . 
H 5 HOH 10  310 103 HOH HOH A . 
H 5 HOH 11  311 141 HOH HOH A . 
H 5 HOH 12  312 93  HOH HOH A . 
H 5 HOH 13  313 78  HOH HOH A . 
H 5 HOH 14  314 127 HOH HOH A . 
H 5 HOH 15  315 59  HOH HOH A . 
H 5 HOH 16  316 189 HOH HOH A . 
H 5 HOH 17  317 167 HOH HOH A . 
H 5 HOH 18  318 26  HOH HOH A . 
H 5 HOH 19  319 131 HOH HOH A . 
H 5 HOH 20  320 83  HOH HOH A . 
H 5 HOH 21  321 90  HOH HOH A . 
H 5 HOH 22  322 60  HOH HOH A . 
H 5 HOH 23  323 37  HOH HOH A . 
H 5 HOH 24  324 23  HOH HOH A . 
H 5 HOH 25  325 184 HOH HOH A . 
H 5 HOH 26  326 11  HOH HOH A . 
H 5 HOH 27  327 88  HOH HOH A . 
H 5 HOH 28  328 8   HOH HOH A . 
H 5 HOH 29  329 29  HOH HOH A . 
H 5 HOH 30  330 24  HOH HOH A . 
H 5 HOH 31  331 14  HOH HOH A . 
H 5 HOH 32  332 43  HOH HOH A . 
H 5 HOH 33  333 71  HOH HOH A . 
H 5 HOH 34  334 39  HOH HOH A . 
H 5 HOH 35  335 80  HOH HOH A . 
H 5 HOH 36  336 104 HOH HOH A . 
H 5 HOH 37  337 7   HOH HOH A . 
H 5 HOH 38  338 50  HOH HOH A . 
H 5 HOH 39  339 166 HOH HOH A . 
H 5 HOH 40  340 182 HOH HOH A . 
H 5 HOH 41  341 123 HOH HOH A . 
H 5 HOH 42  342 6   HOH HOH A . 
H 5 HOH 43  343 25  HOH HOH A . 
H 5 HOH 44  344 40  HOH HOH A . 
H 5 HOH 45  345 48  HOH HOH A . 
H 5 HOH 46  346 13  HOH HOH A . 
H 5 HOH 47  347 33  HOH HOH A . 
H 5 HOH 48  348 32  HOH HOH A . 
H 5 HOH 49  349 19  HOH HOH A . 
H 5 HOH 50  350 10  HOH HOH A . 
H 5 HOH 51  351 3   HOH HOH A . 
H 5 HOH 52  352 94  HOH HOH A . 
H 5 HOH 53  353 38  HOH HOH A . 
H 5 HOH 54  354 70  HOH HOH A . 
H 5 HOH 55  355 21  HOH HOH A . 
H 5 HOH 56  356 112 HOH HOH A . 
H 5 HOH 57  357 63  HOH HOH A . 
H 5 HOH 58  358 41  HOH HOH A . 
H 5 HOH 59  359 124 HOH HOH A . 
H 5 HOH 60  360 75  HOH HOH A . 
H 5 HOH 61  361 61  HOH HOH A . 
H 5 HOH 62  362 2   HOH HOH A . 
H 5 HOH 63  363 1   HOH HOH A . 
H 5 HOH 64  364 102 HOH HOH A . 
H 5 HOH 65  365 9   HOH HOH A . 
H 5 HOH 66  366 110 HOH HOH A . 
H 5 HOH 67  367 98  HOH HOH A . 
H 5 HOH 68  368 28  HOH HOH A . 
H 5 HOH 69  369 89  HOH HOH A . 
H 5 HOH 70  370 5   HOH HOH A . 
H 5 HOH 71  371 12  HOH HOH A . 
H 5 HOH 72  372 54  HOH HOH A . 
H 5 HOH 73  373 135 HOH HOH A . 
H 5 HOH 74  374 22  HOH HOH A . 
H 5 HOH 75  375 4   HOH HOH A . 
H 5 HOH 76  376 42  HOH HOH A . 
H 5 HOH 77  377 56  HOH HOH A . 
H 5 HOH 78  378 122 HOH HOH A . 
H 5 HOH 79  379 170 HOH HOH A . 
H 5 HOH 80  380 100 HOH HOH A . 
H 5 HOH 81  381 16  HOH HOH A . 
H 5 HOH 82  382 111 HOH HOH A . 
H 5 HOH 83  383 77  HOH HOH A . 
H 5 HOH 84  384 20  HOH HOH A . 
H 5 HOH 85  385 27  HOH HOH A . 
H 5 HOH 86  386 36  HOH HOH A . 
H 5 HOH 87  387 49  HOH HOH A . 
H 5 HOH 88  388 58  HOH HOH A . 
H 5 HOH 89  389 15  HOH HOH A . 
H 5 HOH 90  390 65  HOH HOH A . 
H 5 HOH 91  391 73  HOH HOH A . 
H 5 HOH 92  392 45  HOH HOH A . 
H 5 HOH 93  393 86  HOH HOH A . 
H 5 HOH 94  394 87  HOH HOH A . 
H 5 HOH 95  395 101 HOH HOH A . 
H 5 HOH 96  396 31  HOH HOH A . 
H 5 HOH 97  397 99  HOH HOH A . 
H 5 HOH 98  398 51  HOH HOH A . 
H 5 HOH 99  399 172 HOH HOH A . 
H 5 HOH 100 400 53  HOH HOH A . 
H 5 HOH 101 401 161 HOH HOH A . 
H 5 HOH 102 402 173 HOH HOH A . 
H 5 HOH 103 403 155 HOH HOH A . 
H 5 HOH 104 404 92  HOH HOH A . 
H 5 HOH 105 405 118 HOH HOH A . 
H 5 HOH 106 406 18  HOH HOH A . 
H 5 HOH 107 407 144 HOH HOH A . 
H 5 HOH 108 408 67  HOH HOH A . 
H 5 HOH 109 409 137 HOH HOH A . 
H 5 HOH 110 410 82  HOH HOH A . 
H 5 HOH 111 411 154 HOH HOH A . 
H 5 HOH 112 412 174 HOH HOH A . 
H 5 HOH 113 413 44  HOH HOH A . 
H 5 HOH 114 414 64  HOH HOH A . 
H 5 HOH 115 415 113 HOH HOH A . 
H 5 HOH 116 416 148 HOH HOH A . 
H 5 HOH 117 417 68  HOH HOH A . 
H 5 HOH 118 418 85  HOH HOH A . 
H 5 HOH 119 419 151 HOH HOH A . 
H 5 HOH 120 420 47  HOH HOH A . 
H 5 HOH 121 421 109 HOH HOH A . 
H 5 HOH 122 422 30  HOH HOH A . 
H 5 HOH 123 423 171 HOH HOH A . 
H 5 HOH 124 424 152 HOH HOH A . 
H 5 HOH 125 425 128 HOH HOH A . 
H 5 HOH 126 426 194 HOH HOH A . 
H 5 HOH 127 427 138 HOH HOH A . 
H 5 HOH 128 428 178 HOH HOH A . 
H 5 HOH 129 429 147 HOH HOH A . 
H 5 HOH 130 430 57  HOH HOH A . 
H 5 HOH 131 431 162 HOH HOH A . 
H 5 HOH 132 432 187 HOH HOH A . 
H 5 HOH 133 433 145 HOH HOH A . 
H 5 HOH 134 434 142 HOH HOH A . 
H 5 HOH 135 435 97  HOH HOH A . 
H 5 HOH 136 436 66  HOH HOH A . 
H 5 HOH 137 437 46  HOH HOH A . 
H 5 HOH 138 438 177 HOH HOH A . 
H 5 HOH 139 439 126 HOH HOH A . 
H 5 HOH 140 440 165 HOH HOH A . 
H 5 HOH 141 441 62  HOH HOH A . 
H 5 HOH 142 442 139 HOH HOH A . 
H 5 HOH 143 443 133 HOH HOH A . 
H 5 HOH 144 444 158 HOH HOH A . 
H 5 HOH 145 445 185 HOH HOH A . 
H 5 HOH 146 446 198 HOH HOH A . 
H 5 HOH 147 447 186 HOH HOH A . 
H 5 HOH 148 448 195 HOH HOH A . 
H 5 HOH 149 449 114 HOH HOH A . 
H 5 HOH 150 450 129 HOH HOH A . 
H 5 HOH 151 451 192 HOH HOH A . 
H 5 HOH 152 452 169 HOH HOH A . 
H 5 HOH 153 453 96  HOH HOH A . 
H 5 HOH 154 454 140 HOH HOH A . 
H 5 HOH 155 455 79  HOH HOH A . 
H 5 HOH 156 456 157 HOH HOH A . 
H 5 HOH 157 457 156 HOH HOH A . 
H 5 HOH 158 458 143 HOH HOH A . 
H 5 HOH 159 459 149 HOH HOH A . 
H 5 HOH 160 460 160 HOH HOH A . 
H 5 HOH 161 461 159 HOH HOH A . 
H 5 HOH 162 462 134 HOH HOH A . 
H 5 HOH 163 463 120 HOH HOH A . 
H 5 HOH 164 464 35  HOH HOH A . 
H 5 HOH 165 465 106 HOH HOH A . 
H 5 HOH 166 466 52  HOH HOH A . 
H 5 HOH 167 467 150 HOH HOH A . 
H 5 HOH 168 468 201 HOH HOH A . 
H 5 HOH 169 469 183 HOH HOH A . 
H 5 HOH 170 470 84  HOH HOH A . 
H 5 HOH 171 471 125 HOH HOH A . 
H 5 HOH 172 472 132 HOH HOH A . 
H 5 HOH 173 473 130 HOH HOH A . 
H 5 HOH 174 474 34  HOH HOH A . 
H 5 HOH 175 475 168 HOH HOH A . 
H 5 HOH 176 476 116 HOH HOH A . 
H 5 HOH 177 477 107 HOH HOH A . 
H 5 HOH 178 478 190 HOH HOH A . 
H 5 HOH 179 479 76  HOH HOH A . 
H 5 HOH 180 480 105 HOH HOH A . 
H 5 HOH 181 481 81  HOH HOH A . 
H 5 HOH 182 482 91  HOH HOH A . 
H 5 HOH 183 483 176 HOH HOH A . 
H 5 HOH 184 484 199 HOH HOH A . 
H 5 HOH 185 485 115 HOH HOH A . 
H 5 HOH 186 486 200 HOH HOH A . 
H 5 HOH 187 487 146 HOH HOH A . 
H 5 HOH 188 488 72  HOH HOH A . 
H 5 HOH 189 489 193 HOH HOH A . 
H 5 HOH 190 490 74  HOH HOH A . 
H 5 HOH 191 491 181 HOH HOH A . 
H 5 HOH 192 492 119 HOH HOH A . 
H 5 HOH 193 493 180 HOH HOH A . 
H 5 HOH 194 494 136 HOH HOH A . 
# 
loop_
_software.citation_id 
_software.classification 
_software.compiler_name 
_software.compiler_version 
_software.contact_author 
_software.contact_author_email 
_software.date 
_software.description 
_software.dependencies 
_software.hardware 
_software.language 
_software.location 
_software.mods 
_software.name 
_software.os 
_software.os_version 
_software.type 
_software.version 
_software.pdbx_ordinal 
? 'data scaling'    ? ? ? ? ? ? ? ? ? ? ? SCALA       ? ? ? 3.3.21 1 
? phasing           ? ? ? ? ? ? ? ? ? ? ? PHASER      ? ? ? 2.5.2  2 
? refinement        ? ? ? ? ? ? ? ? ? ? ? PHENIX      ? ? ? .      3 
? 'data extraction' ? ? ? ? ? ? ? ? ? ? ? PDB_EXTRACT ? ? ? 3.20   4 
? 'data reduction'  ? ? ? ? ? ? ? ? ? ? ? XDS         ? ? ? .      5 
# 
_cell.angle_alpha                  90.000 
_cell.angle_alpha_esd              ? 
_cell.angle_beta                   90.000 
_cell.angle_beta_esd               ? 
_cell.angle_gamma                  90.000 
_cell.angle_gamma_esd              ? 
_cell.entry_id                     5LFT 
_cell.details                      ? 
_cell.formula_units_Z              ? 
_cell.length_a                     34.746 
_cell.length_a_esd                 ? 
_cell.length_b                     38.045 
_cell.length_b_esd                 ? 
_cell.length_c                     89.650 
_cell.length_c_esd                 ? 
_cell.volume                       ? 
_cell.volume_esd                   ? 
_cell.Z_PDB                        4 
_cell.reciprocal_angle_alpha       ? 
_cell.reciprocal_angle_beta        ? 
_cell.reciprocal_angle_gamma       ? 
_cell.reciprocal_angle_alpha_esd   ? 
_cell.reciprocal_angle_beta_esd    ? 
_cell.reciprocal_angle_gamma_esd   ? 
_cell.reciprocal_length_a          ? 
_cell.reciprocal_length_b          ? 
_cell.reciprocal_length_c          ? 
_cell.reciprocal_length_a_esd      ? 
_cell.reciprocal_length_b_esd      ? 
_cell.reciprocal_length_c_esd      ? 
_cell.pdbx_unique_axis             ? 
# 
_symmetry.entry_id                         5LFT 
_symmetry.cell_setting                     ? 
_symmetry.Int_Tables_number                18 
_symmetry.space_group_name_Hall            ? 
_symmetry.space_group_name_H-M             'P 2 21 21' 
_symmetry.pdbx_full_space_group_name_H-M   ? 
# 
_exptl.absorpt_coefficient_mu     ? 
_exptl.absorpt_correction_T_max   ? 
_exptl.absorpt_correction_T_min   ? 
_exptl.absorpt_correction_type    ? 
_exptl.absorpt_process_details    ? 
_exptl.entry_id                   5LFT 
_exptl.crystals_number            1 
_exptl.details                    ? 
_exptl.method                     'X-RAY DIFFRACTION' 
_exptl.method_details             ? 
# 
_exptl_crystal.colour                      ? 
_exptl_crystal.density_diffrn              ? 
_exptl_crystal.density_Matthews            2.46 
_exptl_crystal.density_method              ? 
_exptl_crystal.density_percent_sol         50.01 
_exptl_crystal.description                 ? 
_exptl_crystal.F_000                       ? 
_exptl_crystal.id                          1 
_exptl_crystal.preparation                 ? 
_exptl_crystal.size_max                    ? 
_exptl_crystal.size_mid                    ? 
_exptl_crystal.size_min                    ? 
_exptl_crystal.size_rad                    ? 
_exptl_crystal.colour_lustre               ? 
_exptl_crystal.colour_modifier             ? 
_exptl_crystal.colour_primary              ? 
_exptl_crystal.density_meas                ? 
_exptl_crystal.density_meas_esd            ? 
_exptl_crystal.density_meas_gt             ? 
_exptl_crystal.density_meas_lt             ? 
_exptl_crystal.density_meas_temp           ? 
_exptl_crystal.density_meas_temp_esd       ? 
_exptl_crystal.density_meas_temp_gt        ? 
_exptl_crystal.density_meas_temp_lt        ? 
_exptl_crystal.pdbx_crystal_image_url      ? 
_exptl_crystal.pdbx_crystal_image_format   ? 
_exptl_crystal.pdbx_mosaicity              ? 
_exptl_crystal.pdbx_mosaicity_esd          ? 
# 
_exptl_crystal_grow.apparatus       ? 
_exptl_crystal_grow.atmosphere      ? 
_exptl_crystal_grow.crystal_id      1 
_exptl_crystal_grow.details         ? 
_exptl_crystal_grow.method          'VAPOR DIFFUSION, HANGING DROP' 
_exptl_crystal_grow.method_ref      ? 
_exptl_crystal_grow.pH              ? 
_exptl_crystal_grow.pressure        ? 
_exptl_crystal_grow.pressure_esd    ? 
_exptl_crystal_grow.seeding         ? 
_exptl_crystal_grow.seeding_ref     ? 
_exptl_crystal_grow.temp            293.15 
_exptl_crystal_grow.temp_details    ? 
_exptl_crystal_grow.temp_esd        ? 
_exptl_crystal_grow.time            ? 
_exptl_crystal_grow.pdbx_details    '30% PEG 8000, 50 mM NaCl, 100 mM MgCl2, 50 mM NaOAc pH 5.6' 
_exptl_crystal_grow.pdbx_pH_range   ? 
# 
_diffrn.ambient_environment    ? 
_diffrn.ambient_temp           100 
_diffrn.ambient_temp_details   ? 
_diffrn.ambient_temp_esd       ? 
_diffrn.crystal_id             1 
_diffrn.crystal_support        ? 
_diffrn.crystal_treatment      ? 
_diffrn.details                ? 
_diffrn.id                     1 
_diffrn.ambient_pressure       ? 
_diffrn.ambient_pressure_esd   ? 
_diffrn.ambient_pressure_gt    ? 
_diffrn.ambient_pressure_lt    ? 
_diffrn.ambient_temp_gt        ? 
_diffrn.ambient_temp_lt        ? 
# 
_diffrn_detector.details                      ? 
_diffrn_detector.detector                     CCD 
_diffrn_detector.diffrn_id                    1 
_diffrn_detector.type                         'ADSC QUANTUM 315r' 
_diffrn_detector.area_resol_mean              ? 
_diffrn_detector.dtime                        ? 
_diffrn_detector.pdbx_frames_total            ? 
_diffrn_detector.pdbx_collection_time_total   ? 
_diffrn_detector.pdbx_collection_date         2015-04-11 
# 
_diffrn_radiation.collimation                      ? 
_diffrn_radiation.diffrn_id                        1 
_diffrn_radiation.filter_edge                      ? 
_diffrn_radiation.inhomogeneity                    ? 
_diffrn_radiation.monochromator                    ? 
_diffrn_radiation.polarisn_norm                    ? 
_diffrn_radiation.polarisn_ratio                   ? 
_diffrn_radiation.probe                            ? 
_diffrn_radiation.type                             ? 
_diffrn_radiation.xray_symbol                      ? 
_diffrn_radiation.wavelength_id                    1 
_diffrn_radiation.pdbx_monochromatic_or_laue_m_l   M 
_diffrn_radiation.pdbx_wavelength_list             ? 
_diffrn_radiation.pdbx_wavelength                  ? 
_diffrn_radiation.pdbx_diffrn_protocol             'SINGLE WAVELENGTH' 
_diffrn_radiation.pdbx_analyzer                    ? 
_diffrn_radiation.pdbx_scattering_type             x-ray 
# 
_diffrn_radiation_wavelength.id           1 
_diffrn_radiation_wavelength.wavelength   0.9786 
_diffrn_radiation_wavelength.wt           1.0 
# 
_diffrn_source.current                     ? 
_diffrn_source.details                     ? 
_diffrn_source.diffrn_id                   1 
_diffrn_source.power                       ? 
_diffrn_source.size                        ? 
_diffrn_source.source                      SYNCHROTRON 
_diffrn_source.target                      ? 
_diffrn_source.type                        'SOLEIL BEAMLINE PROXIMA 2' 
_diffrn_source.voltage                     ? 
_diffrn_source.take-off_angle              ? 
_diffrn_source.pdbx_wavelength_list        0.9786 
_diffrn_source.pdbx_wavelength             ? 
_diffrn_source.pdbx_synchrotron_beamline   'PROXIMA 2' 
_diffrn_source.pdbx_synchrotron_site       SOLEIL 
# 
_reflns.B_iso_Wilson_estimate            14.460 
_reflns.entry_id                         5LFT 
_reflns.data_reduction_details           ? 
_reflns.data_reduction_method            ? 
_reflns.d_resolution_high                1.249 
_reflns.d_resolution_low                 44.825 
_reflns.details                          ? 
_reflns.limit_h_max                      ? 
_reflns.limit_h_min                      ? 
_reflns.limit_k_max                      ? 
_reflns.limit_k_min                      ? 
_reflns.limit_l_max                      ? 
_reflns.limit_l_min                      ? 
_reflns.number_all                       ? 
_reflns.number_obs                       33624 
_reflns.observed_criterion               ? 
_reflns.observed_criterion_F_max         ? 
_reflns.observed_criterion_F_min         ? 
_reflns.observed_criterion_I_max         ? 
_reflns.observed_criterion_I_min         ? 
_reflns.observed_criterion_sigma_F       ? 
_reflns.observed_criterion_sigma_I       ? 
_reflns.percent_possible_obs             99.400 
_reflns.R_free_details                   ? 
_reflns.Rmerge_F_all                     ? 
_reflns.Rmerge_F_obs                     ? 
_reflns.Friedel_coverage                 ? 
_reflns.number_gt                        ? 
_reflns.threshold_expression             ? 
_reflns.pdbx_redundancy                  7.700 
_reflns.pdbx_Rmerge_I_obs                ? 
_reflns.pdbx_Rmerge_I_all                ? 
_reflns.pdbx_Rsym_value                  0.064 
_reflns.pdbx_netI_over_av_sigmaI         5.862 
_reflns.pdbx_netI_over_sigmaI            13.400 
_reflns.pdbx_res_netI_over_av_sigmaI_2   ? 
_reflns.pdbx_res_netI_over_sigmaI_2      ? 
_reflns.pdbx_chi_squared                 ? 
_reflns.pdbx_scaling_rejects             ? 
_reflns.pdbx_d_res_high_opt              ? 
_reflns.pdbx_d_res_low_opt               ? 
_reflns.pdbx_d_res_opt_method            ? 
_reflns.phase_calculation_details        ? 
_reflns.pdbx_Rrim_I_all                  ? 
_reflns.pdbx_Rpim_I_all                  ? 
_reflns.pdbx_d_opt                       ? 
_reflns.pdbx_number_measured_all         ? 
_reflns.pdbx_diffrn_id                   1 
_reflns.pdbx_ordinal                     1 
_reflns.pdbx_CC_half                     ? 
_reflns.pdbx_R_split                     ? 
# 
loop_
_reflns_shell.d_res_high 
_reflns_shell.d_res_low 
_reflns_shell.meanI_over_sigI_all 
_reflns_shell.meanI_over_sigI_obs 
_reflns_shell.number_measured_all 
_reflns_shell.number_measured_obs 
_reflns_shell.number_possible 
_reflns_shell.number_unique_all 
_reflns_shell.number_unique_obs 
_reflns_shell.percent_possible_all 
_reflns_shell.percent_possible_obs 
_reflns_shell.Rmerge_F_all 
_reflns_shell.Rmerge_F_obs 
_reflns_shell.Rmerge_I_all 
_reflns_shell.Rmerge_I_obs 
_reflns_shell.meanI_over_sigI_gt 
_reflns_shell.meanI_over_uI_all 
_reflns_shell.meanI_over_uI_gt 
_reflns_shell.number_measured_gt 
_reflns_shell.number_unique_gt 
_reflns_shell.percent_possible_gt 
_reflns_shell.Rmerge_F_gt 
_reflns_shell.Rmerge_I_gt 
_reflns_shell.pdbx_redundancy 
_reflns_shell.pdbx_Rsym_value 
_reflns_shell.pdbx_chi_squared 
_reflns_shell.pdbx_netI_over_sigmaI_all 
_reflns_shell.pdbx_netI_over_sigmaI_obs 
_reflns_shell.pdbx_Rrim_I_all 
_reflns_shell.pdbx_Rpim_I_all 
_reflns_shell.pdbx_rejects 
_reflns_shell.pdbx_ordinal 
_reflns_shell.pdbx_diffrn_id 
_reflns_shell.pdbx_CC_half 
_reflns_shell.pdbx_R_split 
1.250 1.320  ? 0.900  ? ? ? ? ? 99.100  ? ? ? ? 0.773 ? ? ? ? ? ? ? ? 7.600 ? ? ? ? ? ? ? 1  1 ? ? 
1.320 1.400  ? 1.600  ? ? ? ? ? 100.000 ? ? ? ? 0.464 ? ? ? ? ? ? ? ? 7.800 ? ? ? ? ? ? ? 2  1 ? ? 
1.400 1.490  ? 2.700  ? ? ? ? ? 100.000 ? ? ? ? 0.268 ? ? ? ? ? ? ? ? 7.800 ? ? ? ? ? ? ? 3  1 ? ? 
1.490 1.610  ? 4.700  ? ? ? ? ? 100.000 ? ? ? ? 0.156 ? ? ? ? ? ? ? ? 7.900 ? ? ? ? ? ? ? 4  1 ? ? 
1.610 1.770  ? 7.000  ? ? ? ? ? 100.000 ? ? ? ? 0.103 ? ? ? ? ? ? ? ? 7.900 ? ? ? ? ? ? ? 5  1 ? ? 
1.770 1.970  ? 7.900  ? ? ? ? ? 100.000 ? ? ? ? 0.082 ? ? ? ? ? ? ? ? 7.900 ? ? ? ? ? ? ? 6  1 ? ? 
1.970 2.280  ? 9.500  ? ? ? ? ? 100.000 ? ? ? ? 0.066 ? ? ? ? ? ? ? ? 7.900 ? ? ? ? ? ? ? 7  1 ? ? 
2.280 2.790  ? 11.400 ? ? ? ? ? 100.000 ? ? ? ? 0.055 ? ? ? ? ? ? ? ? 7.700 ? ? ? ? ? ? ? 8  1 ? ? 
2.790 3.950  ? 13.700 ? ? ? ? ? 99.200  ? ? ? ? 0.045 ? ? ? ? ? ? ? ? 7.700 ? ? ? ? ? ? ? 9  1 ? ? 
3.950 44.825 ? 12.300 ? ? ? ? ? 87.900  ? ? ? ? 0.044 ? ? ? ? ? ? ? ? 6.300 ? ? ? ? ? ? ? 10 1 ? ? 
# 
_refine.aniso_B[1][1]                            ? 
_refine.aniso_B[1][2]                            ? 
_refine.aniso_B[1][3]                            ? 
_refine.aniso_B[2][2]                            ? 
_refine.aniso_B[2][3]                            ? 
_refine.aniso_B[3][3]                            ? 
_refine.B_iso_max                                47.690 
_refine.B_iso_mean                               20.9639 
_refine.B_iso_min                                10.480 
_refine.correlation_coeff_Fo_to_Fc               ? 
_refine.correlation_coeff_Fo_to_Fc_free          ? 
_refine.details                                  ? 
_refine.diff_density_max                         ? 
_refine.diff_density_max_esd                     ? 
_refine.diff_density_min                         ? 
_refine.diff_density_min_esd                     ? 
_refine.diff_density_rms                         ? 
_refine.diff_density_rms_esd                     ? 
_refine.entry_id                                 5LFT 
_refine.pdbx_refine_id                           'X-RAY DIFFRACTION' 
_refine.ls_abs_structure_details                 ? 
_refine.ls_abs_structure_Flack                   ? 
_refine.ls_abs_structure_Flack_esd               ? 
_refine.ls_abs_structure_Rogers                  ? 
_refine.ls_abs_structure_Rogers_esd              ? 
_refine.ls_d_res_high                            1.2490 
_refine.ls_d_res_low                             35.0220 
_refine.ls_extinction_coef                       ? 
_refine.ls_extinction_coef_esd                   ? 
_refine.ls_extinction_expression                 ? 
_refine.ls_extinction_method                     ? 
_refine.ls_goodness_of_fit_all                   ? 
_refine.ls_goodness_of_fit_all_esd               ? 
_refine.ls_goodness_of_fit_obs                   ? 
_refine.ls_goodness_of_fit_obs_esd               ? 
_refine.ls_hydrogen_treatment                    ? 
_refine.ls_matrix_type                           ? 
_refine.ls_number_constraints                    ? 
_refine.ls_number_parameters                     ? 
_refine.ls_number_reflns_all                     ? 
_refine.ls_number_reflns_obs                     33553 
_refine.ls_number_reflns_R_free                  1707 
_refine.ls_number_reflns_R_work                  ? 
_refine.ls_number_restraints                     ? 
_refine.ls_percent_reflns_obs                    99.2500 
_refine.ls_percent_reflns_R_free                 5.0900 
_refine.ls_R_factor_all                          ? 
_refine.ls_R_factor_obs                          0.2148 
_refine.ls_R_factor_R_free                       0.2392 
_refine.ls_R_factor_R_free_error                 ? 
_refine.ls_R_factor_R_free_error_details         ? 
_refine.ls_R_factor_R_work                       0.2134 
_refine.ls_R_Fsqd_factor_obs                     ? 
_refine.ls_R_I_factor_obs                        ? 
_refine.ls_redundancy_reflns_all                 ? 
_refine.ls_redundancy_reflns_obs                 ? 
_refine.ls_restrained_S_all                      ? 
_refine.ls_restrained_S_obs                      ? 
_refine.ls_shift_over_esd_max                    ? 
_refine.ls_shift_over_esd_mean                   ? 
_refine.ls_structure_factor_coef                 ? 
_refine.ls_weighting_details                     ? 
_refine.ls_weighting_scheme                      ? 
_refine.ls_wR_factor_all                         ? 
_refine.ls_wR_factor_obs                         ? 
_refine.ls_wR_factor_R_free                      ? 
_refine.ls_wR_factor_R_work                      ? 
_refine.occupancy_max                            ? 
_refine.occupancy_min                            ? 
_refine.solvent_model_details                    ? 
_refine.solvent_model_param_bsol                 ? 
_refine.solvent_model_param_ksol                 ? 
_refine.ls_R_factor_gt                           ? 
_refine.ls_goodness_of_fit_gt                    ? 
_refine.ls_goodness_of_fit_ref                   ? 
_refine.ls_shift_over_su_max                     ? 
_refine.ls_shift_over_su_max_lt                  ? 
_refine.ls_shift_over_su_mean                    ? 
_refine.ls_shift_over_su_mean_lt                 ? 
_refine.pdbx_ls_sigma_I                          ? 
_refine.pdbx_ls_sigma_F                          1.330 
_refine.pdbx_ls_sigma_Fsqd                       ? 
_refine.pdbx_data_cutoff_high_absF               ? 
_refine.pdbx_data_cutoff_high_rms_absF           ? 
_refine.pdbx_data_cutoff_low_absF                ? 
_refine.pdbx_isotropic_thermal_model             ? 
_refine.pdbx_ls_cross_valid_method               'FREE R-VALUE' 
_refine.pdbx_method_to_determine_struct          'MOLECULAR REPLACEMENT' 
_refine.pdbx_starting_model                      3tyi 
_refine.pdbx_stereochemistry_target_values       ? 
_refine.pdbx_R_Free_selection_details            ? 
_refine.pdbx_stereochem_target_val_spec_case     ? 
_refine.pdbx_overall_ESU_R                       ? 
_refine.pdbx_overall_ESU_R_Free                  ? 
_refine.pdbx_solvent_vdw_probe_radii             1.1100 
_refine.pdbx_solvent_ion_probe_radii             ? 
_refine.pdbx_solvent_shrinkage_radii             0.9000 
_refine.pdbx_real_space_R                        ? 
_refine.pdbx_density_correlation                 ? 
_refine.pdbx_pd_number_of_powder_patterns        ? 
_refine.pdbx_pd_number_of_points                 ? 
_refine.pdbx_pd_meas_number_of_points            ? 
_refine.pdbx_pd_proc_ls_prof_R_factor            ? 
_refine.pdbx_pd_proc_ls_prof_wR_factor           ? 
_refine.pdbx_pd_Marquardt_correlation_coeff      ? 
_refine.pdbx_pd_Fsqrd_R_factor                   ? 
_refine.pdbx_pd_ls_matrix_band_width             ? 
_refine.pdbx_overall_phase_error                 26.1200 
_refine.pdbx_overall_SU_R_free_Cruickshank_DPI   ? 
_refine.pdbx_overall_SU_R_free_Blow_DPI          ? 
_refine.pdbx_overall_SU_R_Blow_DPI               ? 
_refine.pdbx_TLS_residual_ADP_flag               ? 
_refine.pdbx_diffrn_id                           1 
_refine.overall_SU_B                             ? 
_refine.overall_SU_ML                            0.1400 
_refine.overall_SU_R_Cruickshank_DPI             ? 
_refine.overall_SU_R_free                        ? 
_refine.overall_FOM_free_R_set                   ? 
_refine.overall_FOM_work_R_set                   ? 
_refine.pdbx_average_fsc_overall                 ? 
_refine.pdbx_average_fsc_work                    ? 
_refine.pdbx_average_fsc_free                    ? 
# 
_refine_hist.cycle_id                         final 
_refine_hist.pdbx_refine_id                   'X-RAY DIFFRACTION' 
_refine_hist.d_res_high                       1.2490 
_refine_hist.d_res_low                        35.0220 
_refine_hist.pdbx_number_atoms_ligand         180 
_refine_hist.number_atoms_solvent             194 
_refine_hist.number_atoms_total               1220 
_refine_hist.pdbx_number_residues_total       108 
_refine_hist.pdbx_B_iso_mean_ligand           19.56 
_refine_hist.pdbx_B_iso_mean_solvent          30.58 
_refine_hist.pdbx_number_atoms_protein        846 
_refine_hist.pdbx_number_atoms_nucleic_acid   0 
# 
loop_
_refine_ls_restr.pdbx_refine_id 
_refine_ls_restr.criterion 
_refine_ls_restr.dev_ideal 
_refine_ls_restr.dev_ideal_target 
_refine_ls_restr.number 
_refine_ls_restr.rejects 
_refine_ls_restr.type 
_refine_ls_restr.weight 
_refine_ls_restr.pdbx_restraint_function 
'X-RAY DIFFRACTION' ? 0.010  ? 1091 ? f_bond_d           ? ? 
'X-RAY DIFFRACTION' ? 1.109  ? 1514 ? f_angle_d          ? ? 
'X-RAY DIFFRACTION' ? 0.043  ? 134  ? f_chiral_restr     ? ? 
'X-RAY DIFFRACTION' ? 0.006  ? 172  ? f_plane_restr      ? ? 
'X-RAY DIFFRACTION' ? 25.027 ? 388  ? f_dihedral_angle_d ? ? 
# 
loop_
_refine_ls_shell.pdbx_refine_id 
_refine_ls_shell.d_res_high 
_refine_ls_shell.d_res_low 
_refine_ls_shell.number_reflns_all 
_refine_ls_shell.number_reflns_obs 
_refine_ls_shell.number_reflns_R_free 
_refine_ls_shell.number_reflns_R_work 
_refine_ls_shell.percent_reflns_obs 
_refine_ls_shell.percent_reflns_R_free 
_refine_ls_shell.R_factor_all 
_refine_ls_shell.R_factor_obs 
_refine_ls_shell.R_factor_R_free 
_refine_ls_shell.R_factor_R_free_error 
_refine_ls_shell.R_factor_R_work 
_refine_ls_shell.redundancy_reflns_all 
_refine_ls_shell.redundancy_reflns_obs 
_refine_ls_shell.wR_factor_all 
_refine_ls_shell.wR_factor_obs 
_refine_ls_shell.wR_factor_R_free 
_refine_ls_shell.wR_factor_R_work 
_refine_ls_shell.pdbx_total_number_of_bins_used 
_refine_ls_shell.pdbx_phase_error 
_refine_ls_shell.pdbx_fsc_work 
_refine_ls_shell.pdbx_fsc_free 
'X-RAY DIFFRACTION' 1.2489 1.2856  2732 . 137 2595 98.0000  . . . 0.3196 . 0.3417 . . . . . . 12 . . . 
'X-RAY DIFFRACTION' 1.2856 1.3271  2739 . 124 2615 100.0000 . . . 0.3156 . 0.3122 . . . . . . 12 . . . 
'X-RAY DIFFRACTION' 1.3271 1.3746  2771 . 141 2630 100.0000 . . . 0.2830 . 0.2812 . . . . . . 12 . . . 
'X-RAY DIFFRACTION' 1.3746 1.4296  2767 . 138 2629 100.0000 . . . 0.2920 . 0.2743 . . . . . . 12 . . . 
'X-RAY DIFFRACTION' 1.4296 1.4947  2796 . 139 2657 100.0000 . . . 0.2966 . 0.2532 . . . . . . 12 . . . 
'X-RAY DIFFRACTION' 1.4947 1.5735  2792 . 147 2645 100.0000 . . . 0.2359 . 0.2408 . . . . . . 12 . . . 
'X-RAY DIFFRACTION' 1.5735 1.6720  2785 . 136 2649 100.0000 . . . 0.2503 . 0.2343 . . . . . . 12 . . . 
'X-RAY DIFFRACTION' 1.6720 1.8011  2808 . 148 2660 100.0000 . . . 0.2215 . 0.2194 . . . . . . 12 . . . 
'X-RAY DIFFRACTION' 1.8011 1.9824  2830 . 120 2710 100.0000 . . . 0.2378 . 0.2182 . . . . . . 12 . . . 
'X-RAY DIFFRACTION' 1.9824 2.2692  2832 . 159 2673 100.0000 . . . 0.2472 . 0.2062 . . . . . . 12 . . . 
'X-RAY DIFFRACTION' 2.2692 2.8587  2873 . 174 2699 100.0000 . . . 0.2330 . 0.2083 . . . . . . 12 . . . 
'X-RAY DIFFRACTION' 2.8587 35.0357 2828 . 144 2684 94.0000  . . . 0.2197 . 0.1796 . . . . . . 12 . . . 
# 
_struct.entry_id                     5LFT 
_struct.title                        'Crystal structure of cytochrome c - Bromo-trisulfonatocalix[4]arene complexes' 
_struct.pdbx_model_details           ? 
_struct.pdbx_formula_weight          ? 
_struct.pdbx_formula_weight_method   ? 
_struct.pdbx_model_type_details      ? 
_struct.pdbx_CASP_flag               N 
# 
_struct_keywords.entry_id        5LFT 
_struct_keywords.text            'cytochrome c, modified calixarene, bromo group, Electron transport' 
_struct_keywords.pdbx_keywords   'ELECTRON TRANSPORT' 
# 
loop_
_struct_asym.id 
_struct_asym.pdbx_blank_PDB_chainid_flag 
_struct_asym.pdbx_modified 
_struct_asym.entity_id 
_struct_asym.details 
A N N 1 ? 
B N N 2 ? 
C N N 3 ? 
D N N 3 ? 
E N N 4 ? 
F N N 4 ? 
G N N 4 ? 
H N N 5 ? 
# 
_struct_ref.id                         1 
_struct_ref.db_name                    UNP 
_struct_ref.db_code                    CYC1_YEAST 
_struct_ref.pdbx_db_accession          P00044 
_struct_ref.pdbx_db_isoform            ? 
_struct_ref.entity_id                  1 
_struct_ref.pdbx_seq_one_letter_code   
;EFKAGSAKKGATLFKTRCLQCHTVEKGGPHKVGPNLHGIFGRHSGQAEGYSYTDANIKKNVLWDENNMSEYLTNPKKYIP
GTKMAFGGLKKEKDRNDLITYLKKACE
;
_struct_ref.pdbx_align_begin           3 
# 
_struct_ref_seq.align_id                      1 
_struct_ref_seq.ref_id                        1 
_struct_ref_seq.pdbx_PDB_id_code              5LFT 
_struct_ref_seq.pdbx_strand_id                A 
_struct_ref_seq.seq_align_beg                 2 
_struct_ref_seq.pdbx_seq_align_beg_ins_code   ? 
_struct_ref_seq.seq_align_end                 108 
_struct_ref_seq.pdbx_seq_align_end_ins_code   ? 
_struct_ref_seq.pdbx_db_accession             P00044 
_struct_ref_seq.db_align_beg                  3 
_struct_ref_seq.pdbx_db_align_beg_ins_code    ? 
_struct_ref_seq.db_align_end                  109 
_struct_ref_seq.pdbx_db_align_end_ins_code    ? 
_struct_ref_seq.pdbx_auth_seq_align_beg       -4 
_struct_ref_seq.pdbx_auth_seq_align_end       103 
# 
loop_
_struct_ref_seq_dif.align_id 
_struct_ref_seq_dif.pdbx_pdb_id_code 
_struct_ref_seq_dif.mon_id 
_struct_ref_seq_dif.pdbx_pdb_strand_id 
_struct_ref_seq_dif.seq_num 
_struct_ref_seq_dif.pdbx_pdb_ins_code 
_struct_ref_seq_dif.pdbx_seq_db_name 
_struct_ref_seq_dif.pdbx_seq_db_accession_code 
_struct_ref_seq_dif.db_mon_id 
_struct_ref_seq_dif.pdbx_seq_db_seq_num 
_struct_ref_seq_dif.details 
_struct_ref_seq_dif.pdbx_auth_seq_num 
_struct_ref_seq_dif.pdbx_ordinal 
1 5LFT ALA A 1   ? UNP P00044 ?   ?   'expression tag' -5  1 
1 5LFT THR A 107 ? UNP P00044 CYS 108 conflict         102 2 
# 
_pdbx_struct_assembly.id                   1 
_pdbx_struct_assembly.details              author_and_software_defined_assembly 
_pdbx_struct_assembly.method_details       PISA 
_pdbx_struct_assembly.oligomeric_details   monomeric 
_pdbx_struct_assembly.oligomeric_count     1 
# 
loop_
_pdbx_struct_assembly_prop.biol_id 
_pdbx_struct_assembly_prop.type 
_pdbx_struct_assembly_prop.value 
_pdbx_struct_assembly_prop.details 
1 'ABSA (A^2)' 1230 ? 
1 MORE         -25  ? 
1 'SSA (A^2)'  6990 ? 
# 
_pdbx_struct_assembly_gen.assembly_id       1 
_pdbx_struct_assembly_gen.oper_expression   1 
_pdbx_struct_assembly_gen.asym_id_list      A,B,C,D,E,F,G,H 
# 
_pdbx_struct_oper_list.id                   1 
_pdbx_struct_oper_list.type                 'identity operation' 
_pdbx_struct_oper_list.name                 1_555 
_pdbx_struct_oper_list.symmetry_operation   x,y,z 
_pdbx_struct_oper_list.matrix[1][1]         1.0000000000 
_pdbx_struct_oper_list.matrix[1][2]         0.0000000000 
_pdbx_struct_oper_list.matrix[1][3]         0.0000000000 
_pdbx_struct_oper_list.vector[1]            0.0000000000 
_pdbx_struct_oper_list.matrix[2][1]         0.0000000000 
_pdbx_struct_oper_list.matrix[2][2]         1.0000000000 
_pdbx_struct_oper_list.matrix[2][3]         0.0000000000 
_pdbx_struct_oper_list.vector[2]            0.0000000000 
_pdbx_struct_oper_list.matrix[3][1]         0.0000000000 
_pdbx_struct_oper_list.matrix[3][2]         0.0000000000 
_pdbx_struct_oper_list.matrix[3][3]         1.0000000000 
_pdbx_struct_oper_list.vector[3]            0.0000000000 
# 
loop_
_struct_conf.conf_type_id 
_struct_conf.id 
_struct_conf.pdbx_PDB_helix_id 
_struct_conf.beg_label_comp_id 
_struct_conf.beg_label_asym_id 
_struct_conf.beg_label_seq_id 
_struct_conf.pdbx_beg_PDB_ins_code 
_struct_conf.end_label_comp_id 
_struct_conf.end_label_asym_id 
_struct_conf.end_label_seq_id 
_struct_conf.pdbx_end_PDB_ins_code 
_struct_conf.beg_auth_comp_id 
_struct_conf.beg_auth_asym_id 
_struct_conf.beg_auth_seq_id 
_struct_conf.end_auth_comp_id 
_struct_conf.end_auth_asym_id 
_struct_conf.end_auth_seq_id 
_struct_conf.pdbx_PDB_helix_class 
_struct_conf.details 
_struct_conf.pdbx_PDB_helix_length 
HELX_P HELX_P1 AA1 SER A 7  ? CYS A 19  ? SER A 2  CYS A 14  1 ? 13 
HELX_P HELX_P2 AA2 THR A 54 ? ASN A 61  ? THR A 49 ASN A 56  1 ? 8  
HELX_P HELX_P3 AA3 ASP A 65 ? ASN A 75  ? ASP A 60 ASN A 70  1 ? 11 
HELX_P HELX_P4 AA4 ASN A 75 ? ILE A 80  ? ASN A 70 ILE A 75  1 ? 6  
HELX_P HELX_P5 AA5 LYS A 92 ? GLU A 108 ? LYS A 87 GLU A 103 1 ? 17 
# 
_struct_conf_type.id          HELX_P 
_struct_conf_type.criteria    ? 
_struct_conf_type.reference   ? 
# 
loop_
_struct_conn.id 
_struct_conn.conn_type_id 
_struct_conn.pdbx_leaving_atom_flag 
_struct_conn.pdbx_PDB_id 
_struct_conn.ptnr1_label_asym_id 
_struct_conn.ptnr1_label_comp_id 
_struct_conn.ptnr1_label_seq_id 
_struct_conn.ptnr1_label_atom_id 
_struct_conn.pdbx_ptnr1_label_alt_id 
_struct_conn.pdbx_ptnr1_PDB_ins_code 
_struct_conn.pdbx_ptnr1_standard_comp_id 
_struct_conn.ptnr1_symmetry 
_struct_conn.ptnr2_label_asym_id 
_struct_conn.ptnr2_label_comp_id 
_struct_conn.ptnr2_label_seq_id 
_struct_conn.ptnr2_label_atom_id 
_struct_conn.pdbx_ptnr2_label_alt_id 
_struct_conn.pdbx_ptnr2_PDB_ins_code 
_struct_conn.ptnr1_auth_asym_id 
_struct_conn.ptnr1_auth_comp_id 
_struct_conn.ptnr1_auth_seq_id 
_struct_conn.ptnr2_auth_asym_id 
_struct_conn.ptnr2_auth_comp_id 
_struct_conn.ptnr2_auth_seq_id 
_struct_conn.ptnr2_symmetry 
_struct_conn.pdbx_ptnr3_label_atom_id 
_struct_conn.pdbx_ptnr3_label_seq_id 
_struct_conn.pdbx_ptnr3_label_comp_id 
_struct_conn.pdbx_ptnr3_label_asym_id 
_struct_conn.pdbx_ptnr3_label_alt_id 
_struct_conn.pdbx_ptnr3_PDB_ins_code 
_struct_conn.details 
_struct_conn.pdbx_dist_value 
_struct_conn.pdbx_value_order 
_struct_conn.pdbx_role 
covale1 covale none ? A CYS 19 SG  ? ? ? 1_555 B HEC . CAB ? ? A CYS 14  A HEC 201 1_555 ? ? ? ? ? ? ? 1.768 ? ? 
covale2 covale none ? A CYS 22 SG  ? ? ? 1_555 B HEC . CAC ? ? A CYS 17  A HEC 201 1_555 ? ? ? ? ? ? ? 1.936 ? ? 
covale3 covale one  ? C BR  .  BR  ? ? ? 1_555 F 6VB . C1  ? ? A BR  202 A 6VB 205 1_555 ? ? ? ? ? ? ? 2.116 ? ? 
metalc1 metalc ?    ? A HIS 23 NE2 ? ? ? 1_555 B HEC . FE  ? ? A HIS 18  A HEC 201 1_555 ? ? ? ? ? ? ? 2.012 ? ? 
metalc2 metalc ?    ? A MET 85 SD  ? ? ? 1_555 B HEC . FE  ? ? A MET 80  A HEC 201 1_555 ? ? ? ? ? ? ? 2.303 ? ? 
# 
loop_
_struct_conn_type.id 
_struct_conn_type.criteria 
_struct_conn_type.reference 
covale ? ? 
metalc ? ? 
# 
loop_
_pdbx_struct_conn_angle.id 
_pdbx_struct_conn_angle.ptnr1_label_atom_id 
_pdbx_struct_conn_angle.ptnr1_label_alt_id 
_pdbx_struct_conn_angle.ptnr1_label_asym_id 
_pdbx_struct_conn_angle.ptnr1_label_comp_id 
_pdbx_struct_conn_angle.ptnr1_label_seq_id 
_pdbx_struct_conn_angle.ptnr1_auth_atom_id 
_pdbx_struct_conn_angle.ptnr1_auth_asym_id 
_pdbx_struct_conn_angle.ptnr1_auth_comp_id 
_pdbx_struct_conn_angle.ptnr1_auth_seq_id 
_pdbx_struct_conn_angle.ptnr1_PDB_ins_code 
_pdbx_struct_conn_angle.ptnr1_symmetry 
_pdbx_struct_conn_angle.ptnr2_label_atom_id 
_pdbx_struct_conn_angle.ptnr2_label_alt_id 
_pdbx_struct_conn_angle.ptnr2_label_asym_id 
_pdbx_struct_conn_angle.ptnr2_label_comp_id 
_pdbx_struct_conn_angle.ptnr2_label_seq_id 
_pdbx_struct_conn_angle.ptnr2_auth_atom_id 
_pdbx_struct_conn_angle.ptnr2_auth_asym_id 
_pdbx_struct_conn_angle.ptnr2_auth_comp_id 
_pdbx_struct_conn_angle.ptnr2_auth_seq_id 
_pdbx_struct_conn_angle.ptnr2_PDB_ins_code 
_pdbx_struct_conn_angle.ptnr2_symmetry 
_pdbx_struct_conn_angle.ptnr3_label_atom_id 
_pdbx_struct_conn_angle.ptnr3_label_alt_id 
_pdbx_struct_conn_angle.ptnr3_label_asym_id 
_pdbx_struct_conn_angle.ptnr3_label_comp_id 
_pdbx_struct_conn_angle.ptnr3_label_seq_id 
_pdbx_struct_conn_angle.ptnr3_auth_atom_id 
_pdbx_struct_conn_angle.ptnr3_auth_asym_id 
_pdbx_struct_conn_angle.ptnr3_auth_comp_id 
_pdbx_struct_conn_angle.ptnr3_auth_seq_id 
_pdbx_struct_conn_angle.ptnr3_PDB_ins_code 
_pdbx_struct_conn_angle.ptnr3_symmetry 
_pdbx_struct_conn_angle.value 
_pdbx_struct_conn_angle.value_esd 
1  NE2 ? A HIS 23 ? A HIS 18  ? 1_555 FE ? B HEC . ? A HEC 201 ? 1_555 NA ? B HEC .  ? A HEC 201 ? 1_555 88.7  ? 
2  NE2 ? A HIS 23 ? A HIS 18  ? 1_555 FE ? B HEC . ? A HEC 201 ? 1_555 NB ? B HEC .  ? A HEC 201 ? 1_555 90.1  ? 
3  NA  ? B HEC .  ? A HEC 201 ? 1_555 FE ? B HEC . ? A HEC 201 ? 1_555 NB ? B HEC .  ? A HEC 201 ? 1_555 89.3  ? 
4  NE2 ? A HIS 23 ? A HIS 18  ? 1_555 FE ? B HEC . ? A HEC 201 ? 1_555 NC ? B HEC .  ? A HEC 201 ? 1_555 92.8  ? 
5  NA  ? B HEC .  ? A HEC 201 ? 1_555 FE ? B HEC . ? A HEC 201 ? 1_555 NC ? B HEC .  ? A HEC 201 ? 1_555 178.4 ? 
6  NB  ? B HEC .  ? A HEC 201 ? 1_555 FE ? B HEC . ? A HEC 201 ? 1_555 NC ? B HEC .  ? A HEC 201 ? 1_555 90.0  ? 
7  NE2 ? A HIS 23 ? A HIS 18  ? 1_555 FE ? B HEC . ? A HEC 201 ? 1_555 ND ? B HEC .  ? A HEC 201 ? 1_555 90.5  ? 
8  NA  ? B HEC .  ? A HEC 201 ? 1_555 FE ? B HEC . ? A HEC 201 ? 1_555 ND ? B HEC .  ? A HEC 201 ? 1_555 90.6  ? 
9  NB  ? B HEC .  ? A HEC 201 ? 1_555 FE ? B HEC . ? A HEC 201 ? 1_555 ND ? B HEC .  ? A HEC 201 ? 1_555 179.4 ? 
10 NC  ? B HEC .  ? A HEC 201 ? 1_555 FE ? B HEC . ? A HEC 201 ? 1_555 ND ? B HEC .  ? A HEC 201 ? 1_555 90.1  ? 
11 NE2 ? A HIS 23 ? A HIS 18  ? 1_555 FE ? B HEC . ? A HEC 201 ? 1_555 SD ? A MET 85 ? A MET 80  ? 1_555 174.3 ? 
12 NA  ? B HEC .  ? A HEC 201 ? 1_555 FE ? B HEC . ? A HEC 201 ? 1_555 SD ? A MET 85 ? A MET 80  ? 1_555 86.1  ? 
13 NB  ? B HEC .  ? A HEC 201 ? 1_555 FE ? B HEC . ? A HEC 201 ? 1_555 SD ? A MET 85 ? A MET 80  ? 1_555 92.1  ? 
14 NC  ? B HEC .  ? A HEC 201 ? 1_555 FE ? B HEC . ? A HEC 201 ? 1_555 SD ? A MET 85 ? A MET 80  ? 1_555 92.5  ? 
15 ND  ? B HEC .  ? A HEC 201 ? 1_555 FE ? B HEC . ? A HEC 201 ? 1_555 SD ? A MET 85 ? A MET 80  ? 1_555 87.3  ? 
# 
loop_
_pdbx_modification_feature.ordinal 
_pdbx_modification_feature.label_comp_id 
_pdbx_modification_feature.label_asym_id 
_pdbx_modification_feature.label_seq_id 
_pdbx_modification_feature.label_alt_id 
_pdbx_modification_feature.modified_residue_label_comp_id 
_pdbx_modification_feature.modified_residue_label_asym_id 
_pdbx_modification_feature.modified_residue_label_seq_id 
_pdbx_modification_feature.modified_residue_label_alt_id 
_pdbx_modification_feature.auth_comp_id 
_pdbx_modification_feature.auth_asym_id 
_pdbx_modification_feature.auth_seq_id 
_pdbx_modification_feature.PDB_ins_code 
_pdbx_modification_feature.symmetry 
_pdbx_modification_feature.modified_residue_auth_comp_id 
_pdbx_modification_feature.modified_residue_auth_asym_id 
_pdbx_modification_feature.modified_residue_auth_seq_id 
_pdbx_modification_feature.modified_residue_PDB_ins_code 
_pdbx_modification_feature.modified_residue_symmetry 
_pdbx_modification_feature.comp_id_linking_atom 
_pdbx_modification_feature.modified_residue_id_linking_atom 
_pdbx_modification_feature.modified_residue_id 
_pdbx_modification_feature.ref_pcm_id 
_pdbx_modification_feature.ref_comp_id 
_pdbx_modification_feature.type 
_pdbx_modification_feature.category 
1 HEC B . ? CYS A 19 ? HEC A 201 ? 1_555 CYS A 14 ? 1_555 CAB SG CYS 2 HEC None Heme/heme-like 
2 HEC B . ? CYS A 22 ? HEC A 201 ? 1_555 CYS A 17 ? 1_555 CAC SG CYS 3 HEC None Heme/heme-like 
# 
loop_
_struct_site.id 
_struct_site.pdbx_evidence_code 
_struct_site.pdbx_auth_asym_id 
_struct_site.pdbx_auth_comp_id 
_struct_site.pdbx_auth_seq_id 
_struct_site.pdbx_auth_ins_code 
_struct_site.pdbx_num_residues 
_struct_site.details 
AC1 Software A HEC 201 ? 24 'binding site for residue HEC A 201'               
AC2 Software A BR  203 ? 2  'binding site for residue BR A 203'                
AC3 Software A 6VB 204 ? 24 'binding site for residue 6VB A 204'               
AC4 Software A 6VB 206 ? 15 'binding site for residue 6VB A 206'               
AC5 Software A BR  202 ? 15 'binding site for residues BR A 202 and 6VB A 205' 
# 
loop_
_struct_site_gen.id 
_struct_site_gen.site_id 
_struct_site_gen.pdbx_num_res 
_struct_site_gen.label_comp_id 
_struct_site_gen.label_asym_id 
_struct_site_gen.label_seq_id 
_struct_site_gen.pdbx_auth_ins_code 
_struct_site_gen.auth_comp_id 
_struct_site_gen.auth_asym_id 
_struct_site_gen.auth_seq_id 
_struct_site_gen.label_atom_id 
_struct_site_gen.label_alt_id 
_struct_site_gen.symmetry 
_struct_site_gen.details 
1  AC1 24 ARG A 18  ? ARG A 13  . ? 1_555 ? 
2  AC1 24 CYS A 19  ? CYS A 14  . ? 1_555 ? 
3  AC1 24 CYS A 22  ? CYS A 17  . ? 1_555 ? 
4  AC1 24 HIS A 23  ? HIS A 18  . ? 1_555 ? 
5  AC1 24 VAL A 33  ? VAL A 28  . ? 1_555 ? 
6  AC1 24 GLY A 34  ? GLY A 29  . ? 1_555 ? 
7  AC1 24 PRO A 35  ? PRO A 30  . ? 1_555 ? 
8  AC1 24 ILE A 40  ? ILE A 35  . ? 1_555 ? 
9  AC1 24 SER A 45  ? SER A 40  . ? 1_555 ? 
10 AC1 24 GLY A 46  ? GLY A 41  . ? 1_555 ? 
11 AC1 24 TYR A 51  ? TYR A 46  . ? 1_555 ? 
12 AC1 24 TYR A 53  ? TYR A 48  . ? 1_555 ? 
13 AC1 24 THR A 54  ? THR A 49  . ? 1_555 ? 
14 AC1 24 ASN A 57  ? ASN A 52  . ? 1_555 ? 
15 AC1 24 TRP A 64  ? TRP A 59  . ? 1_555 ? 
16 AC1 24 MET A 69  ? MET A 64  . ? 1_555 ? 
17 AC1 24 TYR A 72  ? TYR A 67  . ? 1_555 ? 
18 AC1 24 THR A 83  ? THR A 78  . ? 1_555 ? 
19 AC1 24 LYS A 84  ? LYS A 79  . ? 1_555 ? 
20 AC1 24 MET A 85  ? MET A 80  . ? 1_555 ? 
21 AC1 24 PHE A 87  ? PHE A 82  . ? 1_555 ? 
22 AC1 24 LEU A 99  ? LEU A 94  . ? 1_555 ? 
23 AC1 24 HOH H .   ? HOH A 326 . ? 1_555 ? 
24 AC1 24 HOH H .   ? HOH A 330 . ? 1_555 ? 
25 AC2 2  6VB F .   ? 6VB A 205 . ? 1_555 ? 
26 AC2 2  6VB G .   ? 6VB A 206 . ? 1_555 ? 
27 AC3 24 LYS A 16  ? LYS A 11  . ? 3_645 ? 
28 AC3 24 GLN A 21  ? GLN A 16  . ? 3_645 ? 
29 AC3 24 GLY A 28  ? GLY A 23  . ? 1_545 ? 
30 AC3 24 HIS A 31  ? HIS A 26  . ? 1_545 ? 
31 AC3 24 LYS A 32  ? LYS A 27  . ? 3_645 ? 
32 AC3 24 GLU A 49  ? GLU A 44  . ? 1_545 ? 
33 AC3 24 GLY A 50  ? GLY A 45  . ? 1_545 ? 
34 AC3 24 GLY A 89  ? GLY A 84  . ? 1_555 ? 
35 AC3 24 LEU A 90  ? LEU A 85  . ? 1_555 ? 
36 AC3 24 LYS A 91  ? LYS A 86  . ? 1_555 ? 
37 AC3 24 LYS A 92  ? LYS A 87  . ? 1_555 ? 
38 AC3 24 HOH H .   ? HOH A 305 . ? 1_555 ? 
39 AC3 24 HOH H .   ? HOH A 307 . ? 1_555 ? 
40 AC3 24 HOH H .   ? HOH A 308 . ? 1_545 ? 
41 AC3 24 HOH H .   ? HOH A 323 . ? 1_555 ? 
42 AC3 24 HOH H .   ? HOH A 343 . ? 1_555 ? 
43 AC3 24 HOH H .   ? HOH A 347 . ? 3_645 ? 
44 AC3 24 HOH H .   ? HOH A 362 . ? 1_555 ? 
45 AC3 24 HOH H .   ? HOH A 368 . ? 1_555 ? 
46 AC3 24 HOH H .   ? HOH A 375 . ? 1_545 ? 
47 AC3 24 HOH H .   ? HOH A 383 . ? 1_545 ? 
48 AC3 24 HOH H .   ? HOH A 405 . ? 1_555 ? 
49 AC3 24 HOH H .   ? HOH A 412 . ? 1_555 ? 
50 AC3 24 HOH H .   ? HOH A 420 . ? 1_555 ? 
51 AC4 15 ALA A 8   ? ALA A 3   . ? 3_545 ? 
52 AC4 15 LYS A 9   ? LYS A 4   . ? 3_545 ? 
53 AC4 15 GLU A 26  ? GLU A 21  . ? 1_545 ? 
54 AC4 15 LYS A 27  ? LYS A 22  . ? 1_545 ? 
55 AC4 15 LYS A 94  ? LYS A 89  . ? 1_555 ? 
56 AC4 15 LYS A 105 ? LYS A 100 . ? 3_545 ? 
57 AC4 15 BR  C .   ? BR  A 202 . ? 1_555 ? 
58 AC4 15 BR  D .   ? BR  A 203 . ? 1_555 ? 
59 AC4 15 6VB F .   ? 6VB A 205 . ? 1_555 ? 
60 AC4 15 HOH H .   ? HOH A 301 . ? 1_555 ? 
61 AC4 15 HOH H .   ? HOH A 341 . ? 1_555 ? 
62 AC4 15 HOH H .   ? HOH A 357 . ? 1_555 ? 
63 AC4 15 HOH H .   ? HOH A 360 . ? 1_545 ? 
64 AC4 15 HOH H .   ? HOH A 384 . ? 1_555 ? 
65 AC4 15 HOH H .   ? HOH A 419 . ? 1_555 ? 
66 AC5 15 SER A 7   ? SER A 2   . ? 1_555 ? 
67 AC5 15 ALA A 8   ? ALA A 3   . ? 3_545 ? 
68 AC5 15 LYS A 9   ? LYS A 4   . ? 3_545 ? 
69 AC5 15 LYS A 10  ? LYS A 5   . ? 1_555 ? 
70 AC5 15 ALA A 12  ? ALA A 7   . ? 3_545 ? 
71 AC5 15 LYS A 94  ? LYS A 89  . ? 1_555 ? 
72 AC5 15 TYR A 102 ? TYR A 97  . ? 3_545 ? 
73 AC5 15 LYS A 105 ? LYS A 100 . ? 3_545 ? 
74 AC5 15 BR  D .   ? BR  A 203 . ? 1_555 ? 
75 AC5 15 6VB G .   ? 6VB A 206 . ? 1_555 ? 
76 AC5 15 HOH H .   ? HOH A 304 . ? 1_555 ? 
77 AC5 15 HOH H .   ? HOH A 313 . ? 1_555 ? 
78 AC5 15 HOH H .   ? HOH A 317 . ? 1_555 ? 
79 AC5 15 HOH H .   ? HOH A 359 . ? 1_555 ? 
80 AC5 15 HOH H .   ? HOH A 380 . ? 1_555 ? 
# 
_pdbx_entry_details.entry_id                   5LFT 
_pdbx_entry_details.compound_details           ? 
_pdbx_entry_details.source_details             ? 
_pdbx_entry_details.nonpolymer_details         ? 
_pdbx_entry_details.sequence_details           ? 
_pdbx_entry_details.has_ligand_of_interest     ? 
_pdbx_entry_details.has_protein_modification   Y 
# 
loop_
_pdbx_validate_close_contact.id 
_pdbx_validate_close_contact.PDB_model_num 
_pdbx_validate_close_contact.auth_atom_id_1 
_pdbx_validate_close_contact.auth_asym_id_1 
_pdbx_validate_close_contact.auth_comp_id_1 
_pdbx_validate_close_contact.auth_seq_id_1 
_pdbx_validate_close_contact.PDB_ins_code_1 
_pdbx_validate_close_contact.label_alt_id_1 
_pdbx_validate_close_contact.auth_atom_id_2 
_pdbx_validate_close_contact.auth_asym_id_2 
_pdbx_validate_close_contact.auth_comp_id_2 
_pdbx_validate_close_contact.auth_seq_id_2 
_pdbx_validate_close_contact.PDB_ins_code_2 
_pdbx_validate_close_contact.label_alt_id_2 
_pdbx_validate_close_contact.dist 
1 1 O A HOH 421 ? ? O A HOH 447 ? ? 2.15 
2 1 O A HOH 305 ? ? O A HOH 412 ? ? 2.18 
# 
_pdbx_validate_symm_contact.id                1 
_pdbx_validate_symm_contact.PDB_model_num     1 
_pdbx_validate_symm_contact.auth_atom_id_1    O 
_pdbx_validate_symm_contact.auth_asym_id_1    A 
_pdbx_validate_symm_contact.auth_comp_id_1    HOH 
_pdbx_validate_symm_contact.auth_seq_id_1     429 
_pdbx_validate_symm_contact.PDB_ins_code_1    ? 
_pdbx_validate_symm_contact.label_alt_id_1    ? 
_pdbx_validate_symm_contact.site_symmetry_1   1_555 
_pdbx_validate_symm_contact.auth_atom_id_2    O 
_pdbx_validate_symm_contact.auth_asym_id_2    A 
_pdbx_validate_symm_contact.auth_comp_id_2    HOH 
_pdbx_validate_symm_contact.auth_seq_id_2     485 
_pdbx_validate_symm_contact.PDB_ins_code_2    ? 
_pdbx_validate_symm_contact.label_alt_id_2    ? 
_pdbx_validate_symm_contact.site_symmetry_2   2_555 
_pdbx_validate_symm_contact.dist              2.17 
# 
loop_
_pdbx_validate_torsion.id 
_pdbx_validate_torsion.PDB_model_num 
_pdbx_validate_torsion.auth_comp_id 
_pdbx_validate_torsion.auth_asym_id 
_pdbx_validate_torsion.auth_seq_id 
_pdbx_validate_torsion.PDB_ins_code 
_pdbx_validate_torsion.label_alt_id 
_pdbx_validate_torsion.phi 
_pdbx_validate_torsion.psi 
1 1 LYS A 27 ? ? -81.58  -125.30 
2 1 ASN A 70 ? ? -167.29 90.92   
# 
_pdbx_struct_special_symmetry.id              1 
_pdbx_struct_special_symmetry.PDB_model_num   1 
_pdbx_struct_special_symmetry.auth_asym_id    A 
_pdbx_struct_special_symmetry.auth_comp_id    HOH 
_pdbx_struct_special_symmetry.auth_seq_id     402 
_pdbx_struct_special_symmetry.PDB_ins_code    ? 
_pdbx_struct_special_symmetry.label_asym_id   H 
_pdbx_struct_special_symmetry.label_comp_id   HOH 
_pdbx_struct_special_symmetry.label_seq_id    . 
# 
_pdbx_phasing_MR.entry_id                     5LFT 
_pdbx_phasing_MR.method_rotation              ? 
_pdbx_phasing_MR.method_translation           ? 
_pdbx_phasing_MR.model_details                'Phaser MODE: MR_AUTO' 
_pdbx_phasing_MR.R_factor                     ? 
_pdbx_phasing_MR.R_rigid_body                 ? 
_pdbx_phasing_MR.correlation_coeff_Fo_to_Fc   ? 
_pdbx_phasing_MR.correlation_coeff_Io_to_Ic   ? 
_pdbx_phasing_MR.d_res_high_rotation          1.350 
_pdbx_phasing_MR.d_res_low_rotation           44.830 
_pdbx_phasing_MR.d_res_high_translation       1.350 
_pdbx_phasing_MR.d_res_low_translation        44.830 
_pdbx_phasing_MR.packing                      ? 
_pdbx_phasing_MR.reflns_percent_rotation      ? 
_pdbx_phasing_MR.reflns_percent_translation   ? 
_pdbx_phasing_MR.sigma_F_rotation             ? 
_pdbx_phasing_MR.sigma_F_translation          ? 
_pdbx_phasing_MR.sigma_I_rotation             ? 
_pdbx_phasing_MR.sigma_I_translation          ? 
# 
_phasing.method   MR 
# 
loop_
_chem_comp_atom.comp_id 
_chem_comp_atom.atom_id 
_chem_comp_atom.type_symbol 
_chem_comp_atom.pdbx_aromatic_flag 
_chem_comp_atom.pdbx_stereo_config 
_chem_comp_atom.pdbx_ordinal 
6VB O2   O  N N 1   
6VB O3   O  N N 2   
6VB C7   C  Y N 3   
6VB C8   C  N N 4   
6VB C9   C  Y N 5   
6VB C10  C  Y N 6   
6VB C11  C  Y N 7   
6VB C12  C  Y N 8   
6VB O13  O  N N 9   
6VB C14  C  N N 10  
6VB C15  C  Y N 11  
6VB C16  C  Y N 12  
6VB C17  C  Y N 13  
6VB C18  C  Y N 14  
6VB C19  C  Y N 15  
6VB C21  C  Y N 16  
6VB C22  C  Y N 17  
6VB O15  O  N N 18  
6VB S3   S  N N 19  
6VB O14  O  N N 20  
6VB C5   C  Y N 21  
6VB C4   C  Y N 22  
6VB C6   C  Y N 23  
6VB C27  C  Y N 24  
6VB O12  O  N N 25  
6VB C3   C  Y N 26  
6VB C2   C  N N 27  
6VB C26  C  Y N 28  
6VB O8   O  N N 29  
6VB C13  C  Y N 30  
6VB S2   S  N N 31  
6VB O10  O  N N 32  
6VB O11  O  N N 33  
6VB O9   O  N N 34  
6VB C25  C  Y N 35  
6VB O4   O  N N 36  
6VB C20  C  N N 37  
6VB C    C  Y N 38  
6VB O    O  N N 39  
6VB C23  C  Y N 40  
6VB C24  C  Y N 41  
6VB C1   C  Y N 42  
6VB S    S  N N 43  
6VB O1   O  N N 44  
6VB BR1  BR N N 45  
6VB H1   H  N N 46  
6VB H2   H  N N 47  
6VB H3   H  N N 48  
6VB H4   H  N N 49  
6VB H5   H  N N 50  
6VB H6   H  N N 51  
6VB H7   H  N N 52  
6VB H8   H  N N 53  
6VB H9   H  N N 54  
6VB H10  H  N N 55  
6VB H11  H  N N 56  
6VB H12  H  N N 57  
6VB H13  H  N N 58  
6VB H14  H  N N 59  
6VB H15  H  N N 60  
6VB H16  H  N N 61  
6VB H17  H  N N 62  
6VB H18  H  N N 63  
6VB H19  H  N N 64  
6VB H20  H  N N 65  
6VB H21  H  N N 66  
6VB H22  H  N N 67  
6VB H23  H  N N 68  
ALA N    N  N N 69  
ALA CA   C  N S 70  
ALA C    C  N N 71  
ALA O    O  N N 72  
ALA CB   C  N N 73  
ALA OXT  O  N N 74  
ALA H    H  N N 75  
ALA H2   H  N N 76  
ALA HA   H  N N 77  
ALA HB1  H  N N 78  
ALA HB2  H  N N 79  
ALA HB3  H  N N 80  
ALA HXT  H  N N 81  
ARG N    N  N N 82  
ARG CA   C  N S 83  
ARG C    C  N N 84  
ARG O    O  N N 85  
ARG CB   C  N N 86  
ARG CG   C  N N 87  
ARG CD   C  N N 88  
ARG NE   N  N N 89  
ARG CZ   C  N N 90  
ARG NH1  N  N N 91  
ARG NH2  N  N N 92  
ARG OXT  O  N N 93  
ARG H    H  N N 94  
ARG H2   H  N N 95  
ARG HA   H  N N 96  
ARG HB2  H  N N 97  
ARG HB3  H  N N 98  
ARG HG2  H  N N 99  
ARG HG3  H  N N 100 
ARG HD2  H  N N 101 
ARG HD3  H  N N 102 
ARG HE   H  N N 103 
ARG HH11 H  N N 104 
ARG HH12 H  N N 105 
ARG HH21 H  N N 106 
ARG HH22 H  N N 107 
ARG HXT  H  N N 108 
ASN N    N  N N 109 
ASN CA   C  N S 110 
ASN C    C  N N 111 
ASN O    O  N N 112 
ASN CB   C  N N 113 
ASN CG   C  N N 114 
ASN OD1  O  N N 115 
ASN ND2  N  N N 116 
ASN OXT  O  N N 117 
ASN H    H  N N 118 
ASN H2   H  N N 119 
ASN HA   H  N N 120 
ASN HB2  H  N N 121 
ASN HB3  H  N N 122 
ASN HD21 H  N N 123 
ASN HD22 H  N N 124 
ASN HXT  H  N N 125 
ASP N    N  N N 126 
ASP CA   C  N S 127 
ASP C    C  N N 128 
ASP O    O  N N 129 
ASP CB   C  N N 130 
ASP CG   C  N N 131 
ASP OD1  O  N N 132 
ASP OD2  O  N N 133 
ASP OXT  O  N N 134 
ASP H    H  N N 135 
ASP H2   H  N N 136 
ASP HA   H  N N 137 
ASP HB2  H  N N 138 
ASP HB3  H  N N 139 
ASP HD2  H  N N 140 
ASP HXT  H  N N 141 
BR  BR   BR N N 142 
CYS N    N  N N 143 
CYS CA   C  N R 144 
CYS C    C  N N 145 
CYS O    O  N N 146 
CYS CB   C  N N 147 
CYS SG   S  N N 148 
CYS OXT  O  N N 149 
CYS H    H  N N 150 
CYS H2   H  N N 151 
CYS HA   H  N N 152 
CYS HB2  H  N N 153 
CYS HB3  H  N N 154 
CYS HG   H  N N 155 
CYS HXT  H  N N 156 
GLN N    N  N N 157 
GLN CA   C  N S 158 
GLN C    C  N N 159 
GLN O    O  N N 160 
GLN CB   C  N N 161 
GLN CG   C  N N 162 
GLN CD   C  N N 163 
GLN OE1  O  N N 164 
GLN NE2  N  N N 165 
GLN OXT  O  N N 166 
GLN H    H  N N 167 
GLN H2   H  N N 168 
GLN HA   H  N N 169 
GLN HB2  H  N N 170 
GLN HB3  H  N N 171 
GLN HG2  H  N N 172 
GLN HG3  H  N N 173 
GLN HE21 H  N N 174 
GLN HE22 H  N N 175 
GLN HXT  H  N N 176 
GLU N    N  N N 177 
GLU CA   C  N S 178 
GLU C    C  N N 179 
GLU O    O  N N 180 
GLU CB   C  N N 181 
GLU CG   C  N N 182 
GLU CD   C  N N 183 
GLU OE1  O  N N 184 
GLU OE2  O  N N 185 
GLU OXT  O  N N 186 
GLU H    H  N N 187 
GLU H2   H  N N 188 
GLU HA   H  N N 189 
GLU HB2  H  N N 190 
GLU HB3  H  N N 191 
GLU HG2  H  N N 192 
GLU HG3  H  N N 193 
GLU HE2  H  N N 194 
GLU HXT  H  N N 195 
GLY N    N  N N 196 
GLY CA   C  N N 197 
GLY C    C  N N 198 
GLY O    O  N N 199 
GLY OXT  O  N N 200 
GLY H    H  N N 201 
GLY H2   H  N N 202 
GLY HA2  H  N N 203 
GLY HA3  H  N N 204 
GLY HXT  H  N N 205 
HEC FE   FE N N 206 
HEC CHA  C  N N 207 
HEC CHB  C  N N 208 
HEC CHC  C  N N 209 
HEC CHD  C  N N 210 
HEC NA   N  Y N 211 
HEC C1A  C  Y N 212 
HEC C2A  C  Y N 213 
HEC C3A  C  Y N 214 
HEC C4A  C  Y N 215 
HEC CMA  C  N N 216 
HEC CAA  C  N N 217 
HEC CBA  C  N N 218 
HEC CGA  C  N N 219 
HEC O1A  O  N N 220 
HEC O2A  O  N N 221 
HEC NB   N  Y N 222 
HEC C1B  C  Y N 223 
HEC C2B  C  Y N 224 
HEC C3B  C  Y N 225 
HEC C4B  C  Y N 226 
HEC CMB  C  N N 227 
HEC CAB  C  N N 228 
HEC CBB  C  N N 229 
HEC NC   N  Y N 230 
HEC C1C  C  Y N 231 
HEC C2C  C  Y N 232 
HEC C3C  C  Y N 233 
HEC C4C  C  Y N 234 
HEC CMC  C  N N 235 
HEC CAC  C  N N 236 
HEC CBC  C  N N 237 
HEC ND   N  Y N 238 
HEC C1D  C  Y N 239 
HEC C2D  C  Y N 240 
HEC C3D  C  Y N 241 
HEC C4D  C  Y N 242 
HEC CMD  C  N N 243 
HEC CAD  C  N N 244 
HEC CBD  C  N N 245 
HEC CGD  C  N N 246 
HEC O1D  O  N N 247 
HEC O2D  O  N N 248 
HEC HHA  H  N N 249 
HEC HHB  H  N N 250 
HEC HHC  H  N N 251 
HEC HHD  H  N N 252 
HEC HMA1 H  N N 253 
HEC HMA2 H  N N 254 
HEC HMA3 H  N N 255 
HEC HAA1 H  N N 256 
HEC HAA2 H  N N 257 
HEC HBA1 H  N N 258 
HEC HBA2 H  N N 259 
HEC H2A  H  N N 260 
HEC HMB1 H  N N 261 
HEC HMB2 H  N N 262 
HEC HMB3 H  N N 263 
HEC HAB  H  N N 264 
HEC HBB1 H  N N 265 
HEC HBB2 H  N N 266 
HEC HBB3 H  N N 267 
HEC HMC1 H  N N 268 
HEC HMC2 H  N N 269 
HEC HMC3 H  N N 270 
HEC HAC  H  N N 271 
HEC HBC1 H  N N 272 
HEC HBC2 H  N N 273 
HEC HBC3 H  N N 274 
HEC HMD1 H  N N 275 
HEC HMD2 H  N N 276 
HEC HMD3 H  N N 277 
HEC HAD1 H  N N 278 
HEC HAD2 H  N N 279 
HEC HBD1 H  N N 280 
HEC HBD2 H  N N 281 
HEC H2D  H  N N 282 
HIS N    N  N N 283 
HIS CA   C  N S 284 
HIS C    C  N N 285 
HIS O    O  N N 286 
HIS CB   C  N N 287 
HIS CG   C  Y N 288 
HIS ND1  N  Y N 289 
HIS CD2  C  Y N 290 
HIS CE1  C  Y N 291 
HIS NE2  N  Y N 292 
HIS OXT  O  N N 293 
HIS H    H  N N 294 
HIS H2   H  N N 295 
HIS HA   H  N N 296 
HIS HB2  H  N N 297 
HIS HB3  H  N N 298 
HIS HD1  H  N N 299 
HIS HD2  H  N N 300 
HIS HE1  H  N N 301 
HIS HE2  H  N N 302 
HIS HXT  H  N N 303 
HOH O    O  N N 304 
HOH H1   H  N N 305 
HOH H2   H  N N 306 
ILE N    N  N N 307 
ILE CA   C  N S 308 
ILE C    C  N N 309 
ILE O    O  N N 310 
ILE CB   C  N S 311 
ILE CG1  C  N N 312 
ILE CG2  C  N N 313 
ILE CD1  C  N N 314 
ILE OXT  O  N N 315 
ILE H    H  N N 316 
ILE H2   H  N N 317 
ILE HA   H  N N 318 
ILE HB   H  N N 319 
ILE HG12 H  N N 320 
ILE HG13 H  N N 321 
ILE HG21 H  N N 322 
ILE HG22 H  N N 323 
ILE HG23 H  N N 324 
ILE HD11 H  N N 325 
ILE HD12 H  N N 326 
ILE HD13 H  N N 327 
ILE HXT  H  N N 328 
LEU N    N  N N 329 
LEU CA   C  N S 330 
LEU C    C  N N 331 
LEU O    O  N N 332 
LEU CB   C  N N 333 
LEU CG   C  N N 334 
LEU CD1  C  N N 335 
LEU CD2  C  N N 336 
LEU OXT  O  N N 337 
LEU H    H  N N 338 
LEU H2   H  N N 339 
LEU HA   H  N N 340 
LEU HB2  H  N N 341 
LEU HB3  H  N N 342 
LEU HG   H  N N 343 
LEU HD11 H  N N 344 
LEU HD12 H  N N 345 
LEU HD13 H  N N 346 
LEU HD21 H  N N 347 
LEU HD22 H  N N 348 
LEU HD23 H  N N 349 
LEU HXT  H  N N 350 
LYS N    N  N N 351 
LYS CA   C  N S 352 
LYS C    C  N N 353 
LYS O    O  N N 354 
LYS CB   C  N N 355 
LYS CG   C  N N 356 
LYS CD   C  N N 357 
LYS CE   C  N N 358 
LYS NZ   N  N N 359 
LYS OXT  O  N N 360 
LYS H    H  N N 361 
LYS H2   H  N N 362 
LYS HA   H  N N 363 
LYS HB2  H  N N 364 
LYS HB3  H  N N 365 
LYS HG2  H  N N 366 
LYS HG3  H  N N 367 
LYS HD2  H  N N 368 
LYS HD3  H  N N 369 
LYS HE2  H  N N 370 
LYS HE3  H  N N 371 
LYS HZ1  H  N N 372 
LYS HZ2  H  N N 373 
LYS HZ3  H  N N 374 
LYS HXT  H  N N 375 
MET N    N  N N 376 
MET CA   C  N S 377 
MET C    C  N N 378 
MET O    O  N N 379 
MET CB   C  N N 380 
MET CG   C  N N 381 
MET SD   S  N N 382 
MET CE   C  N N 383 
MET OXT  O  N N 384 
MET H    H  N N 385 
MET H2   H  N N 386 
MET HA   H  N N 387 
MET HB2  H  N N 388 
MET HB3  H  N N 389 
MET HG2  H  N N 390 
MET HG3  H  N N 391 
MET HE1  H  N N 392 
MET HE2  H  N N 393 
MET HE3  H  N N 394 
MET HXT  H  N N 395 
PHE N    N  N N 396 
PHE CA   C  N S 397 
PHE C    C  N N 398 
PHE O    O  N N 399 
PHE CB   C  N N 400 
PHE CG   C  Y N 401 
PHE CD1  C  Y N 402 
PHE CD2  C  Y N 403 
PHE CE1  C  Y N 404 
PHE CE2  C  Y N 405 
PHE CZ   C  Y N 406 
PHE OXT  O  N N 407 
PHE H    H  N N 408 
PHE H2   H  N N 409 
PHE HA   H  N N 410 
PHE HB2  H  N N 411 
PHE HB3  H  N N 412 
PHE HD1  H  N N 413 
PHE HD2  H  N N 414 
PHE HE1  H  N N 415 
PHE HE2  H  N N 416 
PHE HZ   H  N N 417 
PHE HXT  H  N N 418 
PRO N    N  N N 419 
PRO CA   C  N S 420 
PRO C    C  N N 421 
PRO O    O  N N 422 
PRO CB   C  N N 423 
PRO CG   C  N N 424 
PRO CD   C  N N 425 
PRO OXT  O  N N 426 
PRO H    H  N N 427 
PRO HA   H  N N 428 
PRO HB2  H  N N 429 
PRO HB3  H  N N 430 
PRO HG2  H  N N 431 
PRO HG3  H  N N 432 
PRO HD2  H  N N 433 
PRO HD3  H  N N 434 
PRO HXT  H  N N 435 
SER N    N  N N 436 
SER CA   C  N S 437 
SER C    C  N N 438 
SER O    O  N N 439 
SER CB   C  N N 440 
SER OG   O  N N 441 
SER OXT  O  N N 442 
SER H    H  N N 443 
SER H2   H  N N 444 
SER HA   H  N N 445 
SER HB2  H  N N 446 
SER HB3  H  N N 447 
SER HG   H  N N 448 
SER HXT  H  N N 449 
THR N    N  N N 450 
THR CA   C  N S 451 
THR C    C  N N 452 
THR O    O  N N 453 
THR CB   C  N R 454 
THR OG1  O  N N 455 
THR CG2  C  N N 456 
THR OXT  O  N N 457 
THR H    H  N N 458 
THR H2   H  N N 459 
THR HA   H  N N 460 
THR HB   H  N N 461 
THR HG1  H  N N 462 
THR HG21 H  N N 463 
THR HG22 H  N N 464 
THR HG23 H  N N 465 
THR HXT  H  N N 466 
TRP N    N  N N 467 
TRP CA   C  N S 468 
TRP C    C  N N 469 
TRP O    O  N N 470 
TRP CB   C  N N 471 
TRP CG   C  Y N 472 
TRP CD1  C  Y N 473 
TRP CD2  C  Y N 474 
TRP NE1  N  Y N 475 
TRP CE2  C  Y N 476 
TRP CE3  C  Y N 477 
TRP CZ2  C  Y N 478 
TRP CZ3  C  Y N 479 
TRP CH2  C  Y N 480 
TRP OXT  O  N N 481 
TRP H    H  N N 482 
TRP H2   H  N N 483 
TRP HA   H  N N 484 
TRP HB2  H  N N 485 
TRP HB3  H  N N 486 
TRP HD1  H  N N 487 
TRP HE1  H  N N 488 
TRP HE3  H  N N 489 
TRP HZ2  H  N N 490 
TRP HZ3  H  N N 491 
TRP HH2  H  N N 492 
TRP HXT  H  N N 493 
TYR N    N  N N 494 
TYR CA   C  N S 495 
TYR C    C  N N 496 
TYR O    O  N N 497 
TYR CB   C  N N 498 
TYR CG   C  Y N 499 
TYR CD1  C  Y N 500 
TYR CD2  C  Y N 501 
TYR CE1  C  Y N 502 
TYR CE2  C  Y N 503 
TYR CZ   C  Y N 504 
TYR OH   O  N N 505 
TYR OXT  O  N N 506 
TYR H    H  N N 507 
TYR H2   H  N N 508 
TYR HA   H  N N 509 
TYR HB2  H  N N 510 
TYR HB3  H  N N 511 
TYR HD1  H  N N 512 
TYR HD2  H  N N 513 
TYR HE1  H  N N 514 
TYR HE2  H  N N 515 
TYR HH   H  N N 516 
TYR HXT  H  N N 517 
VAL N    N  N N 518 
VAL CA   C  N S 519 
VAL C    C  N N 520 
VAL O    O  N N 521 
VAL CB   C  N N 522 
VAL CG1  C  N N 523 
VAL CG2  C  N N 524 
VAL OXT  O  N N 525 
VAL H    H  N N 526 
VAL H2   H  N N 527 
VAL HA   H  N N 528 
VAL HB   H  N N 529 
VAL HG11 H  N N 530 
VAL HG12 H  N N 531 
VAL HG13 H  N N 532 
VAL HG21 H  N N 533 
VAL HG22 H  N N 534 
VAL HG23 H  N N 535 
VAL HXT  H  N N 536 
# 
loop_
_chem_comp_bond.comp_id 
_chem_comp_bond.atom_id_1 
_chem_comp_bond.atom_id_2 
_chem_comp_bond.value_order 
_chem_comp_bond.pdbx_aromatic_flag 
_chem_comp_bond.pdbx_stereo_config 
_chem_comp_bond.pdbx_ordinal 
6VB O9  S2   doub N N 1   
6VB O10 S2   doub N N 2   
6VB S2  O11  sing N N 3   
6VB S2  C11  sing N N 4   
6VB C11 C12  doub Y N 5   
6VB C11 C10  sing Y N 6   
6VB C12 C13  sing Y N 7   
6VB C10 C9   doub Y N 8   
6VB BR1 C17  sing N N 9   
6VB C13 C14  sing N N 10  
6VB C13 C26  doub Y N 11  
6VB C16 C17  doub Y N 12  
6VB C16 C15  sing Y N 13  
6VB C14 C15  sing N N 14  
6VB C17 C18  sing Y N 15  
6VB C9  C26  sing Y N 16  
6VB C9  C8   sing N N 17  
6VB C15 C25  doub Y N 18  
6VB C26 O8   sing N N 19  
6VB O13 S3   doub N N 20  
6VB O15 S3   doub N N 21  
6VB C8  C7   sing N N 22  
6VB C6  C7   doub Y N 23  
6VB C6  C5   sing Y N 24  
6VB C18 C19  doub Y N 25  
6VB S3  C5   sing N N 26  
6VB S3  O14  sing N N 27  
6VB C25 C19  sing Y N 28  
6VB C25 O4   sing N N 29  
6VB C7  C27  sing Y N 30  
6VB C5  C4   doub Y N 31  
6VB C19 C20  sing N N 32  
6VB O1  S    doub N N 33  
6VB C27 O12  sing N N 34  
6VB C27 C3   doub Y N 35  
6VB C4  C3   sing Y N 36  
6VB C3  C2   sing N N 37  
6VB C20 C21  sing N N 38  
6VB C22 C21  doub Y N 39  
6VB C22 C23  sing Y N 40  
6VB C21 C    sing Y N 41  
6VB S   C23  sing N N 42  
6VB S   O3   doub N N 43  
6VB S   O2   sing N N 44  
6VB C23 C24  doub Y N 45  
6VB C   O    sing N N 46  
6VB C   C1   doub Y N 47  
6VB C24 C1   sing Y N 48  
6VB C1  C2   sing N N 49  
6VB C8  H1   sing N N 50  
6VB C8  H2   sing N N 51  
6VB C10 H3   sing N N 52  
6VB C12 H4   sing N N 53  
6VB C14 H5   sing N N 54  
6VB C14 H6   sing N N 55  
6VB C16 H7   sing N N 56  
6VB C18 H8   sing N N 57  
6VB C22 H9   sing N N 58  
6VB C4  H10  sing N N 59  
6VB C6  H11  sing N N 60  
6VB O12 H12  sing N N 61  
6VB C2  H13  sing N N 62  
6VB C2  H14  sing N N 63  
6VB O8  H15  sing N N 64  
6VB O4  H16  sing N N 65  
6VB C20 H17  sing N N 66  
6VB C20 H18  sing N N 67  
6VB O   H19  sing N N 68  
6VB C24 H20  sing N N 69  
6VB O2  H21  sing N N 70  
6VB O14 H22  sing N N 71  
6VB O11 H23  sing N N 72  
ALA N   CA   sing N N 73  
ALA N   H    sing N N 74  
ALA N   H2   sing N N 75  
ALA CA  C    sing N N 76  
ALA CA  CB   sing N N 77  
ALA CA  HA   sing N N 78  
ALA C   O    doub N N 79  
ALA C   OXT  sing N N 80  
ALA CB  HB1  sing N N 81  
ALA CB  HB2  sing N N 82  
ALA CB  HB3  sing N N 83  
ALA OXT HXT  sing N N 84  
ARG N   CA   sing N N 85  
ARG N   H    sing N N 86  
ARG N   H2   sing N N 87  
ARG CA  C    sing N N 88  
ARG CA  CB   sing N N 89  
ARG CA  HA   sing N N 90  
ARG C   O    doub N N 91  
ARG C   OXT  sing N N 92  
ARG CB  CG   sing N N 93  
ARG CB  HB2  sing N N 94  
ARG CB  HB3  sing N N 95  
ARG CG  CD   sing N N 96  
ARG CG  HG2  sing N N 97  
ARG CG  HG3  sing N N 98  
ARG CD  NE   sing N N 99  
ARG CD  HD2  sing N N 100 
ARG CD  HD3  sing N N 101 
ARG NE  CZ   sing N N 102 
ARG NE  HE   sing N N 103 
ARG CZ  NH1  sing N N 104 
ARG CZ  NH2  doub N N 105 
ARG NH1 HH11 sing N N 106 
ARG NH1 HH12 sing N N 107 
ARG NH2 HH21 sing N N 108 
ARG NH2 HH22 sing N N 109 
ARG OXT HXT  sing N N 110 
ASN N   CA   sing N N 111 
ASN N   H    sing N N 112 
ASN N   H2   sing N N 113 
ASN CA  C    sing N N 114 
ASN CA  CB   sing N N 115 
ASN CA  HA   sing N N 116 
ASN C   O    doub N N 117 
ASN C   OXT  sing N N 118 
ASN CB  CG   sing N N 119 
ASN CB  HB2  sing N N 120 
ASN CB  HB3  sing N N 121 
ASN CG  OD1  doub N N 122 
ASN CG  ND2  sing N N 123 
ASN ND2 HD21 sing N N 124 
ASN ND2 HD22 sing N N 125 
ASN OXT HXT  sing N N 126 
ASP N   CA   sing N N 127 
ASP N   H    sing N N 128 
ASP N   H2   sing N N 129 
ASP CA  C    sing N N 130 
ASP CA  CB   sing N N 131 
ASP CA  HA   sing N N 132 
ASP C   O    doub N N 133 
ASP C   OXT  sing N N 134 
ASP CB  CG   sing N N 135 
ASP CB  HB2  sing N N 136 
ASP CB  HB3  sing N N 137 
ASP CG  OD1  doub N N 138 
ASP CG  OD2  sing N N 139 
ASP OD2 HD2  sing N N 140 
ASP OXT HXT  sing N N 141 
CYS N   CA   sing N N 142 
CYS N   H    sing N N 143 
CYS N   H2   sing N N 144 
CYS CA  C    sing N N 145 
CYS CA  CB   sing N N 146 
CYS CA  HA   sing N N 147 
CYS C   O    doub N N 148 
CYS C   OXT  sing N N 149 
CYS CB  SG   sing N N 150 
CYS CB  HB2  sing N N 151 
CYS CB  HB3  sing N N 152 
CYS SG  HG   sing N N 153 
CYS OXT HXT  sing N N 154 
GLN N   CA   sing N N 155 
GLN N   H    sing N N 156 
GLN N   H2   sing N N 157 
GLN CA  C    sing N N 158 
GLN CA  CB   sing N N 159 
GLN CA  HA   sing N N 160 
GLN C   O    doub N N 161 
GLN C   OXT  sing N N 162 
GLN CB  CG   sing N N 163 
GLN CB  HB2  sing N N 164 
GLN CB  HB3  sing N N 165 
GLN CG  CD   sing N N 166 
GLN CG  HG2  sing N N 167 
GLN CG  HG3  sing N N 168 
GLN CD  OE1  doub N N 169 
GLN CD  NE2  sing N N 170 
GLN NE2 HE21 sing N N 171 
GLN NE2 HE22 sing N N 172 
GLN OXT HXT  sing N N 173 
GLU N   CA   sing N N 174 
GLU N   H    sing N N 175 
GLU N   H2   sing N N 176 
GLU CA  C    sing N N 177 
GLU CA  CB   sing N N 178 
GLU CA  HA   sing N N 179 
GLU C   O    doub N N 180 
GLU C   OXT  sing N N 181 
GLU CB  CG   sing N N 182 
GLU CB  HB2  sing N N 183 
GLU CB  HB3  sing N N 184 
GLU CG  CD   sing N N 185 
GLU CG  HG2  sing N N 186 
GLU CG  HG3  sing N N 187 
GLU CD  OE1  doub N N 188 
GLU CD  OE2  sing N N 189 
GLU OE2 HE2  sing N N 190 
GLU OXT HXT  sing N N 191 
GLY N   CA   sing N N 192 
GLY N   H    sing N N 193 
GLY N   H2   sing N N 194 
GLY CA  C    sing N N 195 
GLY CA  HA2  sing N N 196 
GLY CA  HA3  sing N N 197 
GLY C   O    doub N N 198 
GLY C   OXT  sing N N 199 
GLY OXT HXT  sing N N 200 
HEC FE  NA   sing N N 201 
HEC FE  NB   sing N N 202 
HEC FE  NC   sing N N 203 
HEC FE  ND   sing N N 204 
HEC CHA C1A  doub N N 205 
HEC CHA C4D  sing N N 206 
HEC CHA HHA  sing N N 207 
HEC CHB C4A  doub N N 208 
HEC CHB C1B  sing N N 209 
HEC CHB HHB  sing N N 210 
HEC CHC C4B  doub N N 211 
HEC CHC C1C  sing N N 212 
HEC CHC HHC  sing N N 213 
HEC CHD C4C  doub N N 214 
HEC CHD C1D  sing N N 215 
HEC CHD HHD  sing N N 216 
HEC NA  C1A  sing Y N 217 
HEC NA  C4A  sing Y N 218 
HEC C1A C2A  sing Y N 219 
HEC C2A C3A  doub Y N 220 
HEC C2A CAA  sing N N 221 
HEC C3A C4A  sing Y N 222 
HEC C3A CMA  sing N N 223 
HEC CMA HMA1 sing N N 224 
HEC CMA HMA2 sing N N 225 
HEC CMA HMA3 sing N N 226 
HEC CAA CBA  sing N N 227 
HEC CAA HAA1 sing N N 228 
HEC CAA HAA2 sing N N 229 
HEC CBA CGA  sing N N 230 
HEC CBA HBA1 sing N N 231 
HEC CBA HBA2 sing N N 232 
HEC CGA O1A  doub N N 233 
HEC CGA O2A  sing N N 234 
HEC O2A H2A  sing N N 235 
HEC NB  C1B  sing Y N 236 
HEC NB  C4B  sing Y N 237 
HEC C1B C2B  doub Y N 238 
HEC C2B C3B  sing Y N 239 
HEC C2B CMB  sing N N 240 
HEC C3B C4B  sing Y N 241 
HEC C3B CAB  doub N E 242 
HEC CMB HMB1 sing N N 243 
HEC CMB HMB2 sing N N 244 
HEC CMB HMB3 sing N N 245 
HEC CAB CBB  sing N N 246 
HEC CAB HAB  sing N N 247 
HEC CBB HBB1 sing N N 248 
HEC CBB HBB2 sing N N 249 
HEC CBB HBB3 sing N N 250 
HEC NC  C1C  sing Y N 251 
HEC NC  C4C  sing Y N 252 
HEC C1C C2C  doub Y N 253 
HEC C2C C3C  sing Y N 254 
HEC C2C CMC  sing N N 255 
HEC C3C C4C  sing Y N 256 
HEC C3C CAC  doub N E 257 
HEC CMC HMC1 sing N N 258 
HEC CMC HMC2 sing N N 259 
HEC CMC HMC3 sing N N 260 
HEC CAC CBC  sing N N 261 
HEC CAC HAC  sing N N 262 
HEC CBC HBC1 sing N N 263 
HEC CBC HBC2 sing N N 264 
HEC CBC HBC3 sing N N 265 
HEC ND  C1D  sing Y N 266 
HEC ND  C4D  sing Y N 267 
HEC C1D C2D  doub Y N 268 
HEC C2D C3D  sing Y N 269 
HEC C2D CMD  sing N N 270 
HEC C3D C4D  doub Y N 271 
HEC C3D CAD  sing N N 272 
HEC CMD HMD1 sing N N 273 
HEC CMD HMD2 sing N N 274 
HEC CMD HMD3 sing N N 275 
HEC CAD CBD  sing N N 276 
HEC CAD HAD1 sing N N 277 
HEC CAD HAD2 sing N N 278 
HEC CBD CGD  sing N N 279 
HEC CBD HBD1 sing N N 280 
HEC CBD HBD2 sing N N 281 
HEC CGD O1D  doub N N 282 
HEC CGD O2D  sing N N 283 
HEC O2D H2D  sing N N 284 
HIS N   CA   sing N N 285 
HIS N   H    sing N N 286 
HIS N   H2   sing N N 287 
HIS CA  C    sing N N 288 
HIS CA  CB   sing N N 289 
HIS CA  HA   sing N N 290 
HIS C   O    doub N N 291 
HIS C   OXT  sing N N 292 
HIS CB  CG   sing N N 293 
HIS CB  HB2  sing N N 294 
HIS CB  HB3  sing N N 295 
HIS CG  ND1  sing Y N 296 
HIS CG  CD2  doub Y N 297 
HIS ND1 CE1  doub Y N 298 
HIS ND1 HD1  sing N N 299 
HIS CD2 NE2  sing Y N 300 
HIS CD2 HD2  sing N N 301 
HIS CE1 NE2  sing Y N 302 
HIS CE1 HE1  sing N N 303 
HIS NE2 HE2  sing N N 304 
HIS OXT HXT  sing N N 305 
HOH O   H1   sing N N 306 
HOH O   H2   sing N N 307 
ILE N   CA   sing N N 308 
ILE N   H    sing N N 309 
ILE N   H2   sing N N 310 
ILE CA  C    sing N N 311 
ILE CA  CB   sing N N 312 
ILE CA  HA   sing N N 313 
ILE C   O    doub N N 314 
ILE C   OXT  sing N N 315 
ILE CB  CG1  sing N N 316 
ILE CB  CG2  sing N N 317 
ILE CB  HB   sing N N 318 
ILE CG1 CD1  sing N N 319 
ILE CG1 HG12 sing N N 320 
ILE CG1 HG13 sing N N 321 
ILE CG2 HG21 sing N N 322 
ILE CG2 HG22 sing N N 323 
ILE CG2 HG23 sing N N 324 
ILE CD1 HD11 sing N N 325 
ILE CD1 HD12 sing N N 326 
ILE CD1 HD13 sing N N 327 
ILE OXT HXT  sing N N 328 
LEU N   CA   sing N N 329 
LEU N   H    sing N N 330 
LEU N   H2   sing N N 331 
LEU CA  C    sing N N 332 
LEU CA  CB   sing N N 333 
LEU CA  HA   sing N N 334 
LEU C   O    doub N N 335 
LEU C   OXT  sing N N 336 
LEU CB  CG   sing N N 337 
LEU CB  HB2  sing N N 338 
LEU CB  HB3  sing N N 339 
LEU CG  CD1  sing N N 340 
LEU CG  CD2  sing N N 341 
LEU CG  HG   sing N N 342 
LEU CD1 HD11 sing N N 343 
LEU CD1 HD12 sing N N 344 
LEU CD1 HD13 sing N N 345 
LEU CD2 HD21 sing N N 346 
LEU CD2 HD22 sing N N 347 
LEU CD2 HD23 sing N N 348 
LEU OXT HXT  sing N N 349 
LYS N   CA   sing N N 350 
LYS N   H    sing N N 351 
LYS N   H2   sing N N 352 
LYS CA  C    sing N N 353 
LYS CA  CB   sing N N 354 
LYS CA  HA   sing N N 355 
LYS C   O    doub N N 356 
LYS C   OXT  sing N N 357 
LYS CB  CG   sing N N 358 
LYS CB  HB2  sing N N 359 
LYS CB  HB3  sing N N 360 
LYS CG  CD   sing N N 361 
LYS CG  HG2  sing N N 362 
LYS CG  HG3  sing N N 363 
LYS CD  CE   sing N N 364 
LYS CD  HD2  sing N N 365 
LYS CD  HD3  sing N N 366 
LYS CE  NZ   sing N N 367 
LYS CE  HE2  sing N N 368 
LYS CE  HE3  sing N N 369 
LYS NZ  HZ1  sing N N 370 
LYS NZ  HZ2  sing N N 371 
LYS NZ  HZ3  sing N N 372 
LYS OXT HXT  sing N N 373 
MET N   CA   sing N N 374 
MET N   H    sing N N 375 
MET N   H2   sing N N 376 
MET CA  C    sing N N 377 
MET CA  CB   sing N N 378 
MET CA  HA   sing N N 379 
MET C   O    doub N N 380 
MET C   OXT  sing N N 381 
MET CB  CG   sing N N 382 
MET CB  HB2  sing N N 383 
MET CB  HB3  sing N N 384 
MET CG  SD   sing N N 385 
MET CG  HG2  sing N N 386 
MET CG  HG3  sing N N 387 
MET SD  CE   sing N N 388 
MET CE  HE1  sing N N 389 
MET CE  HE2  sing N N 390 
MET CE  HE3  sing N N 391 
MET OXT HXT  sing N N 392 
PHE N   CA   sing N N 393 
PHE N   H    sing N N 394 
PHE N   H2   sing N N 395 
PHE CA  C    sing N N 396 
PHE CA  CB   sing N N 397 
PHE CA  HA   sing N N 398 
PHE C   O    doub N N 399 
PHE C   OXT  sing N N 400 
PHE CB  CG   sing N N 401 
PHE CB  HB2  sing N N 402 
PHE CB  HB3  sing N N 403 
PHE CG  CD1  doub Y N 404 
PHE CG  CD2  sing Y N 405 
PHE CD1 CE1  sing Y N 406 
PHE CD1 HD1  sing N N 407 
PHE CD2 CE2  doub Y N 408 
PHE CD2 HD2  sing N N 409 
PHE CE1 CZ   doub Y N 410 
PHE CE1 HE1  sing N N 411 
PHE CE2 CZ   sing Y N 412 
PHE CE2 HE2  sing N N 413 
PHE CZ  HZ   sing N N 414 
PHE OXT HXT  sing N N 415 
PRO N   CA   sing N N 416 
PRO N   CD   sing N N 417 
PRO N   H    sing N N 418 
PRO CA  C    sing N N 419 
PRO CA  CB   sing N N 420 
PRO CA  HA   sing N N 421 
PRO C   O    doub N N 422 
PRO C   OXT  sing N N 423 
PRO CB  CG   sing N N 424 
PRO CB  HB2  sing N N 425 
PRO CB  HB3  sing N N 426 
PRO CG  CD   sing N N 427 
PRO CG  HG2  sing N N 428 
PRO CG  HG3  sing N N 429 
PRO CD  HD2  sing N N 430 
PRO CD  HD3  sing N N 431 
PRO OXT HXT  sing N N 432 
SER N   CA   sing N N 433 
SER N   H    sing N N 434 
SER N   H2   sing N N 435 
SER CA  C    sing N N 436 
SER CA  CB   sing N N 437 
SER CA  HA   sing N N 438 
SER C   O    doub N N 439 
SER C   OXT  sing N N 440 
SER CB  OG   sing N N 441 
SER CB  HB2  sing N N 442 
SER CB  HB3  sing N N 443 
SER OG  HG   sing N N 444 
SER OXT HXT  sing N N 445 
THR N   CA   sing N N 446 
THR N   H    sing N N 447 
THR N   H2   sing N N 448 
THR CA  C    sing N N 449 
THR CA  CB   sing N N 450 
THR CA  HA   sing N N 451 
THR C   O    doub N N 452 
THR C   OXT  sing N N 453 
THR CB  OG1  sing N N 454 
THR CB  CG2  sing N N 455 
THR CB  HB   sing N N 456 
THR OG1 HG1  sing N N 457 
THR CG2 HG21 sing N N 458 
THR CG2 HG22 sing N N 459 
THR CG2 HG23 sing N N 460 
THR OXT HXT  sing N N 461 
TRP N   CA   sing N N 462 
TRP N   H    sing N N 463 
TRP N   H2   sing N N 464 
TRP CA  C    sing N N 465 
TRP CA  CB   sing N N 466 
TRP CA  HA   sing N N 467 
TRP C   O    doub N N 468 
TRP C   OXT  sing N N 469 
TRP CB  CG   sing N N 470 
TRP CB  HB2  sing N N 471 
TRP CB  HB3  sing N N 472 
TRP CG  CD1  doub Y N 473 
TRP CG  CD2  sing Y N 474 
TRP CD1 NE1  sing Y N 475 
TRP CD1 HD1  sing N N 476 
TRP CD2 CE2  doub Y N 477 
TRP CD2 CE3  sing Y N 478 
TRP NE1 CE2  sing Y N 479 
TRP NE1 HE1  sing N N 480 
TRP CE2 CZ2  sing Y N 481 
TRP CE3 CZ3  doub Y N 482 
TRP CE3 HE3  sing N N 483 
TRP CZ2 CH2  doub Y N 484 
TRP CZ2 HZ2  sing N N 485 
TRP CZ3 CH2  sing Y N 486 
TRP CZ3 HZ3  sing N N 487 
TRP CH2 HH2  sing N N 488 
TRP OXT HXT  sing N N 489 
TYR N   CA   sing N N 490 
TYR N   H    sing N N 491 
TYR N   H2   sing N N 492 
TYR CA  C    sing N N 493 
TYR CA  CB   sing N N 494 
TYR CA  HA   sing N N 495 
TYR C   O    doub N N 496 
TYR C   OXT  sing N N 497 
TYR CB  CG   sing N N 498 
TYR CB  HB2  sing N N 499 
TYR CB  HB3  sing N N 500 
TYR CG  CD1  doub Y N 501 
TYR CG  CD2  sing Y N 502 
TYR CD1 CE1  sing Y N 503 
TYR CD1 HD1  sing N N 504 
TYR CD2 CE2  doub Y N 505 
TYR CD2 HD2  sing N N 506 
TYR CE1 CZ   doub Y N 507 
TYR CE1 HE1  sing N N 508 
TYR CE2 CZ   sing Y N 509 
TYR CE2 HE2  sing N N 510 
TYR CZ  OH   sing N N 511 
TYR OH  HH   sing N N 512 
TYR OXT HXT  sing N N 513 
VAL N   CA   sing N N 514 
VAL N   H    sing N N 515 
VAL N   H2   sing N N 516 
VAL CA  C    sing N N 517 
VAL CA  CB   sing N N 518 
VAL CA  HA   sing N N 519 
VAL C   O    doub N N 520 
VAL C   OXT  sing N N 521 
VAL CB  CG1  sing N N 522 
VAL CB  CG2  sing N N 523 
VAL CB  HB   sing N N 524 
VAL CG1 HG11 sing N N 525 
VAL CG1 HG12 sing N N 526 
VAL CG1 HG13 sing N N 527 
VAL CG2 HG21 sing N N 528 
VAL CG2 HG22 sing N N 529 
VAL CG2 HG23 sing N N 530 
VAL OXT HXT  sing N N 531 
# 
_pdbx_audit_support.funding_organization   'Science Foundation Ireland' 
_pdbx_audit_support.country                Ireland 
_pdbx_audit_support.grant_number           13/ERC/B2912 
_pdbx_audit_support.ordinal                1 
# 
_pdbx_initial_refinement_model.id               1 
_pdbx_initial_refinement_model.entity_id_list   ? 
_pdbx_initial_refinement_model.type             'experimental model' 
_pdbx_initial_refinement_model.source_name      PDB 
_pdbx_initial_refinement_model.accession_code   3TYI 
_pdbx_initial_refinement_model.details          ? 
# 
_atom_sites.entry_id                    5LFT 
_atom_sites.fract_transf_matrix[1][1]   -0.00914470 
_atom_sites.fract_transf_matrix[1][2]   -0.01953189 
_atom_sites.fract_transf_matrix[1][3]   -0.01905697 
_atom_sites.fract_transf_matrix[2][1]   -0.00015829 
_atom_sites.fract_transf_matrix[2][2]   0.01839376 
_atom_sites.fract_transf_matrix[2][3]   -0.01877620 
_atom_sites.fract_transf_matrix[3][1]   0.01057574 
_atom_sites.fract_transf_matrix[3][2]   -0.00248720 
_atom_sites.fract_transf_matrix[3][3]   -0.00252570 
_atom_sites.fract_transf_vector[1]      0.394428 
_atom_sites.fract_transf_vector[2]      0.199414 
_atom_sites.fract_transf_vector[3]      0.124082 
# 
loop_
_atom_type.symbol 
BR 
C  
FE 
N  
O  
S  
# 
loop_
_atom_site.group_PDB 
_atom_site.id 
_atom_site.type_symbol 
_atom_site.label_atom_id 
_atom_site.label_alt_id 
_atom_site.label_comp_id 
_atom_site.label_asym_id 
_atom_site.label_entity_id 
_atom_site.label_seq_id 
_atom_site.pdbx_PDB_ins_code 
_atom_site.Cartn_x 
_atom_site.Cartn_y 
_atom_site.Cartn_z 
_atom_site.occupancy 
_atom_site.B_iso_or_equiv 
_atom_site.pdbx_formal_charge 
_atom_site.auth_seq_id 
_atom_site.auth_comp_id 
_atom_site.auth_asym_id 
_atom_site.auth_atom_id 
_atom_site.pdbx_PDB_model_num 
ATOM   1    N  N   . ALA A 1 1   ? -7.714  -3.416  12.310  1.00 14.74 ? -5  ALA A N   1 
ATOM   2    C  CA  . ALA A 1 1   ? -6.339  -3.094  12.681  1.00 12.79 ? -5  ALA A CA  1 
ATOM   3    C  C   . ALA A 1 1   ? -6.276  -1.746  13.358  1.00 14.02 ? -5  ALA A C   1 
ATOM   4    O  O   . ALA A 1 1   ? -7.152  -0.898  13.158  1.00 14.39 ? -5  ALA A O   1 
ATOM   5    C  CB  . ALA A 1 1   ? -5.437  -3.119  11.461  1.00 15.70 ? -5  ALA A CB  1 
ATOM   6    N  N   . GLU A 1 2   ? -5.254  -1.564  14.185  1.00 13.88 ? -4  GLU A N   1 
ATOM   7    C  CA  . GLU A 1 2   ? -5.018  -0.294  14.852  1.00 15.14 ? -4  GLU A CA  1 
ATOM   8    C  C   . GLU A 1 2   ? -3.577  0.123   14.625  1.00 15.22 ? -4  GLU A C   1 
ATOM   9    O  O   . GLU A 1 2   ? -2.672  -0.278  15.377  1.00 16.54 ? -4  GLU A O   1 
ATOM   10   C  CB  . GLU A 1 2   ? -5.315  -0.399  16.352  1.00 18.18 ? -4  GLU A CB  1 
ATOM   11   C  CG  . GLU A 1 2   ? -6.720  -0.913  16.669  1.00 20.02 ? -4  GLU A CG  1 
ATOM   12   C  CD  . GLU A 1 2   ? -6.911  -1.220  18.137  1.00 27.94 ? -4  GLU A CD  1 
ATOM   13   O  OE1 . GLU A 1 2   ? -6.601  -2.354  18.554  1.00 31.79 ? -4  GLU A OE1 1 
ATOM   14   O  OE2 . GLU A 1 2   ? -7.374  -0.325  18.871  1.00 33.58 ? -4  GLU A OE2 1 
ATOM   15   N  N   . PHE A 1 3   ? -3.360  0.896   13.567  1.00 15.78 ? -3  PHE A N   1 
ATOM   16   C  CA  . PHE A 1 3   ? -2.025  1.381   13.251  1.00 15.07 ? -3  PHE A CA  1 
ATOM   17   C  C   . PHE A 1 3   ? -1.416  2.121   14.427  1.00 16.22 ? -3  PHE A C   1 
ATOM   18   O  O   . PHE A 1 3   ? -2.087  2.914   15.088  1.00 17.15 ? -3  PHE A O   1 
ATOM   19   C  CB  . PHE A 1 3   ? -2.055  2.301   12.029  1.00 14.23 ? -3  PHE A CB  1 
ATOM   20   C  CG  . PHE A 1 3   ? -0.795  3.119   11.852  1.00 15.59 ? -3  PHE A CG  1 
ATOM   21   C  CD1 . PHE A 1 3   ? 0.344   2.546   11.308  1.00 12.81 ? -3  PHE A CD1 1 
ATOM   22   C  CD2 . PHE A 1 3   ? -0.748  4.448   12.245  1.00 16.37 ? -3  PHE A CD2 1 
ATOM   23   C  CE1 . PHE A 1 3   ? 1.491   3.275   11.144  1.00 12.18 ? -3  PHE A CE1 1 
ATOM   24   C  CE2 . PHE A 1 3   ? 0.414   5.189   12.089  1.00 16.18 ? -3  PHE A CE2 1 
ATOM   25   C  CZ  . PHE A 1 3   ? 1.532   4.599   11.542  1.00 12.86 ? -3  PHE A CZ  1 
ATOM   26   N  N   . LYS A 1 4   ? -0.146  1.848   14.690  1.00 13.24 ? -2  LYS A N   1 
ATOM   27   C  CA  . LYS A 1 4   ? 0.616   2.585   15.690  1.00 18.11 ? -2  LYS A CA  1 
ATOM   28   C  C   . LYS A 1 4   ? 1.940   3.000   15.065  1.00 14.60 ? -2  LYS A C   1 
ATOM   29   O  O   . LYS A 1 4   ? 2.596   2.182   14.411  1.00 15.14 ? -2  LYS A O   1 
ATOM   30   C  CB  . LYS A 1 4   ? 0.848   1.729   16.934  1.00 17.37 ? -2  LYS A CB  1 
ATOM   31   C  CG  . LYS A 1 4   ? 1.741   2.357   17.993  1.00 29.41 ? -2  LYS A CG  1 
ATOM   32   C  CD  . LYS A 1 4   ? 1.924   1.406   19.169  1.00 34.77 ? -2  LYS A CD  1 
ATOM   33   C  CE  . LYS A 1 4   ? 2.819   2.010   20.241  1.00 42.47 ? -2  LYS A CE  1 
ATOM   34   N  NZ  . LYS A 1 4   ? 4.187   2.310   19.730  1.00 46.55 ? -2  LYS A NZ  1 
ATOM   35   N  N   . ALA A 1 5   ? 2.320   4.261   15.247  1.00 17.09 ? -1  ALA A N   1 
ATOM   36   C  CA  . ALA A 1 5   ? 3.509   4.784   14.589  1.00 16.36 ? -1  ALA A CA  1 
ATOM   37   C  C   . ALA A 1 5   ? 4.726   3.977   14.984  1.00 15.83 ? -1  ALA A C   1 
ATOM   38   O  O   . ALA A 1 5   ? 4.903   3.618   16.149  1.00 18.95 ? -1  ALA A O   1 
ATOM   39   C  CB  . ALA A 1 5   ? 3.705   6.262   14.924  1.00 22.32 ? -1  ALA A CB  1 
ATOM   40   N  N   . GLY A 1 6   ? 5.553   3.687   13.992  1.00 14.58 ? 1   GLY A N   1 
ATOM   41   C  CA  . GLY A 1 6   ? 6.765   2.935   14.211  1.00 15.44 ? 1   GLY A CA  1 
ATOM   42   C  C   . GLY A 1 6   ? 7.966   3.674   13.664  1.00 17.77 ? 1   GLY A C   1 
ATOM   43   O  O   . GLY A 1 6   ? 8.068   4.902   13.773  1.00 17.27 ? 1   GLY A O   1 
ATOM   44   N  N   . SER A 1 7   ? 8.873   2.914   13.066  1.00 14.21 ? 2   SER A N   1 
ATOM   45   C  CA  . SER A 1 7   ? 10.116  3.451   12.530  1.00 15.54 ? 2   SER A CA  1 
ATOM   46   C  C   . SER A 1 7   ? 10.052  3.650   11.020  1.00 13.57 ? 2   SER A C   1 
ATOM   47   O  O   . SER A 1 7   ? 9.978   2.668   10.262  1.00 13.66 ? 2   SER A O   1 
ATOM   48   C  CB  . SER A 1 7   ? 11.268  2.517   12.864  1.00 16.14 ? 2   SER A CB  1 
ATOM   49   O  OG  . SER A 1 7   ? 12.431  2.899   12.159  1.00 19.72 ? 2   SER A OG  1 
ATOM   50   N  N   . ALA A 1 8   ? 10.118  4.903   10.575  1.00 13.08 ? 3   ALA A N   1 
ATOM   51   C  CA  . ALA A 1 8   ? 10.138  5.183   9.140   1.00 14.68 ? 3   ALA A CA  1 
ATOM   52   C  C   . ALA A 1 8   ? 11.406  4.622   8.490   1.00 12.62 ? 3   ALA A C   1 
ATOM   53   O  O   . ALA A 1 8   ? 11.389  4.194   7.341   1.00 14.08 ? 3   ALA A O   1 
ATOM   54   C  CB  . ALA A 1 8   ? 10.021  6.669   8.891   1.00 15.09 ? 3   ALA A CB  1 
ATOM   55   N  N   . LYS A 1 9   ? 12.501  4.604   9.245   1.00 14.04 ? 4   LYS A N   1 
ATOM   56   C  CA  . LYS A 1 9   ? 13.753  4.047   8.751   1.00 13.97 ? 4   LYS A CA  1 
ATOM   57   C  C   . LYS A 1 9   ? 13.600  2.577   8.405   1.00 14.85 ? 4   LYS A C   1 
ATOM   58   O  O   . LYS A 1 9   ? 13.956  2.147   7.319   1.00 16.23 ? 4   LYS A O   1 
ATOM   59   C  CB  . LYS A 1 9   ? 14.867  4.233   9.784   1.00 17.22 ? 4   LYS A CB  1 
ATOM   60   C  CG  . LYS A 1 9   ? 16.229  3.752   9.317   1.00 19.25 ? 4   LYS A CG  1 
ATOM   61   C  CD  . LYS A 1 9   ? 17.253  3.882   10.445  1.00 20.53 ? 4   LYS A CD  1 
ATOM   62   C  CE  . LYS A 1 9   ? 18.671  3.604   9.971   1.00 25.38 ? 4   LYS A CE  1 
ATOM   63   N  NZ  . LYS A 1 9   ? 18.900  2.187   9.570   1.00 26.30 ? 4   LYS A NZ  1 
ATOM   64   N  N   . LYS A 1 10  ? 13.047  1.808   9.328   1.00 13.98 ? 5   LYS A N   1 
ATOM   65   C  CA  . LYS A 1 10  ? 12.846  0.399   9.066   1.00 13.53 ? 5   LYS A CA  1 
ATOM   66   C  C   . LYS A 1 10  ? 11.804  0.211   7.967   1.00 14.53 ? 5   LYS A C   1 
ATOM   67   O  O   . LYS A 1 10  ? 11.922  -0.684  7.125   1.00 14.48 ? 5   LYS A O   1 
ATOM   68   C  CB  . LYS A 1 10  ? 12.410  -0.316  10.336  1.00 16.24 ? 5   LYS A CB  1 
ATOM   69   C  CG  . LYS A 1 10  ? 12.306  -1.820  10.197  1.00 17.28 ? 5   LYS A CG  1 
ATOM   70   C  CD  . LYS A 1 10  ? 13.550  -2.420  9.559   1.00 20.96 ? 5   LYS A CD  1 
ATOM   71   C  CE  . LYS A 1 10  ? 13.315  -3.868  9.151   1.00 25.41 ? 5   LYS A CE  1 
ATOM   72   N  NZ  . LYS A 1 10  ? 12.739  -4.654  10.269  1.00 24.69 ? 5   LYS A NZ  1 
ATOM   73   N  N   . GLY A 1 11  ? 10.788  1.065   7.965   1.00 12.80 ? 6   GLY A N   1 
ATOM   74   C  CA  . GLY A 1 11  ? 9.743   0.991   6.958   1.00 12.89 ? 6   GLY A CA  1 
ATOM   75   C  C   . GLY A 1 11  ? 10.285  1.232   5.566   1.00 13.08 ? 6   GLY A C   1 
ATOM   76   O  O   . GLY A 1 11  ? 9.829   0.612   4.604   1.00 13.57 ? 6   GLY A O   1 
ATOM   77   N  N   . ALA A 1 12  ? 11.267  2.120   5.458   1.00 12.84 ? 7   ALA A N   1 
ATOM   78   C  CA  . ALA A 1 12  ? 11.892  2.393   4.169   1.00 14.22 ? 7   ALA A CA  1 
ATOM   79   C  C   . ALA A 1 12  ? 12.619  1.172   3.629   1.00 14.63 ? 7   ALA A C   1 
ATOM   80   O  O   . ALA A 1 12  ? 12.603  0.926   2.416   1.00 16.01 ? 7   ALA A O   1 
ATOM   81   C  CB  . ALA A 1 12  ? 12.847  3.549   4.280   1.00 14.25 ? 7   ALA A CB  1 
ATOM   82   N  N   . THR A 1 13  ? 13.271  0.430   4.515   1.00 14.36 ? 8   THR A N   1 
ATOM   83   C  CA  . THR A 1 13  ? 13.936  -0.813  4.136   1.00 15.69 ? 8   THR A CA  1 
ATOM   84   C  C   . THR A 1 13  ? 12.908  -1.839  3.669   1.00 17.15 ? 8   THR A C   1 
ATOM   85   O  O   . THR A 1 13  ? 13.116  -2.510  2.653   1.00 15.47 ? 8   THR A O   1 
ATOM   86   C  CB  . THR A 1 13  ? 14.750  -1.392  5.297   1.00 18.04 ? 8   THR A CB  1 
ATOM   87   O  OG1 . THR A 1 13  ? 15.878  -0.548  5.547   1.00 22.66 ? 8   THR A OG1 1 
ATOM   88   C  CG2 . THR A 1 13  ? 15.251  -2.780  4.966   1.00 19.47 ? 8   THR A CG2 1 
ATOM   89   N  N   . LEU A 1 14  ? 11.806  -1.965  4.406   1.00 14.58 ? 9   LEU A N   1 
ATOM   90   C  CA  . LEU A 1 14  ? 10.726  -2.854  3.994   1.00 13.02 ? 9   LEU A CA  1 
ATOM   91   C  C   . LEU A 1 14  ? 10.162  -2.433  2.630   1.00 13.85 ? 9   LEU A C   1 
ATOM   92   O  O   . LEU A 1 14  ? 9.909   -3.284  1.772   1.00 14.12 ? 9   LEU A O   1 
ATOM   93   C  CB  . LEU A 1 14  ? 9.620   -2.877  5.057   1.00 14.37 ? 9   LEU A CB  1 
ATOM   94   C  CG  . LEU A 1 14  ? 9.988   -3.619  6.350   1.00 13.63 ? 9   LEU A CG  1 
ATOM   95   C  CD1 . LEU A 1 14  ? 9.014   -3.296  7.463   1.00 15.54 ? 9   LEU A CD1 1 
ATOM   96   C  CD2 . LEU A 1 14  ? 10.001  -5.121  6.093   1.00 19.44 ? 9   LEU A CD2 1 
ATOM   97   N  N   . PHE A 1 15  ? 9.978   -1.141  2.407   1.00 12.95 ? 10  PHE A N   1 
ATOM   98   C  CA  . PHE A 1 15  ? 9.407   -0.719  1.140   1.00 14.27 ? 10  PHE A CA  1 
ATOM   99   C  C   . PHE A 1 15  ? 10.354  -1.015  -0.020  1.00 14.34 ? 10  PHE A C   1 
ATOM   100  O  O   . PHE A 1 15  ? 9.935   -1.520  -1.070  1.00 13.37 ? 10  PHE A O   1 
ATOM   101  C  CB  . PHE A 1 15  ? 9.052   0.767   1.130   1.00 14.46 ? 10  PHE A CB  1 
ATOM   102  C  CG  . PHE A 1 15  ? 8.302   1.172   -0.114  1.00 13.91 ? 10  PHE A CG  1 
ATOM   103  C  CD1 . PHE A 1 15  ? 8.986   1.554   -1.261  1.00 15.18 ? 10  PHE A CD1 1 
ATOM   104  C  CD2 . PHE A 1 15  ? 6.909   1.130   -0.153  1.00 14.73 ? 10  PHE A CD2 1 
ATOM   105  C  CE1 . PHE A 1 15  ? 8.301   1.900   -2.410  1.00 17.45 ? 10  PHE A CE1 1 
ATOM   106  C  CE2 . PHE A 1 15  ? 6.222   1.473   -1.312  1.00 15.49 ? 10  PHE A CE2 1 
ATOM   107  C  CZ  . PHE A 1 15  ? 6.913   1.852   -2.431  1.00 15.55 ? 10  PHE A CZ  1 
ATOM   108  N  N   . LYS A 1 16  ? 11.626  -0.684  0.161   1.00 13.57 ? 11  LYS A N   1 
ATOM   109  C  CA  . LYS A 1 16  ? 12.619  -0.931  -0.872  1.00 15.37 ? 11  LYS A CA  1 
ATOM   110  C  C   . LYS A 1 16  ? 12.655  -2.407  -1.241  1.00 15.76 ? 11  LYS A C   1 
ATOM   111  O  O   . LYS A 1 16  ? 12.595  -2.769  -2.423  1.00 14.95 ? 11  LYS A O   1 
ATOM   112  C  CB  . LYS A 1 16  ? 14.010  -0.475  -0.412  1.00 15.98 ? 11  LYS A CB  1 
ATOM   113  C  CG  . LYS A 1 16  ? 15.111  -0.864  -1.407  1.00 15.74 ? 11  LYS A CG  1 
ATOM   114  C  CD  . LYS A 1 16  ? 16.490  -0.430  -0.954  1.00 24.80 ? 11  LYS A CD  1 
ATOM   115  C  CE  . LYS A 1 16  ? 16.661  1.069   -1.066  1.00 32.03 ? 11  LYS A CE  1 
ATOM   116  N  NZ  . LYS A 1 16  ? 18.056  1.490   -0.729  1.00 39.71 ? 11  LYS A NZ  1 
ATOM   117  N  N   . THR A 1 17  ? 12.725  -3.267  -0.234  1.00 13.53 ? 12  THR A N   1 
ATOM   118  C  CA  . THR A 1 17  ? 12.985  -4.672  -0.475  1.00 15.41 ? 12  THR A CA  1 
ATOM   119  C  C   . THR A 1 17  ? 11.730  -5.435  -0.870  1.00 15.79 ? 12  THR A C   1 
ATOM   120  O  O   . THR A 1 17  ? 11.833  -6.506  -1.476  1.00 16.04 ? 12  THR A O   1 
ATOM   121  C  CB  . THR A 1 17  ? 13.617  -5.345  0.759   1.00 17.46 ? 12  THR A CB  1 
ATOM   122  O  OG1 . THR A 1 17  ? 12.783  -5.133  1.909   1.00 16.62 ? 12  THR A OG1 1 
ATOM   123  C  CG2 . THR A 1 17  ? 15.008  -4.777  1.031   1.00 19.98 ? 12  THR A CG2 1 
ATOM   124  N  N   . ARG A 1 18  ? 10.544  -4.888  -0.570  1.00 13.97 ? 13  ARG A N   1 
ATOM   125  C  CA  . ARG A 1 18  ? 9.309   -5.640  -0.802  1.00 14.73 ? 13  ARG A CA  1 
ATOM   126  C  C   . ARG A 1 18  ? 8.289   -4.986  -1.728  1.00 15.81 ? 13  ARG A C   1 
ATOM   127  O  O   . ARG A 1 18  ? 7.410   -5.683  -2.254  1.00 18.27 ? 13  ARG A O   1 
ATOM   128  C  CB  . ARG A 1 18  ? 8.596   -5.927  0.523   1.00 14.84 ? 13  ARG A CB  1 
ATOM   129  C  CG  . ARG A 1 18  ? 9.398   -6.660  1.567   1.00 14.64 ? 13  ARG A CG  1 
ATOM   130  C  CD  . ARG A 1 18  ? 9.965   -7.966  1.032   1.00 16.71 ? 13  ARG A CD  1 
ATOM   131  N  NE  . ARG A 1 18  ? 8.944   -8.873  0.507   1.00 16.49 ? 13  ARG A NE  1 
ATOM   132  C  CZ  . ARG A 1 18  ? 8.119   -9.604  1.243   1.00 16.79 ? 13  ARG A CZ  1 
ATOM   133  N  NH1 . ARG A 1 18  ? 8.158   -9.530  2.565   1.00 16.66 ? 13  ARG A NH1 1 
ATOM   134  N  NH2 . ARG A 1 18  ? 7.245   -10.409 0.644   1.00 18.22 ? 13  ARG A NH2 1 
ATOM   135  N  N   . CYS A 1 19  ? 8.379   -3.675  -1.919  1.00 13.19 ? 14  CYS A N   1 
ATOM   136  C  CA  . CYS A 1 19  ? 7.343   -2.951  -2.652  1.00 13.17 ? 14  CYS A CA  1 
ATOM   137  C  C   . CYS A 1 19  ? 7.842   -2.200  -3.868  1.00 12.81 ? 14  CYS A C   1 
ATOM   138  O  O   . CYS A 1 19  ? 7.103   -2.056  -4.845  1.00 13.04 ? 14  CYS A O   1 
ATOM   139  C  CB  . CYS A 1 19  ? 6.642   -1.935  -1.743  1.00 12.41 ? 14  CYS A CB  1 
ATOM   140  S  SG  . CYS A 1 19  ? 6.150   -2.466  -0.100  1.00 12.98 ? 14  CYS A SG  1 
ATOM   141  N  N   . LEU A 1 20  ? 9.055   -1.656  -3.769  1.00 13.66 ? 15  LEU A N   1 
ATOM   142  C  CA  . LEU A 1 20  ? 9.602   -0.749  -4.769  1.00 14.00 ? 15  LEU A CA  1 
ATOM   143  C  C   . LEU A 1 20  ? 9.675   -1.368  -6.169  1.00 13.67 ? 15  LEU A C   1 
ATOM   144  O  O   . LEU A 1 20  ? 9.525   -0.669  -7.166  1.00 14.47 ? 15  LEU A O   1 
ATOM   145  C  CB  . LEU A 1 20  ? 10.985  -0.282  -4.316  1.00 14.19 ? 15  LEU A CB  1 
ATOM   146  C  CG  . LEU A 1 20  ? 11.734  0.599   -5.305  1.00 14.07 ? 15  LEU A CG  1 
ATOM   147  C  CD1 . LEU A 1 20  ? 10.959  1.895   -5.579  1.00 17.88 ? 15  LEU A CD1 1 
ATOM   148  C  CD2 . LEU A 1 20  ? 13.130  0.892   -4.791  1.00 17.38 ? 15  LEU A CD2 1 
ATOM   149  N  N   . GLN A 1 21  ? 9.883   -2.671  -6.221  1.00 14.00 ? 16  GLN A N   1 
ATOM   150  C  CA  . GLN A 1 21  ? 9.845   -3.406  -7.488  1.00 14.44 ? 16  GLN A CA  1 
ATOM   151  C  C   . GLN A 1 21  ? 8.598   -3.093  -8.314  1.00 15.71 ? 16  GLN A C   1 
ATOM   152  O  O   . GLN A 1 21  ? 8.665   -2.986  -9.547  1.00 17.19 ? 16  GLN A O   1 
ATOM   153  C  CB  . GLN A 1 21  ? 9.920   -4.902  -7.212  1.00 18.29 ? 16  GLN A CB  1 
ATOM   154  C  CG  . GLN A 1 21  ? 9.691   -5.784  -8.418  1.00 22.22 ? 16  GLN A CG  1 
ATOM   155  C  CD  . GLN A 1 21  ? 9.369   -7.204  -8.019  1.00 21.87 ? 16  GLN A CD  1 
ATOM   156  O  OE1 . GLN A 1 21  ? 9.740   -7.658  -6.927  1.00 28.85 ? 16  GLN A OE1 1 
ATOM   157  N  NE2 . GLN A 1 21  ? 8.668   -7.916  -8.889  1.00 32.50 ? 16  GLN A NE2 1 
ATOM   158  N  N   . CYS A 1 22  ? 7.465   -2.920  -7.629  1.00 13.59 ? 17  CYS A N   1 
ATOM   159  C  CA  . CYS A 1 22  ? 6.183   -2.733  -8.302  1.00 14.76 ? 17  CYS A CA  1 
ATOM   160  C  C   . CYS A 1 22  ? 5.562   -1.347  -8.154  1.00 13.47 ? 17  CYS A C   1 
ATOM   161  O  O   . CYS A 1 22  ? 4.606   -1.020  -8.857  1.00 15.99 ? 17  CYS A O   1 
ATOM   162  C  CB  . CYS A 1 22  ? 5.200   -3.770  -7.797  1.00 14.69 ? 17  CYS A CB  1 
ATOM   163  S  SG  . CYS A 1 22  ? 5.733   -5.440  -8.239  1.00 19.00 ? 17  CYS A SG  1 
ATOM   164  N  N   . HIS A 1 23  ? 6.112   -0.514  -7.267  1.00 13.65 ? 18  HIS A N   1 
ATOM   165  C  CA  . HIS A 1 23  ? 5.490   0.753   -6.918  1.00 13.89 ? 18  HIS A CA  1 
ATOM   166  C  C   . HIS A 1 23  ? 6.492   1.876   -6.757  1.00 14.60 ? 18  HIS A C   1 
ATOM   167  O  O   . HIS A 1 23  ? 7.505   1.700   -6.087  1.00 16.58 ? 18  HIS A O   1 
ATOM   168  C  CB  . HIS A 1 23  ? 4.751   0.651   -5.585  1.00 14.32 ? 18  HIS A CB  1 
ATOM   169  C  CG  . HIS A 1 23  ? 3.546   -0.226  -5.601  1.00 13.36 ? 18  HIS A CG  1 
ATOM   170  N  ND1 . HIS A 1 23  ? 2.360   0.136   -6.216  1.00 12.57 ? 18  HIS A ND1 1 
ATOM   171  C  CD2 . HIS A 1 23  ? 3.328   -1.435  -5.035  1.00 12.30 ? 18  HIS A CD2 1 
ATOM   172  C  CE1 . HIS A 1 23  ? 1.473   -0.824  -6.027  1.00 13.61 ? 18  HIS A CE1 1 
ATOM   173  N  NE2 . HIS A 1 23  ? 2.034   -1.790  -5.317  1.00 12.70 ? 18  HIS A NE2 1 
ATOM   174  N  N   . THR A 1 24  ? 6.156   3.048   -7.273  1.00 13.10 ? 19  THR A N   1 
ATOM   175  C  CA  . THR A 1 24  ? 6.855   4.274   -6.912  1.00 15.32 ? 19  THR A CA  1 
ATOM   176  C  C   . THR A 1 24  ? 6.002   5.126   -5.955  1.00 14.83 ? 19  THR A C   1 
ATOM   177  O  O   . THR A 1 24  ? 4.781   4.922   -5.850  1.00 13.95 ? 19  THR A O   1 
ATOM   178  C  CB  . THR A 1 24  ? 7.204   5.100   -8.166  1.00 16.44 ? 19  THR A CB  1 
ATOM   179  O  OG1 . THR A 1 24  ? 6.004   5.501   -8.835  1.00 16.73 ? 19  THR A OG1 1 
ATOM   180  C  CG2 . THR A 1 24  ? 8.069   4.287   -9.120  1.00 19.30 ? 19  THR A CG2 1 
ATOM   181  N  N   . VAL A 1 25  ? 6.632   6.071   -5.261  1.00 13.88 ? 20  VAL A N   1 
ATOM   182  C  CA  . VAL A 1 25  ? 5.911   6.824   -4.231  1.00 16.67 ? 20  VAL A CA  1 
ATOM   183  C  C   . VAL A 1 25  ? 5.847   8.320   -4.484  1.00 14.15 ? 20  VAL A C   1 
ATOM   184  O  O   . VAL A 1 25  ? 5.009   9.009   -3.920  1.00 14.30 ? 20  VAL A O   1 
ATOM   185  C  CB  . VAL A 1 25  ? 6.523   6.632   -2.833  1.00 14.88 ? 20  VAL A CB  1 
ATOM   186  C  CG1 . VAL A 1 25  ? 6.343   5.186   -2.364  1.00 16.15 ? 20  VAL A CG1 1 
ATOM   187  C  CG2 . VAL A 1 25  ? 7.993   7.043   -2.816  1.00 19.97 ? 20  VAL A CG2 1 
ATOM   188  N  N   . GLU A 1 26  ? 6.719   8.820   -5.359  1.00 15.62 ? 21  GLU A N   1 
ATOM   189  C  CA  . GLU A 1 26  ? 6.853   10.265  -5.543  1.00 15.83 ? 21  GLU A CA  1 
ATOM   190  C  C   . GLU A 1 26  ? 5.753   10.845  -6.428  1.00 13.95 ? 21  GLU A C   1 
ATOM   191  O  O   . GLU A 1 26  ? 5.153   10.144  -7.251  1.00 14.63 ? 21  GLU A O   1 
ATOM   192  C  CB  . GLU A 1 26  ? 8.237   10.603  -6.118  1.00 16.85 ? 21  GLU A CB  1 
ATOM   193  C  CG  . GLU A 1 26  ? 8.412   10.253  -7.594  1.00 19.94 ? 21  GLU A CG  1 
ATOM   194  C  CD  . GLU A 1 26  ? 8.953   8.855   -7.811  1.00 24.54 ? 21  GLU A CD  1 
ATOM   195  O  OE1 . GLU A 1 26  ? 9.383   8.559   -8.950  1.00 24.64 ? 21  GLU A OE1 1 
ATOM   196  O  OE2 . GLU A 1 26  ? 8.963   8.052   -6.851  1.00 23.74 ? 21  GLU A OE2 1 
ATOM   197  N  N   . LYS A 1 27  ? 5.476   12.127  -6.248  1.00 14.51 ? 22  LYS A N   1 
ATOM   198  C  CA  . LYS A 1 27  ? 4.485   12.790  -7.082  1.00 18.26 ? 22  LYS A CA  1 
ATOM   199  C  C   . LYS A 1 27  ? 4.892   12.731  -8.559  1.00 18.53 ? 22  LYS A C   1 
ATOM   200  O  O   . LYS A 1 27  ? 6.040   13.020  -8.924  1.00 18.74 ? 22  LYS A O   1 
ATOM   201  C  CB  . LYS A 1 27  ? 4.294   14.237  -6.628  1.00 22.01 ? 22  LYS A CB  1 
ATOM   202  C  CG  . LYS A 1 27  ? 3.326   15.034  -7.478  1.00 25.17 ? 22  LYS A CG  1 
ATOM   203  C  CD  . LYS A 1 27  ? 3.284   16.498  -7.050  1.00 30.11 ? 22  LYS A CD  1 
ATOM   204  C  CE  . LYS A 1 27  ? 4.566   17.228  -7.444  1.00 30.88 ? 22  LYS A CE  1 
ATOM   205  N  NZ  . LYS A 1 27  ? 4.551   18.650  -6.996  1.00 32.48 ? 22  LYS A NZ  1 
ATOM   206  N  N   . GLY A 1 28  ? 3.961   12.309  -9.407  1.00 14.92 ? 23  GLY A N   1 
ATOM   207  C  CA  . GLY A 1 28  ? 4.235   12.149  -10.825 1.00 19.00 ? 23  GLY A CA  1 
ATOM   208  C  C   . GLY A 1 28  ? 5.156   10.991  -11.153 1.00 18.73 ? 23  GLY A C   1 
ATOM   209  O  O   . GLY A 1 28  ? 5.720   10.925  -12.248 1.00 18.70 ? 23  GLY A O   1 
ATOM   210  N  N   . GLY A 1 29  ? 5.308   10.054  -10.218 1.00 15.51 ? 24  GLY A N   1 
ATOM   211  C  CA  . GLY A 1 29  ? 6.123   8.878   -10.452 1.00 17.44 ? 24  GLY A CA  1 
ATOM   212  C  C   . GLY A 1 29  ? 5.452   7.903   -11.402 1.00 16.97 ? 24  GLY A C   1 
ATOM   213  O  O   . GLY A 1 29  ? 4.229   7.913   -11.538 1.00 16.27 ? 24  GLY A O   1 
ATOM   214  N  N   . PRO A 1 30  ? 6.248   7.045   -12.048 1.00 16.71 ? 25  PRO A N   1 
ATOM   215  C  CA  . PRO A 1 30  ? 5.737   6.105   -13.051 1.00 19.46 ? 25  PRO A CA  1 
ATOM   216  C  C   . PRO A 1 30  ? 5.014   4.913   -12.455 1.00 19.67 ? 25  PRO A C   1 
ATOM   217  O  O   . PRO A 1 30  ? 5.176   4.586   -11.286 1.00 16.29 ? 25  PRO A O   1 
ATOM   218  C  CB  . PRO A 1 30  ? 7.009   5.641   -13.760 1.00 21.37 ? 25  PRO A CB  1 
ATOM   219  C  CG  . PRO A 1 30  ? 8.031   5.664   -12.683 1.00 19.09 ? 25  PRO A CG  1 
ATOM   220  C  CD  . PRO A 1 30  ? 7.694   6.855   -11.814 1.00 19.27 ? 25  PRO A CD  1 
ATOM   221  N  N   . HIS A 1 31  ? 4.219   4.263   -13.286 1.00 19.12 ? 26  HIS A N   1 
ATOM   222  C  CA  . HIS A 1 31  ? 3.602   3.000   -12.935 1.00 17.64 ? 26  HIS A CA  1 
ATOM   223  C  C   . HIS A 1 31  ? 4.512   1.862   -13.328 1.00 20.94 ? 26  HIS A C   1 
ATOM   224  O  O   . HIS A 1 31  ? 4.709   1.608   -14.518 1.00 28.44 ? 26  HIS A O   1 
ATOM   225  C  CB  . HIS A 1 31  ? 2.261   2.843   -13.632 1.00 18.38 ? 26  HIS A CB  1 
ATOM   226  C  CG  . HIS A 1 31  ? 1.296   3.932   -13.314 1.00 18.38 ? 26  HIS A CG  1 
ATOM   227  N  ND1 . HIS A 1 31  ? 0.989   4.295   -12.023 1.00 17.90 ? 26  HIS A ND1 1 
ATOM   228  C  CD2 . HIS A 1 31  ? 0.557   4.735   -14.116 1.00 18.34 ? 26  HIS A CD2 1 
ATOM   229  C  CE1 . HIS A 1 31  ? 0.106   5.275   -12.039 1.00 17.07 ? 26  HIS A CE1 1 
ATOM   230  N  NE2 . HIS A 1 31  ? -0.176  5.561   -13.299 1.00 21.09 ? 26  HIS A NE2 1 
ATOM   231  N  N   . LYS A 1 32  ? 5.077   1.167   -12.355 1.00 24.41 ? 27  LYS A N   1 
ATOM   232  C  CA  . LYS A 1 32  ? 5.829   -0.031  -12.677 1.00 22.75 ? 27  LYS A CA  1 
ATOM   233  C  C   . LYS A 1 32  ? 4.808   -1.158  -12.848 1.00 27.61 ? 27  LYS A C   1 
ATOM   234  O  O   . LYS A 1 32  ? 3.863   -1.031  -13.632 1.00 35.50 ? 27  LYS A O   1 
ATOM   235  C  CB  . LYS A 1 32  ? 6.874   -0.318  -11.597 1.00 25.01 ? 27  LYS A CB  1 
ATOM   236  C  CG  . LYS A 1 32  ? 7.845   0.849   -11.423 1.00 20.35 ? 27  LYS A CG  1 
ATOM   237  C  CD  . LYS A 1 32  ? 8.693   0.767   -10.155 1.00 24.17 ? 27  LYS A CD  1 
ATOM   238  C  CE  . LYS A 1 32  ? 9.912   -0.120  -10.340 1.00 24.46 ? 27  LYS A CE  1 
ATOM   239  N  NZ  . LYS A 1 32  ? 10.850  -0.014  -9.188  1.00 24.78 ? 27  LYS A NZ  1 
ATOM   240  N  N   . VAL A 1 33  ? 4.971   -2.250  -12.120 1.00 28.92 ? 28  VAL A N   1 
ATOM   241  C  CA  . VAL A 1 33  ? 3.984   -3.316  -12.175 1.00 30.34 ? 28  VAL A CA  1 
ATOM   242  C  C   . VAL A 1 33  ? 2.653   -2.816  -11.589 1.00 26.06 ? 28  VAL A C   1 
ATOM   243  O  O   . VAL A 1 33  ? 1.598   -2.967  -12.205 1.00 25.07 ? 28  VAL A O   1 
ATOM   244  C  CB  . VAL A 1 33  ? 4.481   -4.559  -11.431 1.00 24.73 ? 28  VAL A CB  1 
ATOM   245  C  CG1 . VAL A 1 33  ? 3.474   -5.679  -11.530 1.00 25.68 ? 28  VAL A CG1 1 
ATOM   246  C  CG2 . VAL A 1 33  ? 5.837   -4.993  -11.988 1.00 28.37 ? 28  VAL A CG2 1 
ATOM   247  N  N   . GLY A 1 34  ? 2.718   -2.194  -10.414 1.00 18.93 ? 29  GLY A N   1 
ATOM   248  C  CA  . GLY A 1 34  ? 1.560   -1.586  -9.782  1.00 17.45 ? 29  GLY A CA  1 
ATOM   249  C  C   . GLY A 1 34  ? 1.530   -0.078  -9.951  1.00 15.79 ? 29  GLY A C   1 
ATOM   250  O  O   . GLY A 1 34  ? 2.438   0.515   -10.545 1.00 14.89 ? 29  GLY A O   1 
ATOM   251  N  N   . PRO A 1 35  ? 0.485   0.566   -9.435  1.00 14.18 ? 30  PRO A N   1 
ATOM   252  C  CA  . PRO A 1 35  ? 0.323   2.012   -9.572  1.00 16.50 ? 30  PRO A CA  1 
ATOM   253  C  C   . PRO A 1 35  ? 1.283   2.801   -8.698  1.00 15.16 ? 30  PRO A C   1 
ATOM   254  O  O   . PRO A 1 35  ? 1.650   2.351   -7.614  1.00 14.40 ? 30  PRO A O   1 
ATOM   255  C  CB  . PRO A 1 35  ? -1.118  2.245   -9.107  1.00 14.80 ? 30  PRO A CB  1 
ATOM   256  C  CG  . PRO A 1 35  ? -1.400  1.064   -8.209  1.00 15.41 ? 30  PRO A CG  1 
ATOM   257  C  CD  . PRO A 1 35  ? -0.695  -0.072  -8.826  1.00 17.01 ? 30  PRO A CD  1 
ATOM   258  N  N   . ASN A 1 36  ? 1.667   3.977   -9.176  1.00 14.46 ? 31  ASN A N   1 
ATOM   259  C  CA  . ASN A 1 36  ? 2.275   4.973   -8.310  1.00 15.93 ? 31  ASN A CA  1 
ATOM   260  C  C   . ASN A 1 36  ? 1.392   5.205   -7.084  1.00 13.44 ? 31  ASN A C   1 
ATOM   261  O  O   . ASN A 1 36  ? 0.160   5.250   -7.206  1.00 15.09 ? 31  ASN A O   1 
ATOM   262  C  CB  . ASN A 1 36  ? 2.484   6.282   -9.080  1.00 15.96 ? 31  ASN A CB  1 
ATOM   263  C  CG  . ASN A 1 36  ? 2.870   7.435   -8.176  1.00 12.17 ? 31  ASN A CG  1 
ATOM   264  O  OD1 . ASN A 1 36  ? 2.020   8.195   -7.734  1.00 15.41 ? 31  ASN A OD1 1 
ATOM   265  N  ND2 . ASN A 1 36  ? 4.166   7.579   -7.922  1.00 15.13 ? 31  ASN A ND2 1 
ATOM   266  N  N   . LEU A 1 37  ? 2.016   5.416   -5.928  1.00 13.31 ? 32  LEU A N   1 
ATOM   267  C  CA  . LEU A 1 37  ? 1.259   5.489   -4.679  1.00 13.08 ? 32  LEU A CA  1 
ATOM   268  C  C   . LEU A 1 37  ? 1.210   6.885   -4.051  1.00 16.37 ? 32  LEU A C   1 
ATOM   269  O  O   . LEU A 1 37  ? 0.739   7.047   -2.920  1.00 14.10 ? 32  LEU A O   1 
ATOM   270  C  CB  . LEU A 1 37  ? 1.841   4.496   -3.676  1.00 13.53 ? 32  LEU A CB  1 
ATOM   271  C  CG  . LEU A 1 37  ? 1.763   3.013   -4.013  1.00 12.60 ? 32  LEU A CG  1 
ATOM   272  C  CD1 . LEU A 1 37  ? 2.498   2.214   -2.954  1.00 12.23 ? 32  LEU A CD1 1 
ATOM   273  C  CD2 . LEU A 1 37  ? 0.329   2.537   -4.167  1.00 14.92 ? 32  LEU A CD2 1 
ATOM   274  N  N   . HIS A 1 38  ? 1.689   7.906   -4.762  1.00 13.21 ? 33  HIS A N   1 
ATOM   275  C  CA  . HIS A 1 38  ? 1.609   9.259   -4.226  1.00 13.40 ? 33  HIS A CA  1 
ATOM   276  C  C   . HIS A 1 38  ? 0.163   9.618   -3.950  1.00 15.52 ? 33  HIS A C   1 
ATOM   277  O  O   . HIS A 1 38  ? -0.703  9.386   -4.792  1.00 16.41 ? 33  HIS A O   1 
ATOM   278  C  CB  . HIS A 1 38  ? 2.224   10.288  -5.180  1.00 16.12 ? 33  HIS A CB  1 
ATOM   279  C  CG  . HIS A 1 38  ? 2.058   11.701  -4.712  1.00 18.25 ? 33  HIS A CG  1 
ATOM   280  N  ND1 . HIS A 1 38  ? 2.870   12.271  -3.759  1.00 22.18 ? 33  HIS A ND1 1 
ATOM   281  C  CD2 . HIS A 1 38  ? 1.140   12.642  -5.038  1.00 19.71 ? 33  HIS A CD2 1 
ATOM   282  C  CE1 . HIS A 1 38  ? 2.472   13.510  -3.528  1.00 23.87 ? 33  HIS A CE1 1 
ATOM   283  N  NE2 . HIS A 1 38  ? 1.428   13.761  -4.295  1.00 27.64 ? 33  HIS A NE2 1 
ATOM   284  N  N   . GLY A 1 39  ? -0.081  10.167  -2.762  1.00 15.34 ? 34  GLY A N   1 
ATOM   285  C  CA  . GLY A 1 39  ? -1.426  10.539  -2.349  1.00 18.06 ? 34  GLY A CA  1 
ATOM   286  C  C   . GLY A 1 39  ? -2.386  9.384   -2.094  1.00 18.65 ? 34  GLY A C   1 
ATOM   287  O  O   . GLY A 1 39  ? -3.609  9.575   -2.126  1.00 22.84 ? 34  GLY A O   1 
ATOM   288  N  N   . ILE A 1 40  ? -1.855  8.192   -1.840  1.00 17.93 ? 35  ILE A N   1 
ATOM   289  C  CA  . ILE A 1 40  ? -2.717  7.031   -1.633  1.00 17.53 ? 35  ILE A CA  1 
ATOM   290  C  C   . ILE A 1 40  ? -3.602  7.202   -0.382  1.00 16.65 ? 35  ILE A C   1 
ATOM   291  O  O   . ILE A 1 40  ? -4.775  6.820   -0.411  1.00 18.24 ? 35  ILE A O   1 
ATOM   292  C  CB  . ILE A 1 40  ? -1.891  5.709   -1.540  1.00 16.93 ? 35  ILE A CB  1 
ATOM   293  C  CG1 . ILE A 1 40  ? -2.806  4.480   -1.521  1.00 19.36 ? 35  ILE A CG1 1 
ATOM   294  C  CG2 . ILE A 1 40  ? -0.949  5.718   -0.353  1.00 16.05 ? 35  ILE A CG2 1 
ATOM   295  C  CD1 . ILE A 1 40  ? -3.557  4.288   -2.776  1.00 18.28 ? 35  ILE A CD1 1 
ATOM   296  N  N   . PHE A 1 41  ? -3.059  7.787   0.686   1.00 15.74 ? 36  PHE A N   1 
ATOM   297  C  CA  . PHE A 1 41  ? -3.836  7.979   1.917   1.00 16.50 ? 36  PHE A CA  1 
ATOM   298  C  C   . PHE A 1 41  ? -4.788  9.142   1.767   1.00 23.19 ? 36  PHE A C   1 
ATOM   299  O  O   . PHE A 1 41  ? -4.369  10.292  1.611   1.00 24.44 ? 36  PHE A O   1 
ATOM   300  C  CB  . PHE A 1 41  ? -2.927  8.186   3.125   1.00 19.61 ? 36  PHE A CB  1 
ATOM   301  C  CG  . PHE A 1 41  ? -2.134  6.973   3.490   1.00 18.75 ? 36  PHE A CG  1 
ATOM   302  C  CD1 . PHE A 1 41  ? -2.721  5.911   4.164   1.00 17.16 ? 36  PHE A CD1 1 
ATOM   303  C  CD2 . PHE A 1 41  ? -0.799  6.891   3.162   1.00 16.91 ? 36  PHE A CD2 1 
ATOM   304  C  CE1 . PHE A 1 41  ? -1.988  4.795   4.494   1.00 19.61 ? 36  PHE A CE1 1 
ATOM   305  C  CE2 . PHE A 1 41  ? -0.059  5.776   3.483   1.00 17.23 ? 36  PHE A CE2 1 
ATOM   306  C  CZ  . PHE A 1 41  ? -0.655  4.723   4.166   1.00 16.13 ? 36  PHE A CZ  1 
ATOM   307  N  N   . GLY A 1 42  ? -6.076  8.833   1.839   1.00 22.52 ? 37  GLY A N   1 
ATOM   308  C  CA  . GLY A 1 42  ? -7.113  9.813   1.591   1.00 24.52 ? 37  GLY A CA  1 
ATOM   309  C  C   . GLY A 1 42  ? -7.737  9.652   0.215   1.00 26.59 ? 37  GLY A C   1 
ATOM   310  O  O   . GLY A 1 42  ? -8.663  10.385  -0.126  1.00 32.33 ? 37  GLY A O   1 
ATOM   311  N  N   . ARG A 1 43  ? -7.233  8.705   -0.578  1.00 24.43 ? 38  ARG A N   1 
ATOM   312  C  CA  . ARG A 1 43  ? -7.791  8.409   -1.905  1.00 21.93 ? 38  ARG A CA  1 
ATOM   313  C  C   . ARG A 1 43  ? -8.482  7.032   -1.903  1.00 21.41 ? 38  ARG A C   1 
ATOM   314  O  O   . ARG A 1 43  ? -8.166  6.200   -1.066  1.00 20.16 ? 38  ARG A O   1 
ATOM   315  C  CB  . ARG A 1 43  ? -6.687  8.455   -2.976  1.00 27.16 ? 38  ARG A CB  1 
ATOM   316  C  CG  . ARG A 1 43  ? -7.163  8.146   -4.404  1.00 22.80 ? 38  ARG A CG  1 
ATOM   317  C  CD  . ARG A 1 43  ? -6.139  8.511   -5.463  1.00 27.19 ? 38  ARG A CD  1 
ATOM   318  N  NE  . ARG A 1 43  ? -5.016  7.582   -5.521  1.00 24.36 ? 38  ARG A NE  1 
ATOM   319  C  CZ  . ARG A 1 43  ? -3.750  7.977   -5.521  1.00 23.83 ? 38  ARG A CZ  1 
ATOM   320  N  NH1 . ARG A 1 43  ? -2.768  7.090   -5.578  1.00 25.00 ? 38  ARG A NH1 1 
ATOM   321  N  NH2 . ARG A 1 43  ? -3.477  9.274   -5.459  1.00 22.77 ? 38  ARG A NH2 1 
ATOM   322  N  N   . HIS A 1 44  ? -9.417  6.798   -2.829  1.00 17.60 ? 39  HIS A N   1 
ATOM   323  C  CA  . HIS A 1 44  ? -10.042 5.471   -2.984  1.00 18.80 ? 39  HIS A CA  1 
ATOM   324  C  C   . HIS A 1 44  ? -9.249  4.498   -3.855  1.00 21.69 ? 39  HIS A C   1 
ATOM   325  O  O   . HIS A 1 44  ? -8.504  4.909   -4.739  1.00 17.98 ? 39  HIS A O   1 
ATOM   326  C  CB  . HIS A 1 44  ? -11.451 5.600   -3.567  1.00 23.04 ? 39  HIS A CB  1 
ATOM   327  C  CG  . HIS A 1 44  ? -12.442 6.186   -2.617  1.00 23.79 ? 39  HIS A CG  1 
ATOM   328  N  ND1 . HIS A 1 44  ? -12.489 7.533   -2.325  1.00 26.65 ? 39  HIS A ND1 1 
ATOM   329  C  CD2 . HIS A 1 44  ? -13.419 5.610   -1.877  1.00 26.53 ? 39  HIS A CD2 1 
ATOM   330  C  CE1 . HIS A 1 44  ? -13.455 7.763   -1.457  1.00 29.80 ? 39  HIS A CE1 1 
ATOM   331  N  NE2 . HIS A 1 44  ? -14.035 6.611   -1.167  1.00 28.06 ? 39  HIS A NE2 1 
ATOM   332  N  N   . SER A 1 45  ? -9.429  3.201   -3.635  1.00 20.08 ? 40  SER A N   1 
ATOM   333  C  CA  . SER A 1 45  ? -8.708  2.213   -4.422  1.00 21.45 ? 40  SER A CA  1 
ATOM   334  C  C   . SER A 1 45  ? -9.090  2.307   -5.894  1.00 18.90 ? 40  SER A C   1 
ATOM   335  O  O   . SER A 1 45  ? -10.216 2.673   -6.233  1.00 23.44 ? 40  SER A O   1 
ATOM   336  C  CB  . SER A 1 45  ? -8.968  0.793   -3.905  1.00 19.01 ? 40  SER A CB  1 
ATOM   337  O  OG  . SER A 1 45  ? -10.345 0.454   -3.979  1.00 20.06 ? 40  SER A OG  1 
ATOM   338  N  N   . GLY A 1 46  ? -8.139  2.003   -6.769  1.00 22.18 ? 41  GLY A N   1 
ATOM   339  C  CA  . GLY A 1 46  ? -8.400  1.955   -8.195  1.00 23.87 ? 41  GLY A CA  1 
ATOM   340  C  C   . GLY A 1 46  ? -8.512  3.286   -8.907  1.00 25.41 ? 41  GLY A C   1 
ATOM   341  O  O   . GLY A 1 46  ? -9.141  3.350   -9.960  1.00 23.86 ? 41  GLY A O   1 
ATOM   342  N  N   . GLN A 1 47  ? -7.888  4.332   -8.363  1.00 21.50 ? 42  GLN A N   1 
ATOM   343  C  CA  . GLN A 1 47  ? -8.072  5.687   -8.889  1.00 24.98 ? 42  GLN A CA  1 
ATOM   344  C  C   . GLN A 1 47  ? -6.793  6.518   -9.122  1.00 26.13 ? 42  GLN A C   1 
ATOM   345  O  O   . GLN A 1 47  ? -6.864  7.745   -9.246  1.00 28.27 ? 42  GLN A O   1 
ATOM   346  C  CB  . GLN A 1 47  ? -9.011  6.454   -7.955  1.00 23.00 ? 42  GLN A CB  1 
ATOM   347  C  CG  . GLN A 1 47  ? -10.439 5.895   -7.935  1.00 23.17 ? 42  GLN A CG  1 
ATOM   348  C  CD  . GLN A 1 47  ? -11.378 6.684   -7.036  1.00 29.69 ? 42  GLN A CD  1 
ATOM   349  O  OE1 . GLN A 1 47  ? -10.968 7.633   -6.364  1.00 33.94 ? 42  GLN A OE1 1 
ATOM   350  N  NE2 . GLN A 1 47  ? -12.650 6.292   -7.022  1.00 34.53 ? 42  GLN A NE2 1 
ATOM   351  N  N   . ALA A 1 48  ? -5.633  5.875   -9.189  1.00 24.46 ? 43  ALA A N   1 
ATOM   352  C  CA  . ALA A 1 48  ? -4.423  6.588   -9.614  1.00 23.43 ? 43  ALA A CA  1 
ATOM   353  C  C   . ALA A 1 48  ? -4.528  6.899   -11.103 1.00 23.34 ? 43  ALA A C   1 
ATOM   354  O  O   . ALA A 1 48  ? -4.894  6.025   -11.881 1.00 19.55 ? 43  ALA A O   1 
ATOM   355  C  CB  . ALA A 1 48  ? -3.172  5.767   -9.324  1.00 18.82 ? 43  ALA A CB  1 
ATOM   356  N  N   . GLU A 1 49  ? -4.226  8.135   -11.498 1.00 22.91 ? 44  GLU A N   1 
ATOM   357  C  CA  . GLU A 1 49  ? -4.300  8.531   -12.908 1.00 26.45 ? 44  GLU A CA  1 
ATOM   358  C  C   . GLU A 1 49  ? -3.375  7.698   -13.791 1.00 22.58 ? 44  GLU A C   1 
ATOM   359  O  O   . GLU A 1 49  ? -2.187  7.574   -13.515 1.00 22.02 ? 44  GLU A O   1 
ATOM   360  C  CB  . GLU A 1 49  ? -3.955  10.016  -13.075 1.00 28.24 ? 44  GLU A CB  1 
ATOM   361  C  CG  . GLU A 1 49  ? -4.976  10.983  -12.491 1.00 30.17 ? 44  GLU A CG  1 
ATOM   362  C  CD  . GLU A 1 49  ? -4.869  12.386  -13.086 1.00 40.21 ? 44  GLU A CD  1 
ATOM   363  O  OE1 . GLU A 1 49  ? -4.145  12.565  -14.094 1.00 39.48 ? 44  GLU A OE1 1 
ATOM   364  O  OE2 . GLU A 1 49  ? -5.514  13.312  -12.546 1.00 36.74 ? 44  GLU A OE2 1 
ATOM   365  N  N   . GLY A 1 50  ? -3.925  7.113   -14.851 1.00 23.59 ? 45  GLY A N   1 
ATOM   366  C  CA  . GLY A 1 50  ? -3.109  6.413   -15.825 1.00 21.57 ? 45  GLY A CA  1 
ATOM   367  C  C   . GLY A 1 50  ? -2.888  4.926   -15.621 1.00 21.42 ? 45  GLY A C   1 
ATOM   368  O  O   . GLY A 1 50  ? -2.267  4.269   -16.457 1.00 22.20 ? 45  GLY A O   1 
ATOM   369  N  N   . TYR A 1 51  ? -3.374  4.384   -14.506 1.00 19.46 ? 46  TYR A N   1 
ATOM   370  C  CA  . TYR A 1 51  ? -3.176  2.963   -14.237 1.00 21.01 ? 46  TYR A CA  1 
ATOM   371  C  C   . TYR A 1 51  ? -4.422  2.108   -14.504 1.00 18.39 ? 46  TYR A C   1 
ATOM   372  O  O   . TYR A 1 51  ? -5.541  2.532   -14.229 1.00 22.37 ? 46  TYR A O   1 
ATOM   373  C  CB  . TYR A 1 51  ? -2.701  2.754   -12.790 1.00 18.80 ? 46  TYR A CB  1 
ATOM   374  C  CG  . TYR A 1 51  ? -2.286  1.331   -12.544 1.00 16.60 ? 46  TYR A CG  1 
ATOM   375  C  CD1 . TYR A 1 51  ? -1.032  0.883   -12.933 1.00 19.20 ? 46  TYR A CD1 1 
ATOM   376  C  CD2 . TYR A 1 51  ? -3.159  0.423   -11.957 1.00 17.26 ? 46  TYR A CD2 1 
ATOM   377  C  CE1 . TYR A 1 51  ? -0.653  -0.416  -12.740 1.00 18.95 ? 46  TYR A CE1 1 
ATOM   378  C  CE2 . TYR A 1 51  ? -2.787  -0.874  -11.756 1.00 15.94 ? 46  TYR A CE2 1 
ATOM   379  C  CZ  . TYR A 1 51  ? -1.538  -1.299  -12.144 1.00 16.61 ? 46  TYR A CZ  1 
ATOM   380  O  OH  . TYR A 1 51  ? -1.166  -2.607  -11.945 1.00 19.62 ? 46  TYR A OH  1 
ATOM   381  N  N   . SER A 1 52  ? -4.196  0.905   -15.036 1.00 20.87 ? 47  SER A N   1 
ATOM   382  C  CA  . SER A 1 52  ? -5.265  -0.041  -15.365 1.00 22.40 ? 47  SER A CA  1 
ATOM   383  C  C   . SER A 1 52  ? -5.428  -1.106  -14.276 1.00 20.78 ? 47  SER A C   1 
ATOM   384  O  O   . SER A 1 52  ? -4.662  -2.061  -14.204 1.00 22.26 ? 47  SER A O   1 
ATOM   385  C  CB  . SER A 1 52  ? -4.991  -0.717  -16.713 1.00 28.64 ? 47  SER A CB  1 
ATOM   386  O  OG  . SER A 1 52  ? -5.996  -1.674  -17.025 1.00 33.04 ? 47  SER A OG  1 
ATOM   387  N  N   . TYR A 1 53  ? -6.447  -0.933  -13.445 1.00 23.82 ? 48  TYR A N   1 
ATOM   388  C  CA  . TYR A 1 53  ? -6.685  -1.823  -12.312 1.00 21.63 ? 48  TYR A CA  1 
ATOM   389  C  C   . TYR A 1 53  ? -7.544  -3.033  -12.664 1.00 27.65 ? 48  TYR A C   1 
ATOM   390  O  O   . TYR A 1 53  ? -8.226  -3.042  -13.689 1.00 26.55 ? 48  TYR A O   1 
ATOM   391  C  CB  . TYR A 1 53  ? -7.375  -1.062  -11.191 1.00 22.31 ? 48  TYR A CB  1 
ATOM   392  C  CG  . TYR A 1 53  ? -6.563  0.024   -10.525 1.00 24.63 ? 48  TYR A CG  1 
ATOM   393  C  CD1 . TYR A 1 53  ? -6.519  1.316   -11.042 1.00 21.16 ? 48  TYR A CD1 1 
ATOM   394  C  CD2 . TYR A 1 53  ? -5.880  -0.233  -9.347  1.00 23.06 ? 48  TYR A CD2 1 
ATOM   395  C  CE1 . TYR A 1 53  ? -5.793  2.306   -10.412 1.00 23.52 ? 48  TYR A CE1 1 
ATOM   396  C  CE2 . TYR A 1 53  ? -5.154  0.747   -8.713  1.00 19.87 ? 48  TYR A CE2 1 
ATOM   397  C  CZ  . TYR A 1 53  ? -5.117  2.013   -9.240  1.00 19.94 ? 48  TYR A CZ  1 
ATOM   398  O  OH  . TYR A 1 53  ? -4.394  2.988   -8.593  1.00 21.86 ? 48  TYR A OH  1 
ATOM   399  N  N   . THR A 1 54  ? -7.528  -4.042  -11.797 1.00 27.83 ? 49  THR A N   1 
ATOM   400  C  CA  . THR A 1 54  ? -8.540  -5.092  -11.856 1.00 26.08 ? 49  THR A CA  1 
ATOM   401  C  C   . THR A 1 54  ? -9.891  -4.494  -11.487 1.00 25.03 ? 49  THR A C   1 
ATOM   402  O  O   . THR A 1 54  ? -9.960  -3.475  -10.801 1.00 23.40 ? 49  THR A O   1 
ATOM   403  C  CB  . THR A 1 54  ? -8.249  -6.273  -10.896 1.00 22.82 ? 49  THR A CB  1 
ATOM   404  O  OG1 . THR A 1 54  ? -8.230  -5.815  -9.534  1.00 23.91 ? 49  THR A OG1 1 
ATOM   405  C  CG2 . THR A 1 54  ? -6.944  -6.951  -11.248 1.00 25.85 ? 49  THR A CG2 1 
ATOM   406  N  N   . ASP A 1 55  ? -10.969 -5.125  -11.939 1.00 27.59 ? 50  ASP A N   1 
ATOM   407  C  CA  . ASP A 1 55  ? -12.301 -4.702  -11.524 1.00 28.92 ? 50  ASP A CA  1 
ATOM   408  C  C   . ASP A 1 55  ? -12.456 -4.863  -10.021 1.00 26.84 ? 50  ASP A C   1 
ATOM   409  O  O   . ASP A 1 55  ? -13.125 -4.061  -9.372  1.00 25.00 ? 50  ASP A O   1 
ATOM   410  C  CB  . ASP A 1 55  ? -13.388 -5.501  -12.247 1.00 32.77 ? 50  ASP A CB  1 
ATOM   411  C  CG  . ASP A 1 55  ? -13.469 -5.172  -13.722 1.00 39.73 ? 50  ASP A CG  1 
ATOM   412  O  OD1 . ASP A 1 55  ? -13.072 -4.049  -14.103 1.00 41.25 ? 50  ASP A OD1 1 
ATOM   413  O  OD2 . ASP A 1 55  ? -13.941 -6.028  -14.500 1.00 44.22 ? 50  ASP A OD2 1 
ATOM   414  N  N   . ALA A 1 56  ? -11.826 -5.903  -9.479  1.00 23.38 ? 51  ALA A N   1 
ATOM   415  C  CA  . ALA A 1 56  ? -11.940 -6.213  -8.060  1.00 26.54 ? 51  ALA A CA  1 
ATOM   416  C  C   . ALA A 1 56  ? -11.395 -5.077  -7.211  1.00 24.03 ? 51  ALA A C   1 
ATOM   417  O  O   . ALA A 1 56  ? -12.005 -4.684  -6.224  1.00 23.07 ? 51  ALA A O   1 
ATOM   418  C  CB  . ALA A 1 56  ? -11.217 -7.511  -7.740  1.00 28.56 ? 51  ALA A CB  1 
ATOM   419  N  N   . ASN A 1 57  ? -10.238 -4.553  -7.596  1.00 25.07 ? 52  ASN A N   1 
ATOM   420  C  CA  . ASN A 1 57  ? -9.653  -3.445  -6.864  1.00 23.86 ? 52  ASN A CA  1 
ATOM   421  C  C   . ASN A 1 57  ? -10.566 -2.225  -6.959  1.00 20.35 ? 52  ASN A C   1 
ATOM   422  O  O   . ASN A 1 57  ? -10.840 -1.559  -5.961  1.00 21.79 ? 52  ASN A O   1 
ATOM   423  C  CB  . ASN A 1 57  ? -8.245  -3.129  -7.385  1.00 20.75 ? 52  ASN A CB  1 
ATOM   424  C  CG  . ASN A 1 57  ? -7.679  -1.853  -6.794  1.00 24.20 ? 52  ASN A CG  1 
ATOM   425  O  OD1 . ASN A 1 57  ? -8.152  -0.761  -7.090  1.00 23.09 ? 52  ASN A OD1 1 
ATOM   426  N  ND2 . ASN A 1 57  ? -6.661  -1.985  -5.956  1.00 21.24 ? 52  ASN A ND2 1 
ATOM   427  N  N   . ILE A 1 58  ? -11.059 -1.950  -8.161  1.00 21.70 ? 53  ILE A N   1 
ATOM   428  C  CA  . ILE A 1 58  ? -11.961 -0.822  -8.357  1.00 22.52 ? 53  ILE A CA  1 
ATOM   429  C  C   . ILE A 1 58  ? -13.268 -1.003  -7.574  1.00 23.21 ? 53  ILE A C   1 
ATOM   430  O  O   . ILE A 1 58  ? -13.720 -0.082  -6.898  1.00 20.58 ? 53  ILE A O   1 
ATOM   431  C  CB  . ILE A 1 58  ? -12.271 -0.610  -9.851  1.00 24.12 ? 53  ILE A CB  1 
ATOM   432  C  CG1 . ILE A 1 58  ? -10.986 -0.275  -10.608 1.00 26.91 ? 53  ILE A CG1 1 
ATOM   433  C  CG2 . ILE A 1 58  ? -13.276 0.511   -10.030 1.00 29.84 ? 53  ILE A CG2 1 
ATOM   434  C  CD1 . ILE A 1 58  ? -11.139 -0.285  -12.116 1.00 24.33 ? 53  ILE A CD1 1 
ATOM   435  N  N   . LYS A 1 59  ? -13.853 -2.197  -7.639  1.00 25.80 ? 54  LYS A N   1 
ATOM   436  C  CA  . LYS A 1 59  ? -15.115 -2.461  -6.950  1.00 26.94 ? 54  LYS A CA  1 
ATOM   437  C  C   . LYS A 1 59  ? -14.973 -2.365  -5.432  1.00 26.16 ? 54  LYS A C   1 
ATOM   438  O  O   . LYS A 1 59  ? -15.892 -1.922  -4.745  1.00 24.84 ? 54  LYS A O   1 
ATOM   439  C  CB  . LYS A 1 59  ? -15.662 -3.838  -7.333  1.00 26.72 ? 54  LYS A CB  1 
ATOM   440  C  CG  . LYS A 1 59  ? -17.045 -4.137  -6.765  1.00 32.40 ? 54  LYS A CG  1 
ATOM   441  C  CD  . LYS A 1 59  ? -18.087 -3.146  -7.281  1.00 38.38 ? 54  LYS A CD  1 
ATOM   442  C  CE  . LYS A 1 59  ? -19.500 -3.541  -6.854  1.00 41.30 ? 54  LYS A CE  1 
ATOM   443  N  NZ  . LYS A 1 59  ? -19.656 -3.569  -5.369  1.00 43.24 ? 54  LYS A NZ  1 
ATOM   444  N  N   . LYS A 1 60  ? -13.819 -2.777  -4.909  1.00 22.27 ? 55  LYS A N   1 
ATOM   445  C  CA  . LYS A 1 60  ? -13.564 -2.710  -3.478  1.00 21.69 ? 55  LYS A CA  1 
ATOM   446  C  C   . LYS A 1 60  ? -13.817 -1.292  -2.985  1.00 20.91 ? 55  LYS A C   1 
ATOM   447  O  O   . LYS A 1 60  ? -14.394 -1.078  -1.918  1.00 23.64 ? 55  LYS A O   1 
ATOM   448  C  CB  . LYS A 1 60  ? -12.129 -3.138  -3.165  1.00 20.51 ? 55  LYS A CB  1 
ATOM   449  C  CG  . LYS A 1 60  ? -11.821 -3.200  -1.679  1.00 23.38 ? 55  LYS A CG  1 
ATOM   450  C  CD  . LYS A 1 60  ? -12.479 -4.412  -1.041  1.00 25.76 ? 55  LYS A CD  1 
ATOM   451  C  CE  . LYS A 1 60  ? -12.191 -4.474  0.447   1.00 26.34 ? 55  LYS A CE  1 
ATOM   452  N  NZ  . LYS A 1 60  ? -12.758 -5.698  1.076   1.00 28.90 ? 55  LYS A NZ  1 
ATOM   453  N  N   . ASN A 1 61  ? -13.372 -0.327  -3.786  1.00 21.29 ? 56  ASN A N   1 
ATOM   454  C  CA  . ASN A 1 61  ? -13.619 1.085   -3.534  1.00 19.99 ? 56  ASN A CA  1 
ATOM   455  C  C   . ASN A 1 61  ? -13.325 1.534   -2.101  1.00 22.24 ? 56  ASN A C   1 
ATOM   456  O  O   . ASN A 1 61  ? -14.109 2.259   -1.497  1.00 25.78 ? 56  ASN A O   1 
ATOM   457  C  CB  . ASN A 1 61  ? -15.072 1.422   -3.888  1.00 26.24 ? 56  ASN A CB  1 
ATOM   458  C  CG  . ASN A 1 61  ? -15.306 2.912   -4.023  1.00 31.06 ? 56  ASN A CG  1 
ATOM   459  O  OD1 . ASN A 1 61  ? -14.500 3.624   -4.625  1.00 34.47 ? 56  ASN A OD1 1 
ATOM   460  N  ND2 . ASN A 1 61  ? -16.396 3.394   -3.439  1.00 28.22 ? 56  ASN A ND2 1 
ATOM   461  N  N   . VAL A 1 62  ? -12.196 1.096   -1.551  1.00 20.69 ? 57  VAL A N   1 
ATOM   462  C  CA  . VAL A 1 62  ? -11.865 1.443   -0.176  1.00 19.22 ? 57  VAL A CA  1 
ATOM   463  C  C   . VAL A 1 62  ? -11.166 2.804   -0.126  1.00 16.59 ? 57  VAL A C   1 
ATOM   464  O  O   . VAL A 1 62  ? -10.304 3.097   -0.958  1.00 18.57 ? 57  VAL A O   1 
ATOM   465  C  CB  . VAL A 1 62  ? -10.985 0.343   0.476   1.00 19.44 ? 57  VAL A CB  1 
ATOM   466  C  CG1 . VAL A 1 62  ? -9.828  -0.055  -0.449  1.00 19.94 ? 57  VAL A CG1 1 
ATOM   467  C  CG2 . VAL A 1 62  ? -10.495 0.781   1.851   1.00 22.33 ? 57  VAL A CG2 1 
ATOM   468  N  N   . LEU A 1 63  ? -11.567 3.645   0.821   1.00 16.63 ? 58  LEU A N   1 
ATOM   469  C  CA  . LEU A 1 63  ? -10.892 4.908   1.101   1.00 16.56 ? 58  LEU A CA  1 
ATOM   470  C  C   . LEU A 1 63  ? -9.699  4.650   2.024   1.00 14.76 ? 58  LEU A C   1 
ATOM   471  O  O   . LEU A 1 63  ? -9.856  4.415   3.229   1.00 15.49 ? 58  LEU A O   1 
ATOM   472  C  CB  . LEU A 1 63  ? -11.876 5.910   1.720   1.00 19.44 ? 58  LEU A CB  1 
ATOM   473  C  CG  . LEU A 1 63  ? -11.352 7.257   2.219   1.00 20.52 ? 58  LEU A CG  1 
ATOM   474  C  CD1 . LEU A 1 63  ? -10.617 8.009   1.128   1.00 26.87 ? 58  LEU A CD1 1 
ATOM   475  C  CD2 . LEU A 1 63  ? -12.506 8.100   2.746   1.00 27.97 ? 58  LEU A CD2 1 
ATOM   476  N  N   . TRP A 1 64  ? -8.499  4.672   1.453   1.00 13.85 ? 59  TRP A N   1 
ATOM   477  C  CA  . TRP A 1 64  ? -7.333  4.194   2.188   1.00 13.51 ? 59  TRP A CA  1 
ATOM   478  C  C   . TRP A 1 64  ? -6.995  5.044   3.404   1.00 14.20 ? 59  TRP A C   1 
ATOM   479  O  O   . TRP A 1 64  ? -6.952  6.270   3.331   1.00 16.15 ? 59  TRP A O   1 
ATOM   480  C  CB  . TRP A 1 64  ? -6.114  4.118   1.261   1.00 12.65 ? 59  TRP A CB  1 
ATOM   481  C  CG  . TRP A 1 64  ? -6.208  3.056   0.212   1.00 13.07 ? 59  TRP A CG  1 
ATOM   482  C  CD1 . TRP A 1 64  ? -6.291  3.238   -1.140  1.00 11.97 ? 59  TRP A CD1 1 
ATOM   483  C  CD2 . TRP A 1 64  ? -6.187  1.635   0.413   1.00 13.89 ? 59  TRP A CD2 1 
ATOM   484  N  NE1 . TRP A 1 64  ? -6.329  2.039   -1.785  1.00 14.34 ? 59  TRP A NE1 1 
ATOM   485  C  CE2 . TRP A 1 64  ? -6.266  1.032   -0.854  1.00 12.91 ? 59  TRP A CE2 1 
ATOM   486  C  CE3 . TRP A 1 64  ? -6.119  0.811   1.546   1.00 14.22 ? 59  TRP A CE3 1 
ATOM   487  C  CZ2 . TRP A 1 64  ? -6.269  -0.345  -1.030  1.00 15.77 ? 59  TRP A CZ2 1 
ATOM   488  C  CZ3 . TRP A 1 64  ? -6.119  -0.572  1.368   1.00 16.40 ? 59  TRP A CZ3 1 
ATOM   489  C  CH2 . TRP A 1 64  ? -6.205  -1.129  0.092   1.00 15.46 ? 59  TRP A CH2 1 
ATOM   490  N  N   . ASP A 1 65  ? -6.777  4.388   4.542   1.00 12.41 ? 60  ASP A N   1 
ATOM   491  C  CA  . ASP A 1 65  ? -6.241  5.032   5.730   1.00 12.37 ? 60  ASP A CA  1 
ATOM   492  C  C   . ASP A 1 65  ? -5.213  4.087   6.371   1.00 10.58 ? 60  ASP A C   1 
ATOM   493  O  O   . ASP A 1 65  ? -4.977  2.992   5.864   1.00 12.35 ? 60  ASP A O   1 
ATOM   494  C  CB  . ASP A 1 65  ? -7.356  5.438   6.730   1.00 14.58 ? 60  ASP A CB  1 
ATOM   495  C  CG  . ASP A 1 65  ? -8.183  4.258   7.237   1.00 14.18 ? 60  ASP A CG  1 
ATOM   496  O  OD1 . ASP A 1 65  ? -7.602  3.231   7.658   1.00 12.13 ? 60  ASP A OD1 1 
ATOM   497  O  OD2 . ASP A 1 65  ? -9.430  4.361   7.246   1.00 14.20 ? 60  ASP A OD2 1 
ATOM   498  N  N   . GLU A 1 66  ? -4.588  4.501   7.453   1.00 12.22 ? 61  GLU A N   1 
ATOM   499  C  CA  A GLU A 1 66  ? -3.529  3.680   8.028   0.50 12.34 ? 61  GLU A CA  1 
ATOM   500  C  CA  B GLU A 1 66  ? -3.533  3.698   8.064   0.50 12.35 ? 61  GLU A CA  1 
ATOM   501  C  C   . GLU A 1 66  ? -4.037  2.336   8.560   1.00 12.32 ? 61  GLU A C   1 
ATOM   502  O  O   . GLU A 1 66  ? -3.294  1.346   8.554   1.00 12.76 ? 61  GLU A O   1 
ATOM   503  C  CB  A GLU A 1 66  ? -2.805  4.433   9.141   0.50 14.62 ? 61  GLU A CB  1 
ATOM   504  C  CB  B GLU A 1 66  ? -2.893  4.472   9.217   0.50 14.75 ? 61  GLU A CB  1 
ATOM   505  C  CG  A GLU A 1 66  ? -2.092  5.692   8.673   0.50 13.59 ? 61  GLU A CG  1 
ATOM   506  C  CG  B GLU A 1 66  ? -3.913  4.982   10.232  0.50 17.49 ? 61  GLU A CG  1 
ATOM   507  C  CD  A GLU A 1 66  ? -2.949  6.947   8.777   0.50 15.64 ? 61  GLU A CD  1 
ATOM   508  C  CD  B GLU A 1 66  ? -3.403  6.136   11.077  0.50 18.31 ? 61  GLU A CD  1 
ATOM   509  O  OE1 A GLU A 1 66  ? -4.166  6.882   8.503   0.50 21.66 ? 61  GLU A OE1 1 
ATOM   510  O  OE1 B GLU A 1 66  ? -2.558  6.920   10.583  0.50 20.64 ? 61  GLU A OE1 1 
ATOM   511  O  OE2 A GLU A 1 66  ? -2.390  8.004   9.132   0.50 25.36 ? 61  GLU A OE2 1 
ATOM   512  O  OE2 B GLU A 1 66  ? -3.846  6.255   12.241  0.50 23.41 ? 61  GLU A OE2 1 
ATOM   513  N  N   . ASN A 1 67  ? -5.292  2.284   9.006   1.00 11.32 ? 62  ASN A N   1 
ATOM   514  C  CA  . ASN A 1 67  ? -5.855  1.054   9.576   1.00 11.17 ? 62  ASN A CA  1 
ATOM   515  C  C   . ASN A 1 67  ? -6.251  0.031   8.530   1.00 11.18 ? 62  ASN A C   1 
ATOM   516  O  O   . ASN A 1 67  ? -5.868  -1.145  8.624   1.00 11.81 ? 62  ASN A O   1 
ATOM   517  C  CB  . ASN A 1 67  ? -7.055  1.389   10.454  1.00 11.55 ? 62  ASN A CB  1 
ATOM   518  C  CG  . ASN A 1 67  ? -6.698  2.348   11.548  1.00 13.00 ? 62  ASN A CG  1 
ATOM   519  O  OD1 . ASN A 1 67  ? -5.667  2.207   12.202  1.00 13.35 ? 62  ASN A OD1 1 
ATOM   520  N  ND2 . ASN A 1 67  ? -7.553  3.362   11.751  1.00 14.56 ? 62  ASN A ND2 1 
ATOM   521  N  N   . ASN A 1 68  ? -6.986  0.429   7.498   1.00 11.16 ? 63  ASN A N   1 
ATOM   522  C  CA  . ASN A 1 68  ? -7.338  -0.565  6.499   1.00 11.46 ? 63  ASN A CA  1 
ATOM   523  C  C   . ASN A 1 68  ? -6.134  -0.879  5.605   1.00 11.81 ? 63  ASN A C   1 
ATOM   524  O  O   . ASN A 1 68  ? -6.080  -1.967  5.047   1.00 12.39 ? 63  ASN A O   1 
ATOM   525  C  CB  . ASN A 1 68  ? -8.589  -0.165  5.677   1.00 13.20 ? 63  ASN A CB  1 
ATOM   526  C  CG  . ASN A 1 68  ? -8.494  1.210   5.025   1.00 11.61 ? 63  ASN A CG  1 
ATOM   527  O  OD1 . ASN A 1 68  ? -7.411  1.683   4.662   1.00 13.27 ? 63  ASN A OD1 1 
ATOM   528  N  ND2 . ASN A 1 68  ? -9.649  1.845   4.838   1.00 12.51 ? 63  ASN A ND2 1 
ATOM   529  N  N   . MET A 1 69  ? -5.152  0.029   5.519   1.00 11.46 ? 64  MET A N   1 
ATOM   530  C  CA  . MET A 1 69  ? -3.901  -0.315  4.832   1.00 11.91 ? 64  MET A CA  1 
ATOM   531  C  C   . MET A 1 69  ? -3.188  -1.450  5.570   1.00 11.07 ? 64  MET A C   1 
ATOM   532  O  O   . MET A 1 69  ? -2.647  -2.369  4.959   1.00 11.17 ? 64  MET A O   1 
ATOM   533  C  CB  . MET A 1 69  ? -2.981  0.904   4.716   1.00 12.00 ? 64  MET A CB  1 
ATOM   534  C  CG  . MET A 1 69  ? -1.700  0.613   3.951   1.00 13.45 ? 64  MET A CG  1 
ATOM   535  S  SD  . MET A 1 69  ? -1.942  0.317   2.190   1.00 13.97 ? 64  MET A SD  1 
ATOM   536  C  CE  . MET A 1 69  ? -2.588  1.906   1.608   1.00 13.08 ? 64  MET A CE  1 
ATOM   537  N  N   . SER A 1 70  ? -3.205  -1.396  6.892   1.00 10.69 ? 65  SER A N   1 
ATOM   538  C  CA  . SER A 1 70  ? -2.564  -2.435  7.676   1.00 10.51 ? 65  SER A CA  1 
ATOM   539  C  C   . SER A 1 70  ? -3.264  -3.769  7.494   1.00 13.52 ? 65  SER A C   1 
ATOM   540  O  O   . SER A 1 70  ? -2.612  -4.794  7.324   1.00 12.10 ? 65  SER A O   1 
ATOM   541  C  CB  . SER A 1 70  ? -2.520  -2.039  9.146   1.00 11.23 ? 65  SER A CB  1 
ATOM   542  O  OG  . SER A 1 70  ? -1.764  -2.998  9.864   1.00 11.98 ? 65  SER A OG  1 
ATOM   543  N  N   . GLU A 1 71  ? -4.593  -3.762  7.492   1.00 11.35 ? 66  GLU A N   1 
ATOM   544  C  CA  . GLU A 1 71  ? -5.338  -4.973  7.207   1.00 12.88 ? 66  GLU A CA  1 
ATOM   545  C  C   . GLU A 1 71  ? -5.037  -5.504  5.797   1.00 12.32 ? 66  GLU A C   1 
ATOM   546  O  O   . GLU A 1 71  ? -4.753  -6.690  5.616   1.00 13.14 ? 66  GLU A O   1 
ATOM   547  C  CB  . GLU A 1 71  ? -6.829  -4.700  7.411   1.00 15.13 ? 66  GLU A CB  1 
ATOM   548  C  CG  . GLU A 1 71  ? -7.708  -5.907  7.276   1.00 17.78 ? 66  GLU A CG  1 
ATOM   549  C  CD  . GLU A 1 71  ? -9.146  -5.623  7.692   1.00 20.62 ? 66  GLU A CD  1 
ATOM   550  O  OE1 . GLU A 1 71  ? -9.382  -4.642  8.433   1.00 23.08 ? 66  GLU A OE1 1 
ATOM   551  O  OE2 . GLU A 1 71  ? -10.019 -6.378  7.252   1.00 24.19 ? 66  GLU A OE2 1 
ATOM   552  N  N   . TYR A 1 72  ? -5.065  -4.625  4.800   1.00 12.22 ? 67  TYR A N   1 
ATOM   553  C  CA  . TYR A 1 72  ? -4.739  -4.993  3.432   1.00 11.50 ? 67  TYR A CA  1 
ATOM   554  C  C   . TYR A 1 72  ? -3.369  -5.660  3.326   1.00 12.04 ? 67  TYR A C   1 
ATOM   555  O  O   . TYR A 1 72  ? -3.241  -6.731  2.728   1.00 12.17 ? 67  TYR A O   1 
ATOM   556  C  CB  . TYR A 1 72  ? -4.781  -3.753  2.544   1.00 11.78 ? 67  TYR A CB  1 
ATOM   557  C  CG  . TYR A 1 72  ? -4.385  -3.988  1.099   1.00 12.63 ? 67  TYR A CG  1 
ATOM   558  C  CD1 . TYR A 1 72  ? -5.120  -4.829  0.272   1.00 14.21 ? 67  TYR A CD1 1 
ATOM   559  C  CD2 . TYR A 1 72  ? -3.290  -3.335  0.552   1.00 13.29 ? 67  TYR A CD2 1 
ATOM   560  C  CE1 . TYR A 1 72  ? -4.779  -5.016  -1.050  1.00 15.21 ? 67  TYR A CE1 1 
ATOM   561  C  CE2 . TYR A 1 72  ? -2.939  -3.514  -0.783  1.00 13.28 ? 67  TYR A CE2 1 
ATOM   562  C  CZ  . TYR A 1 72  ? -3.684  -4.360  -1.578  1.00 15.44 ? 67  TYR A CZ  1 
ATOM   563  O  OH  . TYR A 1 72  ? -3.360  -4.555  -2.914  1.00 17.47 ? 67  TYR A OH  1 
ATOM   564  N  N   . LEU A 1 73  ? -2.352  -5.031  3.917   1.00 10.93 ? 68  LEU A N   1 
ATOM   565  C  CA  . LEU A 1 73  ? -0.996  -5.529  3.750   1.00 11.01 ? 68  LEU A CA  1 
ATOM   566  C  C   . LEU A 1 73  ? -0.760  -6.810  4.535   1.00 11.87 ? 68  LEU A C   1 
ATOM   567  O  O   . LEU A 1 73  ? 0.205   -7.519  4.270   1.00 12.74 ? 68  LEU A O   1 
ATOM   568  C  CB  . LEU A 1 73  ? 0.007   -4.451  4.135   1.00 11.99 ? 68  LEU A CB  1 
ATOM   569  C  CG  . LEU A 1 73  ? 0.001   -3.250  3.183   1.00 12.16 ? 68  LEU A CG  1 
ATOM   570  C  CD1 . LEU A 1 73  ? 0.959   -2.196  3.675   1.00 13.47 ? 68  LEU A CD1 1 
ATOM   571  C  CD2 . LEU A 1 73  ? 0.306   -3.620  1.739   1.00 13.68 ? 68  LEU A CD2 1 
ATOM   572  N  N   . THR A 1 74  ? -1.638  -7.128  5.481   1.00 11.73 ? 69  THR A N   1 
ATOM   573  C  CA  . THR A 1 74  ? -1.526  -8.393  6.192   1.00 13.74 ? 69  THR A CA  1 
ATOM   574  C  C   . THR A 1 74  ? -1.709  -9.565  5.236   1.00 13.45 ? 69  THR A C   1 
ATOM   575  O  O   . THR A 1 74  ? -1.030  -10.599 5.351   1.00 14.09 ? 69  THR A O   1 
ATOM   576  C  CB  . THR A 1 74  ? -2.576  -8.504  7.312   1.00 11.94 ? 69  THR A CB  1 
ATOM   577  O  OG1 . THR A 1 74  ? -2.422  -7.429  8.239   1.00 12.88 ? 69  THR A OG1 1 
ATOM   578  C  CG2 . THR A 1 74  ? -2.415  -9.821  8.068   1.00 16.51 ? 69  THR A CG2 1 
ATOM   579  N  N   . ASN A 1 75  ? -2.635  -9.392  4.302   1.00 14.28 ? 70  ASN A N   1 
ATOM   580  C  CA  . ASN A 1 75  ? -2.957  -10.398 3.301   1.00 17.25 ? 70  ASN A CA  1 
ATOM   581  C  C   . ASN A 1 75  ? -3.814  -9.759  2.224   1.00 14.97 ? 70  ASN A C   1 
ATOM   582  O  O   . ASN A 1 75  ? -5.041  -9.720  2.347   1.00 16.13 ? 70  ASN A O   1 
ATOM   583  C  CB  . ASN A 1 75  ? -3.687  -11.588 3.937   1.00 18.86 ? 70  ASN A CB  1 
ATOM   584  C  CG  . ASN A 1 75  ? -3.748  -12.796 3.019   1.00 23.51 ? 70  ASN A CG  1 
ATOM   585  O  OD1 . ASN A 1 75  ? -3.835  -12.671 1.798   1.00 20.74 ? 70  ASN A OD1 1 
ATOM   586  N  ND2 . ASN A 1 75  ? -3.700  -13.984 3.616   1.00 30.82 ? 70  ASN A ND2 1 
ATOM   587  N  N   . PRO A 1 76  ? -3.179  -9.227  1.174   1.00 15.30 ? 71  PRO A N   1 
ATOM   588  C  CA  . PRO A 1 76  ? -3.934  -8.466  0.175   1.00 15.72 ? 71  PRO A CA  1 
ATOM   589  C  C   . PRO A 1 76  ? -5.064  -9.249  -0.510  1.00 16.32 ? 71  PRO A C   1 
ATOM   590  O  O   . PRO A 1 76  ? -6.124  -8.664  -0.727  1.00 18.47 ? 71  PRO A O   1 
ATOM   591  C  CB  . PRO A 1 76  ? -2.851  -8.057  -0.835  1.00 14.30 ? 71  PRO A CB  1 
ATOM   592  C  CG  . PRO A 1 76  ? -1.600  -7.954  0.010   1.00 14.39 ? 71  PRO A CG  1 
ATOM   593  C  CD  . PRO A 1 76  ? -1.720  -9.101  0.988   1.00 15.65 ? 71  PRO A CD  1 
ATOM   594  N  N   . LYS A 1 77  ? -4.854  -10.518 -0.849  1.00 19.00 ? 72  LYS A N   1 
ATOM   595  C  CA  . LYS A 1 77  ? -5.884  -11.257 -1.579  1.00 18.25 ? 72  LYS A CA  1 
ATOM   596  C  C   . LYS A 1 77  ? -7.064  -11.640 -0.687  1.00 20.57 ? 72  LYS A C   1 
ATOM   597  O  O   . LYS A 1 77  ? -8.150  -11.916 -1.200  1.00 25.51 ? 72  LYS A O   1 
ATOM   598  C  CB  . LYS A 1 77  ? -5.288  -12.492 -2.260  1.00 21.39 ? 72  LYS A CB  1 
ATOM   599  C  CG  . LYS A 1 77  ? -4.455  -12.133 -3.484  1.00 25.75 ? 72  LYS A CG  1 
ATOM   600  C  CD  . LYS A 1 77  ? -3.974  -13.356 -4.245  1.00 26.59 ? 72  LYS A CD  1 
ATOM   601  C  CE  . LYS A 1 77  ? -2.893  -12.977 -5.252  1.00 33.52 ? 72  LYS A CE  1 
ATOM   602  N  NZ  . LYS A 1 77  ? -3.314  -11.867 -6.156  1.00 35.42 ? 72  LYS A NZ  1 
ATOM   603  N  N   . LYS A 1 78  ? -6.876  -11.617 0.629   1.00 18.73 ? 73  LYS A N   1 
ATOM   604  C  CA  A LYS A 1 78  ? -7.965  -11.843 1.580   0.50 20.60 ? 73  LYS A CA  1 
ATOM   605  C  CA  B LYS A 1 78  ? -7.993  -11.852 1.537   0.50 20.63 ? 73  LYS A CA  1 
ATOM   606  C  C   . LYS A 1 78  ? -8.784  -10.572 1.769   1.00 21.33 ? 73  LYS A C   1 
ATOM   607  O  O   . LYS A 1 78  ? -9.983  -10.620 2.059   1.00 24.90 ? 73  LYS A O   1 
ATOM   608  C  CB  A LYS A 1 78  ? -7.426  -12.320 2.931   0.50 23.21 ? 73  LYS A CB  1 
ATOM   609  C  CB  B LYS A 1 78  ? -7.504  -12.437 2.859   0.50 23.36 ? 73  LYS A CB  1 
ATOM   610  C  CG  A LYS A 1 78  ? -8.513  -12.626 3.958   0.50 21.44 ? 73  LYS A CG  1 
ATOM   611  C  CG  B LYS A 1 78  ? -7.035  -13.873 2.713   0.50 24.57 ? 73  LYS A CG  1 
ATOM   612  C  CD  A LYS A 1 78  ? -7.943  -13.237 5.223   0.50 24.47 ? 73  LYS A CD  1 
ATOM   613  C  CD  B LYS A 1 78  ? -6.853  -14.567 4.047   0.50 25.37 ? 73  LYS A CD  1 
ATOM   614  C  CE  A LYS A 1 78  ? -9.055  -13.757 6.125   0.50 22.86 ? 73  LYS A CE  1 
ATOM   615  C  CE  B LYS A 1 78  ? -6.362  -15.994 3.841   0.50 28.70 ? 73  LYS A CE  1 
ATOM   616  N  NZ  A LYS A 1 78  ? -8.517  -14.469 7.316   0.50 23.36 ? 73  LYS A NZ  1 
ATOM   617  N  NZ  B LYS A 1 78  ? -6.188  -16.728 5.127   0.50 29.26 ? 73  LYS A NZ  1 
ATOM   618  N  N   . TYR A 1 79  ? -8.124  -9.425  1.607   1.00 19.88 ? 74  TYR A N   1 
ATOM   619  C  CA  . TYR A 1 79  ? -8.820  -8.150  1.712   1.00 19.28 ? 74  TYR A CA  1 
ATOM   620  C  C   . TYR A 1 79  ? -9.498  -7.796  0.384   1.00 21.88 ? 74  TYR A C   1 
ATOM   621  O  O   . TYR A 1 79  ? -10.628 -7.296  0.380   1.00 23.97 ? 74  TYR A O   1 
ATOM   622  C  CB  . TYR A 1 79  ? -7.860  -7.033  2.147   1.00 18.44 ? 74  TYR A CB  1 
ATOM   623  C  CG  . TYR A 1 79  ? -8.548  -5.747  2.580   1.00 16.48 ? 74  TYR A CG  1 
ATOM   624  C  CD1 . TYR A 1 79  ? -9.359  -5.727  3.700   1.00 19.34 ? 74  TYR A CD1 1 
ATOM   625  C  CD2 . TYR A 1 79  ? -8.368  -4.555  1.876   1.00 18.06 ? 74  TYR A CD2 1 
ATOM   626  C  CE1 . TYR A 1 79  ? -9.982  -4.571  4.114   1.00 15.54 ? 74  TYR A CE1 1 
ATOM   627  C  CE2 . TYR A 1 79  ? -8.984  -3.379  2.280   1.00 16.36 ? 74  TYR A CE2 1 
ATOM   628  C  CZ  . TYR A 1 79  ? -9.799  -3.401  3.402   1.00 15.81 ? 74  TYR A CZ  1 
ATOM   629  O  OH  . TYR A 1 79  ? -10.422 -2.250  3.814   1.00 16.96 ? 74  TYR A OH  1 
ATOM   630  N  N   . ILE A 1 80  ? -8.820  -8.057  -0.735  1.00 20.16 ? 75  ILE A N   1 
ATOM   631  C  CA  . ILE A 1 80  ? -9.380  -7.819  -2.074  1.00 18.71 ? 75  ILE A CA  1 
ATOM   632  C  C   . ILE A 1 80  ? -9.219  -9.049  -2.981  1.00 22.90 ? 75  ILE A C   1 
ATOM   633  O  O   . ILE A 1 80  ? -8.317  -9.113  -3.818  1.00 23.01 ? 75  ILE A O   1 
ATOM   634  C  CB  . ILE A 1 80  ? -8.724  -6.589  -2.780  1.00 17.58 ? 75  ILE A CB  1 
ATOM   635  C  CG1 . ILE A 1 80  ? -8.703  -5.374  -1.845  1.00 21.24 ? 75  ILE A CG1 1 
ATOM   636  C  CG2 . ILE A 1 80  ? -9.470  -6.238  -4.057  1.00 22.88 ? 75  ILE A CG2 1 
ATOM   637  C  CD1 . ILE A 1 80  ? -8.116  -4.113  -2.471  1.00 22.38 ? 75  ILE A CD1 1 
ATOM   638  N  N   . PRO A 1 81  ? -10.108 -10.040 -2.803  1.00 26.60 ? 76  PRO A N   1 
ATOM   639  C  CA  . PRO A 1 81  ? -10.102 -11.243 -3.639  1.00 27.21 ? 76  PRO A CA  1 
ATOM   640  C  C   . PRO A 1 81  ? -10.116 -10.875 -5.115  1.00 20.80 ? 76  PRO A C   1 
ATOM   641  O  O   . PRO A 1 81  ? -10.928 -10.038 -5.516  1.00 29.16 ? 76  PRO A O   1 
ATOM   642  C  CB  . PRO A 1 81  ? -11.397 -11.958 -3.242  1.00 29.08 ? 76  PRO A CB  1 
ATOM   643  C  CG  . PRO A 1 81  ? -11.689 -11.485 -1.880  1.00 24.89 ? 76  PRO A CG  1 
ATOM   644  C  CD  . PRO A 1 81  ? -11.161 -10.081 -1.775  1.00 28.86 ? 76  PRO A CD  1 
ATOM   645  N  N   . GLY A 1 82  ? -9.230  -11.467 -5.904  1.00 27.98 ? 77  GLY A N   1 
ATOM   646  C  CA  . GLY A 1 82  ? -9.198  -11.202 -7.329  1.00 28.02 ? 77  GLY A CA  1 
ATOM   647  C  C   . GLY A 1 82  ? -8.178  -10.160 -7.747  1.00 27.76 ? 77  GLY A C   1 
ATOM   648  O  O   . GLY A 1 82  ? -7.961  -9.945  -8.941  1.00 30.05 ? 77  GLY A O   1 
ATOM   649  N  N   . THR A 1 83  ? -7.551  -9.507  -6.773  1.00 25.15 ? 78  THR A N   1 
ATOM   650  C  CA  . THR A 1 83  ? -6.528  -8.511  -7.085  1.00 24.38 ? 78  THR A CA  1 
ATOM   651  C  C   . THR A 1 83  ? -5.338  -9.159  -7.785  1.00 25.30 ? 78  THR A C   1 
ATOM   652  O  O   . THR A 1 83  ? -5.035  -10.333 -7.559  1.00 27.46 ? 78  THR A O   1 
ATOM   653  C  CB  . THR A 1 83  ? -6.046  -7.764  -5.817  1.00 21.98 ? 78  THR A CB  1 
ATOM   654  O  OG1 . THR A 1 83  ? -5.137  -6.721  -6.191  1.00 22.51 ? 78  THR A OG1 1 
ATOM   655  C  CG2 . THR A 1 83  ? -5.346  -8.707  -4.850  1.00 21.30 ? 78  THR A CG2 1 
ATOM   656  N  N   . LYS A 1 84  ? -4.679  -8.398  -8.652  1.00 20.16 ? 79  LYS A N   1 
ATOM   657  C  CA  . LYS A 1 84  ? -3.540  -8.921  -9.393  1.00 23.55 ? 79  LYS A CA  1 
ATOM   658  C  C   . LYS A 1 84  ? -2.232  -8.552  -8.704  1.00 23.70 ? 79  LYS A C   1 
ATOM   659  O  O   . LYS A 1 84  ? -1.153  -8.846  -9.217  1.00 25.26 ? 79  LYS A O   1 
ATOM   660  C  CB  . LYS A 1 84  ? -3.546  -8.410  -10.834 1.00 24.39 ? 79  LYS A CB  1 
ATOM   661  C  CG  . LYS A 1 84  ? -3.380  -6.909  -10.980 1.00 25.06 ? 79  LYS A CG  1 
ATOM   662  C  CD  . LYS A 1 84  ? -3.390  -6.510  -12.445 1.00 25.91 ? 79  LYS A CD  1 
ATOM   663  C  CE  . LYS A 1 84  ? -3.419  -5.004  -12.615 1.00 26.72 ? 79  LYS A CE  1 
ATOM   664  N  NZ  . LYS A 1 84  ? -3.486  -4.637  -14.060 1.00 28.70 ? 79  LYS A NZ  1 
ATOM   665  N  N   . MET A 1 85  ? -2.333  -7.918  -7.539  1.00 21.58 ? 80  MET A N   1 
ATOM   666  C  CA  . MET A 1 85  ? -1.138  -7.660  -6.743  1.00 21.20 ? 80  MET A CA  1 
ATOM   667  C  C   . MET A 1 85  ? -0.577  -8.986  -6.239  1.00 23.01 ? 80  MET A C   1 
ATOM   668  O  O   . MET A 1 85  ? -1.209  -9.673  -5.443  1.00 23.51 ? 80  MET A O   1 
ATOM   669  C  CB  . MET A 1 85  ? -1.435  -6.703  -5.577  1.00 18.77 ? 80  MET A CB  1 
ATOM   670  C  CG  . MET A 1 85  ? -0.262  -6.551  -4.579  1.00 17.18 ? 80  MET A CG  1 
ATOM   671  S  SD  . MET A 1 85  ? -0.303  -4.998  -3.640  1.00 15.16 ? 80  MET A SD  1 
ATOM   672  C  CE  . MET A 1 85  ? 0.308   -5.518  -2.032  1.00 16.46 ? 80  MET A CE  1 
ATOM   673  N  N   . ALA A 1 86  ? 0.604   -9.340  -6.735  1.00 24.78 ? 81  ALA A N   1 
ATOM   674  C  CA  . ALA A 1 86  ? 1.268   -10.574 -6.342  1.00 26.84 ? 81  ALA A CA  1 
ATOM   675  C  C   . ALA A 1 86  ? 2.081   -10.350 -5.077  1.00 23.07 ? 81  ALA A C   1 
ATOM   676  O  O   . ALA A 1 86  ? 3.287   -10.100 -5.136  1.00 27.65 ? 81  ALA A O   1 
ATOM   677  C  CB  . ALA A 1 86  ? 2.157   -11.079 -7.473  1.00 26.57 ? 81  ALA A CB  1 
ATOM   678  N  N   . PHE A 1 87  ? 1.415   -10.420 -3.932  1.00 20.83 ? 82  PHE A N   1 
ATOM   679  C  CA  . PHE A 1 87  ? 2.080   -10.183 -2.655  1.00 18.27 ? 82  PHE A CA  1 
ATOM   680  C  C   . PHE A 1 87  ? 1.371   -10.924 -1.540  1.00 23.75 ? 82  PHE A C   1 
ATOM   681  O  O   . PHE A 1 87  ? 0.185   -10.695 -1.285  1.00 24.51 ? 82  PHE A O   1 
ATOM   682  C  CB  . PHE A 1 87  ? 2.139   -8.683  -2.338  1.00 18.84 ? 82  PHE A CB  1 
ATOM   683  C  CG  . PHE A 1 87  ? 2.990   -8.357  -1.143  1.00 15.52 ? 82  PHE A CG  1 
ATOM   684  C  CD1 . PHE A 1 87  ? 4.369   -8.323  -1.260  1.00 16.33 ? 82  PHE A CD1 1 
ATOM   685  C  CD2 . PHE A 1 87  ? 2.420   -8.140  0.105   1.00 18.01 ? 82  PHE A CD2 1 
ATOM   686  C  CE1 . PHE A 1 87  ? 5.161   -8.054  -0.170  1.00 17.95 ? 82  PHE A CE1 1 
ATOM   687  C  CE2 . PHE A 1 87  ? 3.207   -7.874  1.205   1.00 15.43 ? 82  PHE A CE2 1 
ATOM   688  C  CZ  . PHE A 1 87  ? 4.577   -7.831  1.072   1.00 16.46 ? 82  PHE A CZ  1 
ATOM   689  N  N   . GLY A 1 88  ? 2.106   -11.804 -0.872  1.00 21.94 ? 83  GLY A N   1 
ATOM   690  C  CA  . GLY A 1 88  ? 1.510   -12.690 0.108   1.00 19.79 ? 83  GLY A CA  1 
ATOM   691  C  C   . GLY A 1 88  ? 0.982   -11.963 1.322   1.00 20.23 ? 83  GLY A C   1 
ATOM   692  O  O   . GLY A 1 88  ? -0.071  -12.313 1.857   1.00 29.20 ? 83  GLY A O   1 
ATOM   693  N  N   . GLY A 1 89  ? 1.716   -10.946 1.764   1.00 17.82 ? 84  GLY A N   1 
ATOM   694  C  CA  . GLY A 1 89  ? 1.366   -10.221 2.975   1.00 18.13 ? 84  GLY A CA  1 
ATOM   695  C  C   . GLY A 1 89  ? 2.506   -10.139 3.977   1.00 14.13 ? 84  GLY A C   1 
ATOM   696  O  O   . GLY A 1 89  ? 3.536   -10.805 3.850   1.00 16.67 ? 84  GLY A O   1 
ATOM   697  N  N   . LEU A 1 90  ? 2.313   -9.292  4.975   1.00 14.17 ? 85  LEU A N   1 
ATOM   698  C  CA  . LEU A 1 90  ? 3.222   -9.109  6.088   1.00 13.53 ? 85  LEU A CA  1 
ATOM   699  C  C   . LEU A 1 90  ? 2.478   -9.431  7.369   1.00 15.45 ? 85  LEU A C   1 
ATOM   700  O  O   . LEU A 1 90  ? 1.643   -8.645  7.829   1.00 14.55 ? 85  LEU A O   1 
ATOM   701  C  CB  . LEU A 1 90  ? 3.741   -7.671  6.122   1.00 16.21 ? 85  LEU A CB  1 
ATOM   702  C  CG  . LEU A 1 90  ? 4.652   -7.211  4.987   1.00 17.13 ? 85  LEU A CG  1 
ATOM   703  C  CD1 . LEU A 1 90  ? 4.687   -5.689  4.925   1.00 20.22 ? 85  LEU A CD1 1 
ATOM   704  C  CD2 . LEU A 1 90  ? 6.049   -7.771  5.191   1.00 19.51 ? 85  LEU A CD2 1 
ATOM   705  N  N   . LYS A 1 91  ? 2.745   -10.590 7.952   1.00 12.95 ? 86  LYS A N   1 
ATOM   706  C  CA  . LYS A 1 91  ? 1.966   -11.006 9.100   1.00 13.82 ? 86  LYS A CA  1 
ATOM   707  C  C   . LYS A 1 91  ? 2.261   -10.200 10.350  1.00 15.34 ? 86  LYS A C   1 
ATOM   708  O  O   . LYS A 1 91  ? 1.384   -10.038 11.198  1.00 14.37 ? 86  LYS A O   1 
ATOM   709  C  CB  . LYS A 1 91  ? 2.213   -12.483 9.400   1.00 14.36 ? 86  LYS A CB  1 
ATOM   710  C  CG  . LYS A 1 91  ? 1.799   -13.428 8.288   1.00 16.35 ? 86  LYS A CG  1 
ATOM   711  C  CD  . LYS A 1 91  ? 1.821   -14.879 8.766   1.00 17.06 ? 86  LYS A CD  1 
ATOM   712  C  CE  . LYS A 1 91  ? 1.666   -15.855 7.605   1.00 17.62 ? 86  LYS A CE  1 
ATOM   713  N  NZ  . LYS A 1 91  ? 0.462   -15.628 6.774   1.00 21.75 ? 86  LYS A NZ  1 
ATOM   714  N  N   . LYS A 1 92  ? 3.486   -9.691  10.469  1.00 14.34 ? 87  LYS A N   1 
ATOM   715  C  CA  . LYS A 1 92  ? 3.897   -9.081  11.723  1.00 15.11 ? 87  LYS A CA  1 
ATOM   716  C  C   . LYS A 1 92  ? 3.426   -7.633  11.820  1.00 14.03 ? 87  LYS A C   1 
ATOM   717  O  O   . LYS A 1 92  ? 3.676   -6.806  10.933  1.00 13.81 ? 87  LYS A O   1 
ATOM   718  C  CB  . LYS A 1 92  ? 5.414   -9.175  11.892  1.00 18.31 ? 87  LYS A CB  1 
ATOM   719  C  CG  . LYS A 1 92  ? 5.883   -10.608 12.154  1.00 20.44 ? 87  LYS A CG  1 
ATOM   720  C  CD  . LYS A 1 92  ? 7.406   -10.745 12.138  1.00 24.21 ? 87  LYS A CD  1 
ATOM   721  C  CE  . LYS A 1 92  ? 7.951   -10.785 10.721  1.00 30.03 ? 87  LYS A CE  1 
ATOM   722  N  NZ  . LYS A 1 92  ? 9.388   -11.207 10.687  1.00 34.57 ? 87  LYS A NZ  1 
ATOM   723  N  N   . GLU A 1 93  ? 2.759   -7.344  12.921  1.00 14.22 ? 88  GLU A N   1 
ATOM   724  C  CA  . GLU A 1 93  ? 2.266   -6.012  13.201  1.00 14.53 ? 88  GLU A CA  1 
ATOM   725  C  C   . GLU A 1 93  ? 3.370   -4.970  13.113  1.00 13.20 ? 88  GLU A C   1 
ATOM   726  O  O   . GLU A 1 93  ? 3.161   -3.882  12.561  1.00 12.58 ? 88  GLU A O   1 
ATOM   727  C  CB  . GLU A 1 93  ? 1.642   -5.992  14.592  1.00 17.74 ? 88  GLU A CB  1 
ATOM   728  C  CG  . GLU A 1 93  ? 0.829   -4.764  14.909  1.00 22.56 ? 88  GLU A CG  1 
ATOM   729  C  CD  . GLU A 1 93  ? -0.551  -4.811  14.295  1.00 24.26 ? 88  GLU A CD  1 
ATOM   730  O  OE1 . GLU A 1 93  ? -1.271  -3.797  14.395  1.00 24.75 ? 88  GLU A OE1 1 
ATOM   731  O  OE2 . GLU A 1 93  ? -0.915  -5.858  13.706  1.00 23.57 ? 88  GLU A OE2 1 
ATOM   732  N  N   . LYS A 1 94  ? 4.542   -5.280  13.655  1.00 13.93 ? 89  LYS A N   1 
ATOM   733  C  CA  . LYS A 1 94  ? 5.631   -4.316  13.673  1.00 14.76 ? 89  LYS A CA  1 
ATOM   734  C  C   . LYS A 1 94  ? 6.043   -3.938  12.262  1.00 14.69 ? 89  LYS A C   1 
ATOM   735  O  O   . LYS A 1 94  ? 6.296   -2.759  11.975  1.00 14.02 ? 89  LYS A O   1 
ATOM   736  C  CB  . LYS A 1 94  ? 6.837   -4.864  14.446  1.00 17.51 ? 89  LYS A CB  1 
ATOM   737  C  CG  . LYS A 1 94  ? 8.046   -3.940  14.414  1.00 18.80 ? 89  LYS A CG  1 
ATOM   738  C  CD  . LYS A 1 94  ? 9.210   -4.521  15.197  1.00 21.54 ? 89  LYS A CD  1 
ATOM   739  C  CE  . LYS A 1 94  ? 10.403  -3.560  15.235  1.00 21.95 ? 89  LYS A CE  1 
ATOM   740  N  NZ  . LYS A 1 94  ? 10.894  -3.116  13.902  1.00 21.17 ? 89  LYS A NZ  1 
ATOM   741  N  N   . ASP A 1 95  ? 6.116   -4.926  11.373  1.00 12.30 ? 90  ASP A N   1 
ATOM   742  C  CA  . ASP A 1 95  ? 6.494   -4.670  9.986   1.00 12.46 ? 90  ASP A CA  1 
ATOM   743  C  C   . ASP A 1 95  ? 5.479   -3.759  9.321   1.00 12.01 ? 90  ASP A C   1 
ATOM   744  O  O   . ASP A 1 95  ? 5.850   -2.812  8.616   1.00 11.69 ? 90  ASP A O   1 
ATOM   745  C  CB  . ASP A 1 95  ? 6.613   -5.969  9.187   1.00 14.41 ? 90  ASP A CB  1 
ATOM   746  C  CG  . ASP A 1 95  ? 7.818   -6.789  9.577   1.00 19.32 ? 90  ASP A CG  1 
ATOM   747  O  OD1 . ASP A 1 95  ? 8.693   -6.276  10.297  1.00 19.24 ? 90  ASP A OD1 1 
ATOM   748  O  OD2 . ASP A 1 95  ? 7.889   -7.957  9.148   1.00 18.53 ? 90  ASP A OD2 1 
ATOM   749  N  N   . ARG A 1 96  ? 4.198   -4.046  9.531   1.00 10.91 ? 91  ARG A N   1 
ATOM   750  C  CA  . ARG A 1 96  ? 3.160   -3.218  8.930   1.00 11.75 ? 91  ARG A CA  1 
ATOM   751  C  C   . ARG A 1 96  ? 3.193   -1.795  9.493   1.00 11.38 ? 91  ARG A C   1 
ATOM   752  O  O   . ARG A 1 96  ? 3.068   -0.827  8.744   1.00 10.72 ? 91  ARG A O   1 
ATOM   753  C  CB  . ARG A 1 96  ? 1.787   -3.869  9.115   1.00 10.94 ? 91  ARG A CB  1 
ATOM   754  C  CG  . ARG A 1 96  ? 1.590   -5.006  8.118   1.00 11.36 ? 91  ARG A CG  1 
ATOM   755  C  CD  . ARG A 1 96  ? 0.298   -5.767  8.285   1.00 12.26 ? 91  ARG A CD  1 
ATOM   756  N  NE  . ARG A 1 96  ? 0.374   -6.714  9.395   1.00 14.19 ? 91  ARG A NE  1 
ATOM   757  C  CZ  . ARG A 1 96  ? -0.337  -6.623  10.518  1.00 14.97 ? 91  ARG A CZ  1 
ATOM   758  N  NH1 . ARG A 1 96  ? -1.181  -5.609  10.702  1.00 18.28 ? 91  ARG A NH1 1 
ATOM   759  N  NH2 . ARG A 1 96  ? -0.224  -7.564  11.464  1.00 18.49 ? 91  ARG A NH2 1 
ATOM   760  N  N   . ASN A 1 97  ? 3.360   -1.658  10.805  1.00 11.07 ? 92  ASN A N   1 
ATOM   761  C  CA  . ASN A 1 97  ? 3.448   -0.324  11.395  1.00 12.33 ? 92  ASN A CA  1 
ATOM   762  C  C   . ASN A 1 97  ? 4.652   0.453   10.880  1.00 12.12 ? 92  ASN A C   1 
ATOM   763  O  O   . ASN A 1 97  ? 4.516   1.630   10.513  1.00 11.54 ? 92  ASN A O   1 
ATOM   764  C  CB  . ASN A 1 97  ? 3.485   -0.414  12.919  1.00 14.19 ? 92  ASN A CB  1 
ATOM   765  C  CG  . ASN A 1 97  ? 2.127   -0.721  13.517  1.00 15.15 ? 92  ASN A CG  1 
ATOM   766  O  OD1 . ASN A 1 97  ? 1.096   -0.417  12.944  1.00 14.18 ? 92  ASN A OD1 1 
ATOM   767  N  ND2 . ASN A 1 97  ? 2.133   -1.321  14.703  1.00 16.35 ? 92  ASN A ND2 1 
ATOM   768  N  N   . ASP A 1 98  ? 5.821   -0.182  10.841  1.00 11.98 ? 93  ASP A N   1 
ATOM   769  C  CA  . ASP A 1 98  ? 7.007   0.492   10.314  1.00 10.96 ? 93  ASP A CA  1 
ATOM   770  C  C   . ASP A 1 98  ? 6.798   0.914   8.852   1.00 12.60 ? 93  ASP A C   1 
ATOM   771  O  O   . ASP A 1 98  ? 7.074   2.058   8.492   1.00 12.35 ? 93  ASP A O   1 
ATOM   772  C  CB  . ASP A 1 98  ? 8.238   -0.418  10.419  1.00 12.46 ? 93  ASP A CB  1 
ATOM   773  C  CG  . ASP A 1 98  ? 8.667   -0.689  11.861  1.00 13.79 ? 93  ASP A CG  1 
ATOM   774  O  OD1 . ASP A 1 98  ? 8.352   0.115   12.764  1.00 15.92 ? 93  ASP A OD1 1 
ATOM   775  O  OD2 . ASP A 1 98  ? 9.361   -1.699  12.076  1.00 14.65 ? 93  ASP A OD2 1 
ATOM   776  N  N   . LEU A 1 99  ? 6.294   -0.004  8.019   1.00 10.78 ? 94  LEU A N   1 
ATOM   777  C  CA  A LEU A 1 99  ? 6.082   0.258   6.599   0.37 11.22 ? 94  LEU A CA  1 
ATOM   778  C  CA  B LEU A 1 99  ? 6.101   0.281   6.597   0.63 11.21 ? 94  LEU A CA  1 
ATOM   779  C  C   . LEU A 1 99  ? 5.117   1.412   6.394   1.00 12.03 ? 94  LEU A C   1 
ATOM   780  O  O   . LEU A 1 99  ? 5.360   2.308   5.584   1.00 11.26 ? 94  LEU A O   1 
ATOM   781  C  CB  A LEU A 1 99  ? 5.556   -1.001  5.907   0.37 10.92 ? 94  LEU A CB  1 
ATOM   782  C  CB  B LEU A 1 99  ? 5.626   -0.966  5.852   0.63 10.88 ? 94  LEU A CB  1 
ATOM   783  C  CG  A LEU A 1 99  ? 5.473   -1.073  4.378   0.37 11.40 ? 94  LEU A CG  1 
ATOM   784  C  CG  B LEU A 1 99  ? 5.260   -0.814  4.370   0.63 11.29 ? 94  LEU A CG  1 
ATOM   785  C  CD1 A LEU A 1 99  ? 4.279   -0.298  3.820   0.37 12.82 ? 94  LEU A CD1 1 
ATOM   786  C  CD1 B LEU A 1 99  ? 6.389   -0.180  3.558   0.63 13.80 ? 94  LEU A CD1 1 
ATOM   787  C  CD2 A LEU A 1 99  ? 6.770   -0.605  3.740   0.37 13.54 ? 94  LEU A CD2 1 
ATOM   788  C  CD2 B LEU A 1 99  ? 4.851   -2.162  3.776   0.63 12.05 ? 94  LEU A CD2 1 
ATOM   789  N  N   . ILE A 1 100 ? 4.007   1.381   7.121   1.00 10.48 ? 95  ILE A N   1 
ATOM   790  C  CA  . ILE A 1 100 ? 3.003   2.411   6.945   1.00 11.39 ? 95  ILE A CA  1 
ATOM   791  C  C   . ILE A 1 100 ? 3.506   3.763   7.477   1.00 11.86 ? 95  ILE A C   1 
ATOM   792  O  O   . ILE A 1 100 ? 3.184   4.805   6.902   1.00 12.31 ? 95  ILE A O   1 
ATOM   793  C  CB  . ILE A 1 100 ? 1.672   1.998   7.601   1.00 11.92 ? 95  ILE A CB  1 
ATOM   794  C  CG1 . ILE A 1 100 ? 1.066   0.836   6.799   1.00 12.93 ? 95  ILE A CG1 1 
ATOM   795  C  CG2 . ILE A 1 100 ? 0.704   3.183   7.691   1.00 12.39 ? 95  ILE A CG2 1 
ATOM   796  C  CD1 . ILE A 1 100 ? -0.025  0.072   7.501   1.00 15.21 ? 95  ILE A CD1 1 
ATOM   797  N  N   . THR A 1 101 ? 4.328   3.757   8.513   1.00 11.41 ? 96  THR A N   1 
ATOM   798  C  CA  . THR A 1 101 ? 4.935   5.004   8.994   1.00 11.45 ? 96  THR A CA  1 
ATOM   799  C  C   . THR A 1 101 ? 5.763   5.620   7.866   1.00 13.67 ? 96  THR A C   1 
ATOM   800  O  O   . THR A 1 101 ? 5.636   6.824   7.586   1.00 14.25 ? 96  THR A O   1 
ATOM   801  C  CB  . THR A 1 101 ? 5.811   4.787   10.231  1.00 12.70 ? 96  THR A CB  1 
ATOM   802  O  OG1 . THR A 1 101 ? 5.023   4.184   11.267  1.00 13.80 ? 96  THR A OG1 1 
ATOM   803  C  CG2 . THR A 1 101 ? 6.330   6.103   10.748  1.00 14.98 ? 96  THR A CG2 1 
ATOM   804  N  N   . TYR A 1 102 ? 6.583   4.803   7.201   1.00 11.32 ? 97  TYR A N   1 
ATOM   805  C  CA  . TYR A 1 102 ? 7.316   5.257   6.027   1.00 12.53 ? 97  TYR A CA  1 
ATOM   806  C  C   . TYR A 1 102 ? 6.392   5.711   4.907   1.00 13.75 ? 97  TYR A C   1 
ATOM   807  O  O   . TYR A 1 102 ? 6.613   6.782   4.328   1.00 13.95 ? 97  TYR A O   1 
ATOM   808  C  CB  . TYR A 1 102 ? 8.237   4.157   5.501   1.00 12.64 ? 97  TYR A CB  1 
ATOM   809  C  CG  . TYR A 1 102 ? 8.760   4.463   4.117   1.00 13.13 ? 97  TYR A CG  1 
ATOM   810  C  CD1 . TYR A 1 102 ? 9.829   5.336   3.935   1.00 16.27 ? 97  TYR A CD1 1 
ATOM   811  C  CD2 . TYR A 1 102 ? 8.180   3.894   2.990   1.00 14.85 ? 97  TYR A CD2 1 
ATOM   812  C  CE1 . TYR A 1 102 ? 10.301  5.642   2.661   1.00 14.85 ? 97  TYR A CE1 1 
ATOM   813  C  CE2 . TYR A 1 102 ? 8.645   4.186   1.722   1.00 15.25 ? 97  TYR A CE2 1 
ATOM   814  C  CZ  . TYR A 1 102 ? 9.698   5.055   1.562   1.00 15.55 ? 97  TYR A CZ  1 
ATOM   815  O  OH  . TYR A 1 102 ? 10.142  5.344   0.288   1.00 17.66 ? 97  TYR A OH  1 
ATOM   816  N  N   . LEU A 1 103 ? 5.385   4.901   4.582   1.00 12.55 ? 98  LEU A N   1 
ATOM   817  C  CA  A LEU A 1 103 ? 4.535   5.176   3.429   0.68 14.35 ? 98  LEU A CA  1 
ATOM   818  C  CA  B LEU A 1 103 ? 4.500   5.172   3.451   0.32 14.35 ? 98  LEU A CA  1 
ATOM   819  C  C   . LEU A 1 103 ? 3.785   6.492   3.603   1.00 14.43 ? 98  LEU A C   1 
ATOM   820  O  O   . LEU A 1 103 ? 3.615   7.233   2.636   1.00 15.37 ? 98  LEU A O   1 
ATOM   821  C  CB  A LEU A 1 103 ? 3.553   4.018   3.184   0.68 14.71 ? 98  LEU A CB  1 
ATOM   822  C  CB  B LEU A 1 103 ? 3.464   4.060   3.288   0.32 14.78 ? 98  LEU A CB  1 
ATOM   823  C  CG  A LEU A 1 103 ? 2.948   3.870   1.783   0.68 15.76 ? 98  LEU A CG  1 
ATOM   824  C  CG  B LEU A 1 103 ? 3.855   2.831   2.475   0.32 13.30 ? 98  LEU A CG  1 
ATOM   825  C  CD1 A LEU A 1 103 ? 4.041   3.668   0.750   0.68 15.35 ? 98  LEU A CD1 1 
ATOM   826  C  CD1 B LEU A 1 103 ? 2.787   1.769   2.630   0.32 12.88 ? 98  LEU A CD1 1 
ATOM   827  C  CD2 A LEU A 1 103 ? 1.945   2.716   1.718   0.68 14.97 ? 98  LEU A CD2 1 
ATOM   828  C  CD2 B LEU A 1 103 ? 4.061   3.177   1.010   0.32 14.96 ? 98  LEU A CD2 1 
ATOM   829  N  N   . LYS A 1 104 ? 3.340   6.782   4.819   1.00 14.25 ? 99  LYS A N   1 
ATOM   830  C  CA  . LYS A 1 104 ? 2.641   8.035   5.084   1.00 17.14 ? 99  LYS A CA  1 
ATOM   831  C  C   . LYS A 1 104 ? 3.514   9.218   4.715   1.00 16.41 ? 99  LYS A C   1 
ATOM   832  O  O   . LYS A 1 104 ? 3.047   10.172  4.090   1.00 23.89 ? 99  LYS A O   1 
ATOM   833  C  CB  . LYS A 1 104 ? 2.244   8.146   6.551   1.00 21.67 ? 99  LYS A CB  1 
ATOM   834  C  CG  . LYS A 1 104 ? 1.092   7.285   6.956   1.00 21.61 ? 99  LYS A CG  1 
ATOM   835  C  CD  . LYS A 1 104 ? 0.980   7.237   8.471   1.00 25.46 ? 99  LYS A CD  1 
ATOM   836  C  CE  . LYS A 1 104 ? 0.663   8.608   9.045   1.00 31.23 ? 99  LYS A CE  1 
ATOM   837  N  NZ  . LYS A 1 104 ? 0.055   8.515   10.409  1.00 29.88 ? 99  LYS A NZ  1 
ATOM   838  N  N   . LYS A 1 105 ? 4.773   9.145   5.115   1.00 15.99 ? 100 LYS A N   1 
ATOM   839  C  CA  . LYS A 1 105 ? 5.728   10.204  4.842   1.00 19.75 ? 100 LYS A CA  1 
ATOM   840  C  C   . LYS A 1 105 ? 6.054   10.265  3.357   1.00 19.82 ? 100 LYS A C   1 
ATOM   841  O  O   . LYS A 1 105 ? 6.006   11.334  2.742   1.00 20.71 ? 100 LYS A O   1 
ATOM   842  C  CB  . LYS A 1 105 ? 6.997   9.987   5.673   1.00 22.65 ? 100 LYS A CB  1 
ATOM   843  C  CG  . LYS A 1 105 ? 8.192   10.822  5.262   1.00 30.22 ? 100 LYS A CG  1 
ATOM   844  C  CD  . LYS A 1 105 ? 9.416   10.451  6.089   1.00 29.17 ? 100 LYS A CD  1 
ATOM   845  C  CE  . LYS A 1 105 ? 9.134   10.591  7.579   1.00 29.98 ? 100 LYS A CE  1 
ATOM   846  N  NZ  . LYS A 1 105 ? 10.387  10.715  8.379   1.00 38.54 ? 100 LYS A NZ  1 
ATOM   847  N  N   . ALA A 1 106 ? 6.369   9.115   2.772   1.00 17.69 ? 101 ALA A N   1 
ATOM   848  C  CA  . ALA A 1 106 ? 6.890   9.070   1.410   1.00 16.14 ? 101 ALA A CA  1 
ATOM   849  C  C   . ALA A 1 106 ? 5.854   9.404   0.340   1.00 17.07 ? 101 ALA A C   1 
ATOM   850  O  O   . ALA A 1 106 ? 6.213   9.832   -0.756  1.00 18.04 ? 101 ALA A O   1 
ATOM   851  C  CB  . ALA A 1 106 ? 7.487   7.712   1.139   1.00 17.69 ? 101 ALA A CB  1 
ATOM   852  N  N   . THR A 1 107 ? 4.573   9.218   0.642   1.00 15.45 ? 102 THR A N   1 
ATOM   853  C  CA  . THR A 1 107 ? 3.524   9.432   -0.346  1.00 16.29 ? 102 THR A CA  1 
ATOM   854  C  C   . THR A 1 107 ? 2.730   10.709  -0.141  1.00 20.39 ? 102 THR A C   1 
ATOM   855  O  O   . THR A 1 107 ? 1.868   11.011  -0.948  1.00 16.85 ? 102 THR A O   1 
ATOM   856  C  CB  . THR A 1 107 ? 2.489   8.274   -0.381  1.00 14.03 ? 102 THR A CB  1 
ATOM   857  O  OG1 . THR A 1 107 ? 1.772   8.216   0.865   1.00 14.66 ? 102 THR A OG1 1 
ATOM   858  C  CG2 . THR A 1 107 ? 3.159   6.961   -0.666  1.00 14.93 ? 102 THR A CG2 1 
ATOM   859  N  N   . GLU A 1 108 ? 2.992   11.442  0.940   1.00 24.23 ? 103 GLU A N   1 
ATOM   860  C  CA  . GLU A 1 108 ? 2.197   12.634  1.233   1.00 27.97 ? 103 GLU A CA  1 
ATOM   861  C  C   . GLU A 1 108 ? 2.518   13.742  0.241   1.00 31.01 ? 103 GLU A C   1 
ATOM   862  O  O   . GLU A 1 108 ? 1.671   14.583  -0.058  1.00 40.76 ? 103 GLU A O   1 
ATOM   863  C  CB  . GLU A 1 108 ? 2.437   13.125  2.664   1.00 30.81 ? 103 GLU A CB  1 
ATOM   864  C  CG  . GLU A 1 108 ? 3.784   13.795  2.876   1.00 37.24 ? 103 GLU A CG  1 
ATOM   865  C  CD  . GLU A 1 108 ? 3.858   14.580  4.175   1.00 45.15 ? 103 GLU A CD  1 
ATOM   866  O  OE1 . GLU A 1 108 ? 3.321   14.102  5.199   1.00 42.40 ? 103 GLU A OE1 1 
ATOM   867  O  OE2 . GLU A 1 108 ? 4.457   15.677  4.168   1.00 47.69 ? 103 GLU A OE2 1 
ATOM   868  O  OXT . GLU A 1 108 ? 3.630   13.813  -0.288  1.00 32.18 ? 103 GLU A OXT 1 
HETATM 869  FE FE  . HEC B 2 .   ? 1.032   -3.346  -4.529  1.00 13.41 ? 201 HEC A FE  1 
HETATM 870  C  CHA . HEC B 2 .   ? -2.001  -2.384  -5.680  1.00 14.49 ? 201 HEC A CHA 1 
HETATM 871  C  CHB . HEC B 2 .   ? 0.736   -1.244  -1.858  1.00 11.35 ? 201 HEC A CHB 1 
HETATM 872  C  CHC . HEC B 2 .   ? 3.732   -4.862  -3.066  1.00 14.59 ? 201 HEC A CHC 1 
HETATM 873  C  CHD . HEC B 2 .   ? 1.732   -4.935  -7.461  1.00 14.44 ? 201 HEC A CHD 1 
HETATM 874  N  NA  . HEC B 2 .   ? -0.362  -2.066  -3.889  1.00 14.22 ? 201 HEC A NA  1 
HETATM 875  C  C1A . HEC B 2 .   ? -1.573  -1.835  -4.495  1.00 15.23 ? 201 HEC A C1A 1 
HETATM 876  C  C2A . HEC B 2 .   ? -2.313  -0.910  -3.672  1.00 12.81 ? 201 HEC A C2A 1 
HETATM 877  C  C3A . HEC B 2 .   ? -1.551  -0.587  -2.629  1.00 13.56 ? 201 HEC A C3A 1 
HETATM 878  C  C4A . HEC B 2 .   ? -0.311  -1.308  -2.738  1.00 11.74 ? 201 HEC A C4A 1 
HETATM 879  C  CMA . HEC B 2 .   ? -1.905  0.368   -1.480  1.00 12.78 ? 201 HEC A CMA 1 
HETATM 880  C  CAA . HEC B 2 .   ? -3.709  -0.362  -3.997  1.00 14.91 ? 201 HEC A CAA 1 
HETATM 881  C  CBA . HEC B 2 .   ? -3.424  0.849   -4.886  1.00 16.19 ? 201 HEC A CBA 1 
HETATM 882  C  CGA . HEC B 2 .   ? -4.666  1.587   -5.283  1.00 17.97 ? 201 HEC A CGA 1 
HETATM 883  O  O1A . HEC B 2 .   ? -4.534  2.652   -5.947  1.00 18.63 ? 201 HEC A O1A 1 
HETATM 884  O  O2A . HEC B 2 .   ? -5.772  1.112   -4.936  1.00 21.22 ? 201 HEC A O2A 1 
HETATM 885  N  NB  . HEC B 2 .   ? 2.015   -3.105  -2.795  1.00 11.48 ? 201 HEC A NB  1 
HETATM 886  C  C1B . HEC B 2 .   ? 1.783   -2.114  -1.864  1.00 11.65 ? 201 HEC A C1B 1 
HETATM 887  C  C2B . HEC B 2 .   ? 2.811   -2.175  -0.858  1.00 10.81 ? 201 HEC A C2B 1 
HETATM 888  C  C3B . HEC B 2 .   ? 3.644   -3.167  -1.189  1.00 12.87 ? 201 HEC A C3B 1 
HETATM 889  C  C4B . HEC B 2 .   ? 3.159   -3.785  -2.410  1.00 12.90 ? 201 HEC A C4B 1 
HETATM 890  C  CMB . HEC B 2 .   ? 2.921   -1.211  0.347   1.00 12.41 ? 201 HEC A CMB 1 
HETATM 891  C  CAB . HEC B 2 .   ? 4.864   -3.642  -0.400  1.00 12.63 ? 201 HEC A CAB 1 
HETATM 892  C  CBB . HEC B 2 .   ? 4.571   -4.235  0.774   1.00 14.58 ? 201 HEC A CBB 1 
HETATM 893  N  NC  . HEC B 2 .   ? 2.436   -4.687  -5.139  1.00 14.92 ? 201 HEC A NC  1 
HETATM 894  C  C1C . HEC B 2 .   ? 3.505   -5.142  -4.399  1.00 15.95 ? 201 HEC A C1C 1 
HETATM 895  C  C2C . HEC B 2 .   ? 4.337   -5.958  -5.265  1.00 17.45 ? 201 HEC A C2C 1 
HETATM 896  C  C3C . HEC B 2 .   ? 3.804   -5.946  -6.490  1.00 17.74 ? 201 HEC A C3C 1 
HETATM 897  C  C4C . HEC B 2 .   ? 2.588   -5.175  -6.419  1.00 15.84 ? 201 HEC A C4C 1 
HETATM 898  C  CMC . HEC B 2 .   ? 5.642   -6.638  -4.833  1.00 16.35 ? 201 HEC A CMC 1 
HETATM 899  C  CAC . HEC B 2 .   ? 4.286   -6.644  -7.787  1.00 19.15 ? 201 HEC A CAC 1 
HETATM 900  C  CBC . HEC B 2 .   ? 4.917   -7.829  -7.810  1.00 21.03 ? 201 HEC A CBC 1 
HETATM 901  N  ND  . HEC B 2 .   ? 0.028   -3.602  -6.269  1.00 14.14 ? 201 HEC A ND  1 
HETATM 902  C  C1D . HEC B 2 .   ? 0.514   -4.322  -7.363  1.00 14.87 ? 201 HEC A C1D 1 
HETATM 903  C  C2D . HEC B 2 .   ? -0.465  -4.313  -8.423  1.00 17.55 ? 201 HEC A C2D 1 
HETATM 904  C  C3D . HEC B 2 .   ? -1.625  -3.513  -7.873  1.00 16.17 ? 201 HEC A C3D 1 
HETATM 905  C  C4D . HEC B 2 .   ? -1.237  -3.117  -6.537  1.00 15.29 ? 201 HEC A C4D 1 
HETATM 906  C  CMD . HEC B 2 .   ? -0.361  -4.982  -9.808  1.00 21.91 ? 201 HEC A CMD 1 
HETATM 907  C  CAD . HEC B 2 .   ? -2.952  -3.236  -8.597  1.00 18.85 ? 201 HEC A CAD 1 
HETATM 908  C  CBD . HEC B 2 .   ? -3.865  -4.353  -8.094  1.00 17.10 ? 201 HEC A CBD 1 
HETATM 909  C  CGD . HEC B 2 .   ? -5.124  -4.524  -8.894  1.00 18.73 ? 201 HEC A CGD 1 
HETATM 910  O  O1D . HEC B 2 .   ? -5.360  -3.726  -9.838  1.00 20.41 ? 201 HEC A O1D 1 
HETATM 911  O  O2D . HEC B 2 .   ? -5.870  -5.481  -8.536  1.00 21.33 ? 201 HEC A O2D 1 
HETATM 912  BR BR  . BR  C 3 .   ? 12.527  -3.720  18.483  0.20 24.27 ? 202 BR  A BR  1 
HETATM 913  BR BR  . BR  D 3 .   ? 12.871  -10.824 18.153  0.25 26.53 ? 203 BR  A BR  1 
HETATM 914  O  O2  . 6VB E 4 .   ? 6.676   -13.095 5.758   1.00 17.19 ? 204 6VB A O2  1 
HETATM 915  O  O3  . 6VB E 4 .   ? 6.538   -12.014 7.883   1.00 14.53 ? 204 6VB A O3  1 
HETATM 916  C  C7  . 6VB E 4 .   ? 2.023   -19.766 7.510   1.00 18.59 ? 204 6VB A C7  1 
HETATM 917  C  C8  . 6VB E 4 .   ? 1.299   -20.546 8.602   1.00 18.21 ? 204 6VB A C8  1 
HETATM 918  C  C9  . 6VB E 4 .   ? 0.749   -19.456 9.532   1.00 16.10 ? 204 6VB A C9  1 
HETATM 919  C  C10 . 6VB E 4 .   ? -0.346  -18.699 9.131   1.00 16.41 ? 204 6VB A C10 1 
HETATM 920  C  C11 . 6VB E 4 .   ? -0.859  -17.678 9.936   1.00 16.89 ? 204 6VB A C11 1 
HETATM 921  C  C12 . 6VB E 4 .   ? -0.262  -17.418 11.170  1.00 18.15 ? 204 6VB A C12 1 
HETATM 922  O  O13 . 6VB E 4 .   ? 0.347   -17.077 4.280   1.00 23.02 ? 204 6VB A O13 1 
HETATM 923  C  C14 . 6VB E 4 .   ? 1.480   -17.852 12.934  1.00 18.14 ? 204 6VB A C14 1 
HETATM 924  C  C15 . 6VB E 4 .   ? 2.370   -16.625 12.769  1.00 18.33 ? 204 6VB A C15 1 
HETATM 925  C  C16 . 6VB E 4 .   ? 1.920   -15.370 13.175  1.00 17.09 ? 204 6VB A C16 1 
HETATM 926  C  C17 . 6VB E 4 .   ? 2.739   -14.261 13.002  1.00 16.55 ? 204 6VB A C17 1 
HETATM 927  C  C18 . 6VB E 4 .   ? 3.994   -14.392 12.430  1.00 15.43 ? 204 6VB A C18 1 
HETATM 928  C  C19 . 6VB E 4 .   ? 4.447   -15.639 12.011  1.00 14.67 ? 204 6VB A C19 1 
HETATM 929  C  C21 . 6VB E 4 .   ? 5.743   -15.676 9.839   1.00 14.67 ? 204 6VB A C21 1 
HETATM 930  C  C22 . 6VB E 4 .   ? 5.833   -14.447 9.147   1.00 14.02 ? 204 6VB A C22 1 
HETATM 931  O  O15 . 6VB E 4 .   ? 0.335   -19.376 3.557   1.00 27.27 ? 204 6VB A O15 1 
HETATM 932  S  S3  . 6VB E 4 .   ? 1.199   -18.245 3.970   1.00 21.02 ? 204 6VB A S3  1 
HETATM 933  O  O14 . 6VB E 4 .   ? 2.161   -17.890 2.899   1.00 24.43 ? 204 6VB A O14 1 
HETATM 934  C  C5  . 6VB E 4 .   ? 1.978   -18.660 5.328   1.00 18.28 ? 204 6VB A C5  1 
HETATM 935  C  C4  . 6VB E 4 .   ? 3.305   -18.270 5.543   1.00 17.16 ? 204 6VB A C4  1 
HETATM 936  C  C6  . 6VB E 4 .   ? 1.346   -19.412 6.329   1.00 19.63 ? 204 6VB A C6  1 
HETATM 937  C  C27 . 6VB E 4 .   ? 3.340   -19.363 7.703   1.00 17.20 ? 204 6VB A C27 1 
HETATM 938  O  O12 . 6VB E 4 .   ? 3.997   -19.713 8.849   1.00 17.63 ? 204 6VB A O12 1 
HETATM 939  C  C3  . 6VB E 4 .   ? 3.976   -18.603 6.725   1.00 15.82 ? 204 6VB A C3  1 
HETATM 940  C  C2  . 6VB E 4 .   ? 5.406   -18.153 6.921   1.00 14.50 ? 204 6VB A C2  1 
HETATM 941  C  C26 . 6VB E 4 .   ? 1.335   -19.185 10.770  1.00 14.03 ? 204 6VB A C26 1 
HETATM 942  O  O8  . 6VB E 4 .   ? 2.412   -19.916 11.175  1.00 16.85 ? 204 6VB A O8  1 
HETATM 943  C  C13 . 6VB E 4 .   ? 0.833   -18.169 11.593  1.00 16.15 ? 204 6VB A C13 1 
HETATM 944  S  S2  . 6VB E 4 .   ? -2.127  -16.821 9.436   1.00 19.15 ? 204 6VB A S2  1 
HETATM 945  O  O10 . 6VB E 4 .   ? -3.273  -17.700 9.114   1.00 27.29 ? 204 6VB A O10 1 
HETATM 946  O  O11 . 6VB E 4 .   ? -1.747  -16.082 8.208   1.00 27.12 ? 204 6VB A O11 1 
HETATM 947  O  O9  . 6VB E 4 .   ? -2.530  -15.859 10.481  1.00 26.86 ? 204 6VB A O9  1 
HETATM 948  C  C25 . 6VB E 4 .   ? 3.625   -16.744 12.196  1.00 15.90 ? 204 6VB A C25 1 
HETATM 949  O  O4  . 6VB E 4 .   ? 4.048   -17.978 11.811  1.00 16.19 ? 204 6VB A O4  1 
HETATM 950  C  C20 . 6VB E 4 .   ? 5.815   -15.736 11.371  1.00 16.29 ? 204 6VB A C20 1 
HETATM 951  C  C   . 6VB E 4 .   ? 5.610   -16.858 9.108   1.00 14.11 ? 204 6VB A C   1 
HETATM 952  O  O   . 6VB E 4 .   ? 5.536   -18.051 9.778   1.00 16.40 ? 204 6VB A O   1 
HETATM 953  C  C23 . 6VB E 4 .   ? 5.776   -14.384 7.749   1.00 13.51 ? 204 6VB A C23 1 
HETATM 954  C  C24 . 6VB E 4 .   ? 5.632   -15.599 7.048   1.00 13.09 ? 204 6VB A C24 1 
HETATM 955  C  C1  . 6VB E 4 .   ? 5.539   -16.839 7.711   1.00 13.81 ? 204 6VB A C1  1 
HETATM 956  S  S   . 6VB E 4 .   ? 5.868   -12.932 6.981   1.00 13.58 ? 204 6VB A S   1 
HETATM 957  O  O1  . 6VB E 4 .   ? 4.504   -12.468 6.680   1.00 14.66 ? 204 6VB A O1  1 
HETATM 958  BR BR1 . 6VB E 4 .   ? 2.185   -12.545 13.548  0.70 16.27 ? 204 6VB A BR1 1 
HETATM 959  O  O2  . 6VB F 4 .   ? 7.990   -2.688  20.176  0.70 33.95 ? 205 6VB A O2  1 
HETATM 960  O  O3  . 6VB F 4 .   ? 8.501   -4.609  18.841  0.70 25.62 ? 205 6VB A O3  1 
HETATM 961  C  C7  . 6VB F 4 .   ? 16.345  -2.050  17.053  0.70 20.07 ? 205 6VB A C7  1 
HETATM 962  C  C8  . 6VB F 4 .   ? 17.700  -2.718  17.244  0.70 20.53 ? 205 6VB A C8  1 
HETATM 963  C  C9  . 6VB F 4 .   ? 17.495  -4.217  17.133  0.70 18.73 ? 205 6VB A C9  1 
HETATM 964  C  C10 . 6VB F 4 .   ? 17.427  -4.791  15.875  0.70 18.85 ? 205 6VB A C10 1 
HETATM 965  C  C11 . 6VB F 4 .   ? 17.226  -6.156  15.740  0.70 21.63 ? 205 6VB A C11 1 
HETATM 966  C  C12 . 6VB F 4 .   ? 17.076  -6.959  16.872  0.70 22.34 ? 205 6VB A C12 1 
HETATM 967  O  O13 . 6VB F 4 .   ? 13.075  0.260   14.227  0.70 29.22 ? 205 6VB A O13 1 
HETATM 968  C  C14 . 6VB F 4 .   ? 16.961  -7.230  19.393  0.70 19.80 ? 205 6VB A C14 1 
HETATM 969  C  C15 . 6VB F 4 .   ? 15.499  -7.227  19.829  0.70 19.48 ? 205 6VB A C15 1 
HETATM 970  C  C16 . 6VB F 4 .   ? 14.688  -8.318  19.547  0.70 23.03 ? 205 6VB A C16 1 
HETATM 971  C  C17 . 6VB F 4 .   ? 13.354  -8.312  19.943  0.70 18.28 ? 205 6VB A C17 1 
HETATM 972  C  C18 . 6VB F 4 .   ? 12.822  -7.240  20.623  0.70 21.53 ? 205 6VB A C18 1 
HETATM 973  C  C19 . 6VB F 4 .   ? 13.623  -6.152  20.910  0.70 22.01 ? 205 6VB A C19 1 
HETATM 974  C  C21 . 6VB F 4 .   ? 12.335  -3.977  20.780  0.70 24.54 ? 205 6VB A C21 1 
HETATM 975  C  C22 . 6VB F 4 .   ? 10.997  -4.076  20.387  0.70 25.52 ? 205 6VB A C22 1 
HETATM 976  O  O15 . 6VB F 4 .   ? 13.359  -2.053  13.614  0.70 25.71 ? 205 6VB A O15 1 
HETATM 977  S  S3  . 6VB F 4 .   ? 14.044  -0.848  14.131  0.70 23.50 ? 205 6VB A S3  1 
HETATM 978  O  O14 . 6VB F 4 .   ? 15.145  -0.462  13.222  0.70 26.48 ? 205 6VB A O14 1 
HETATM 979  C  C5  . 6VB F 4 .   ? 14.620  -1.175  15.594  0.70 18.94 ? 205 6VB A C5  1 
HETATM 980  C  C4  . 6VB F 4 .   ? 13.851  -0.852  16.703  0.70 25.79 ? 205 6VB A C4  1 
HETATM 981  C  C6  . 6VB F 4 .   ? 15.866  -1.776  15.770  0.70 25.08 ? 205 6VB A C6  1 
HETATM 982  C  C27 . 6VB F 4 .   ? 15.562  -1.722  18.150  0.70 24.21 ? 205 6VB A C27 1 
HETATM 983  O  O12 . 6VB F 4 .   ? 16.032  -1.993  19.395  0.70 23.54 ? 205 6VB A O12 1 
HETATM 984  C  C3  . 6VB F 4 .   ? 14.315  -1.125  17.985  0.70 23.32 ? 205 6VB A C3  1 
HETATM 985  C  C2  . 6VB F 4 .   ? 13.447  -0.757  19.172  0.70 23.95 ? 205 6VB A C2  1 
HETATM 986  C  C26 . 6VB F 4 .   ? 17.341  -5.017  18.260  0.70 18.19 ? 205 6VB A C26 1 
HETATM 987  O  O8  . 6VB F 4 .   ? 17.411  -4.466  19.499  0.70 18.89 ? 205 6VB A O8  1 
HETATM 988  C  C13 . 6VB F 4 .   ? 17.131  -6.385  18.142  0.70 16.26 ? 205 6VB A C13 1 
HETATM 989  S  S2  . 6VB F 4 .   ? 17.171  -6.771  14.267  0.70 30.10 ? 205 6VB A S2  1 
HETATM 990  O  O10 . 6VB F 4 .   ? 18.068  -5.999  13.380  0.70 31.29 ? 205 6VB A O10 1 
HETATM 991  O  O11 . 6VB F 4 .   ? 15.781  -6.706  13.761  0.70 26.88 ? 205 6VB A O11 1 
HETATM 992  O  O9  . 6VB F 4 .   ? 17.622  -8.176  14.332  0.70 29.21 ? 205 6VB A O9  1 
HETATM 993  C  C25 . 6VB F 4 .   ? 14.959  -6.152  20.521  0.70 16.37 ? 205 6VB A C25 1 
HETATM 994  O  O4  . 6VB F 4 .   ? 15.735  -5.083  20.803  0.70 20.93 ? 205 6VB A O4  1 
HETATM 995  C  C20 . 6VB F 4 .   ? 12.997  -5.006  21.668  0.70 25.26 ? 205 6VB A C20 1 
HETATM 996  C  C   . 6VB F 4 .   ? 13.099  -2.898  20.391  0.70 26.49 ? 205 6VB A C   1 
HETATM 997  O  O   . 6VB F 4 .   ? 14.398  -2.829  20.795  0.70 25.64 ? 205 6VB A O   1 
HETATM 998  C  C23 . 6VB F 4 .   ? 10.428  -3.095  19.572  0.70 25.69 ? 205 6VB A C23 1 
HETATM 999  C  C24 . 6VB F 4 .   ? 11.221  -2.009  19.180  0.70 27.94 ? 205 6VB A C24 1 
HETATM 1000 C  C1  . 6VB F 4 .   ? 12.562  -1.914  19.585  0.70 25.31 ? 205 6VB A C1  1 
HETATM 1001 S  S   . 6VB F 4 .   ? 8.883   -3.206  19.112  0.70 37.47 ? 205 6VB A S   1 
HETATM 1002 O  O1  . 6VB F 4 .   ? 8.679   -2.417  17.881  0.70 27.69 ? 205 6VB A O1  1 
HETATM 1003 BR BR1 . 6VB F 4 .   ? 12.230  -9.767  19.568  0.45 20.86 ? 205 6VB A BR1 1 
HETATM 1004 O  O2  . 6VB G 4 .   ? 8.679   -8.886  23.327  0.60 27.74 ? 206 6VB A O2  1 
HETATM 1005 O  O3  . 6VB G 4 .   ? 7.077   -7.476  22.227  0.60 28.27 ? 206 6VB A O3  1 
HETATM 1006 C  C7  . 6VB G 4 .   ? 12.270  -13.819 18.664  0.60 23.48 ? 206 6VB A C7  1 
HETATM 1007 C  C8  . 6VB G 4 .   ? 13.075  -14.090 17.409  0.60 25.43 ? 206 6VB A C8  1 
HETATM 1008 C  C9  . 6VB G 4 .   ? 13.896  -12.847 17.158  0.60 26.71 ? 206 6VB A C9  1 
HETATM 1009 C  C10 . 6VB G 4 .   ? 15.101  -12.654 17.830  0.60 28.73 ? 206 6VB A C10 1 
HETATM 1010 C  C11 . 6VB G 4 .   ? 15.848  -11.503 17.607  0.60 28.14 ? 206 6VB A C11 1 
HETATM 1011 C  C12 . 6VB G 4 .   ? 15.376  -10.547 16.707  0.60 27.66 ? 206 6VB A C12 1 
HETATM 1012 O  O13 . 6VB G 4 .   ? 14.080  -13.739 22.559  0.60 23.74 ? 206 6VB A O13 1 
HETATM 1013 C  C14 . 6VB G 4 .   ? 13.626  -9.722  15.065  0.60 27.09 ? 206 6VB A C14 1 
HETATM 1014 C  C15 . 6VB G 4 .   ? 12.847  -8.643  15.787  0.60 22.87 ? 206 6VB A C15 1 
HETATM 1015 C  C16 . 6VB G 4 .   ? 13.492  -7.459  16.117  0.60 19.40 ? 206 6VB A C16 1 
HETATM 1016 C  C17 . 6VB G 4 .   ? 12.807  -6.450  16.777  0.60 15.67 ? 206 6VB A C17 1 
HETATM 1017 C  C18 . 6VB G 4 .   ? 11.470  -6.615  17.116  0.60 19.46 ? 206 6VB A C18 1 
HETATM 1018 C  C19 . 6VB G 4 .   ? 10.815  -7.802  16.790  0.60 15.20 ? 206 6VB A C19 1 
HETATM 1019 C  C21 . 6VB G 4 .   ? 9.122   -8.734  18.435  0.60 21.47 ? 206 6VB A C21 1 
HETATM 1020 C  C22 . 6VB G 4 .   ? 8.914   -8.047  19.626  0.60 23.81 ? 206 6VB A C22 1 
HETATM 1021 O  O15 . 6VB G 4 .   ? 12.741  -15.736 22.579  0.60 27.95 ? 206 6VB A O15 1 
HETATM 1022 S  S3  . 6VB G 4 .   ? 12.698  -14.262 22.472  0.60 23.34 ? 206 6VB A S3  1 
HETATM 1023 O  O14 . 6VB G 4 .   ? 11.891  -13.731 23.599  0.60 20.58 ? 206 6VB A O14 1 
HETATM 1024 C  C5  . 6VB G 4 .   ? 12.065  -13.872 21.059  0.60 20.50 ? 206 6VB A C5  1 
HETATM 1025 C  C4  . 6VB G 4 .   ? 10.803  -13.291 20.970  0.60 20.80 ? 206 6VB A C4  1 
HETATM 1026 C  C6  . 6VB G 4 .   ? 12.796  -14.135 19.908  0.60 22.71 ? 206 6VB A C6  1 
HETATM 1027 C  C27 . 6VB G 4 .   ? 11.018  -13.232 18.578  0.60 23.41 ? 206 6VB A C27 1 
HETATM 1028 O  O12 . 6VB G 4 .   ? 10.509  -12.923 17.354  0.60 26.41 ? 206 6VB A O12 1 
HETATM 1029 C  C3  . 6VB G 4 .   ? 10.280  -12.961 19.721  0.60 20.60 ? 206 6VB A C3  1 
HETATM 1030 C  C2  . 6VB G 4 .   ? 8.899   -12.339 19.606  0.60 18.99 ? 206 6VB A C2  1 
HETATM 1031 C  C26 . 6VB G 4 .   ? 13.432  -11.892 16.274  0.60 27.65 ? 206 6VB A C26 1 
HETATM 1032 O  O8  . 6VB G 4 .   ? 12.250  -12.087 15.625  0.60 28.09 ? 206 6VB A O8  1 
HETATM 1033 C  C13 . 6VB G 4 .   ? 14.163  -10.743 16.044  0.60 26.38 ? 206 6VB A C13 1 
HETATM 1034 S  S2  . 6VB G 4 .   ? 17.237  -11.295 18.379  0.60 34.08 ? 206 6VB A S2  1 
HETATM 1035 O  O10 . 6VB G 4 .   ? 18.148  -12.419 18.064  0.60 32.53 ? 206 6VB A O10 1 
HETATM 1036 O  O11 . 6VB G 4 .   ? 17.027  -11.235 19.841  0.60 27.03 ? 206 6VB A O11 1 
HETATM 1037 O  O9  . 6VB G 4 .   ? 17.843  -10.027 17.917  0.60 28.21 ? 206 6VB A O9  1 
HETATM 1038 C  C25 . 6VB G 4 .   ? 11.507  -8.809  16.121  0.60 21.03 ? 206 6VB A C25 1 
HETATM 1039 O  O4  . 6VB G 4 .   ? 10.874  -9.973  15.797  0.60 20.23 ? 206 6VB A O4  1 
HETATM 1040 C  C20 . 6VB G 4 .   ? 9.348   -7.969  17.147  0.60 20.41 ? 206 6VB A C20 1 
HETATM 1041 C  C   . 6VB G 4 .   ? 9.111   -10.119 18.424  0.60 19.80 ? 206 6VB A C   1 
HETATM 1042 O  O   . 6VB G 4 .   ? 9.311   -10.782 17.252  0.60 22.50 ? 206 6VB A O   1 
HETATM 1043 C  C23 . 6VB G 4 .   ? 8.709   -8.752  20.812  0.60 24.45 ? 206 6VB A C23 1 
HETATM 1044 C  C24 . 6VB G 4 .   ? 8.702   -10.138 20.793  0.60 20.48 ? 206 6VB A C24 1 
HETATM 1045 C  C1  . 6VB G 4 .   ? 8.914   -10.824 19.602  0.60 21.57 ? 206 6VB A C1  1 
HETATM 1046 S  S   . 6VB G 4 .   ? 8.466   -7.973  22.186  0.60 28.68 ? 206 6VB A S   1 
HETATM 1047 O  O1  . 6VB G 4 .   ? 9.390   -6.821  22.288  0.60 27.07 ? 206 6VB A O1  1 
HETATM 1048 BR BR1 . 6VB G 4 .   ? 13.725  -4.858  17.209  0.40 12.09 ? 206 6VB A BR1 1 
HETATM 1049 O  O   . HOH H 5 .   ? 14.545  -15.308 24.148  1.00 39.74 ? 301 HOH A O   1 
HETATM 1050 O  O   . HOH H 5 .   ? 2.441   12.288  6.304   1.00 34.92 ? 302 HOH A O   1 
HETATM 1051 O  O   . HOH H 5 .   ? 2.693   -0.469  -15.530 1.00 34.75 ? 303 HOH A O   1 
HETATM 1052 O  O   . HOH H 5 .   ? 16.991  -0.628  21.038  1.00 33.44 ? 304 HOH A O   1 
HETATM 1053 O  O   . HOH H 5 .   ? 1.383   -15.406 2.951   1.00 37.83 ? 305 HOH A O   1 
HETATM 1054 O  O   . HOH H 5 .   ? 6.684   15.812  3.279   1.00 44.01 ? 306 HOH A O   1 
HETATM 1055 O  O   . HOH H 5 .   ? 2.399   -19.050 0.779   1.00 34.56 ? 307 HOH A O   1 
HETATM 1056 O  O   . HOH H 5 .   ? -1.772  12.757  -14.656 1.00 29.10 ? 308 HOH A O   1 
HETATM 1057 O  O   . HOH H 5 .   ? -12.897 2.768   -6.292  1.00 29.02 ? 309 HOH A O   1 
HETATM 1058 O  O   . HOH H 5 .   ? 18.478  1.846   7.140   1.00 27.76 ? 310 HOH A O   1 
HETATM 1059 O  O   . HOH H 5 .   ? 13.265  0.458   -8.806  1.00 35.58 ? 311 HOH A O   1 
HETATM 1060 O  O   . HOH H 5 .   ? -9.222  3.174   -12.446 1.00 29.37 ? 312 HOH A O   1 
HETATM 1061 O  O   . HOH H 5 .   ? 10.656  -0.144  14.680  0.53 21.36 ? 313 HOH A O   1 
HETATM 1062 O  O   . HOH H 5 .   ? -11.110 -2.607  -14.665 1.00 36.45 ? 314 HOH A O   1 
HETATM 1063 O  O   . HOH H 5 .   ? 10.900  6.617   -9.450  1.00 31.50 ? 315 HOH A O   1 
HETATM 1064 O  O   . HOH H 5 .   ? -7.732  -0.762  21.356  1.00 36.89 ? 316 HOH A O   1 
HETATM 1065 O  O   . HOH H 5 .   ? 14.705  -4.024  12.667  1.00 30.90 ? 317 HOH A O   1 
HETATM 1066 O  O   . HOH H 5 .   ? -3.810  -3.921  14.790  1.00 24.07 ? 318 HOH A O   1 
HETATM 1067 O  O   . HOH H 5 .   ? -14.386 -2.030  -13.185 1.00 41.01 ? 319 HOH A O   1 
HETATM 1068 O  O   . HOH H 5 .   ? 11.691  7.379   -0.062  1.00 28.45 ? 320 HOH A O   1 
HETATM 1069 O  O   . HOH H 5 .   ? 5.678   -10.911 -5.678  1.00 34.80 ? 321 HOH A O   1 
HETATM 1070 O  O   . HOH H 5 .   ? 5.083   11.621  -2.577  1.00 23.99 ? 322 HOH A O   1 
HETATM 1071 O  O   . HOH H 5 .   ? 7.895   -18.951 10.382  1.00 20.05 ? 323 HOH A O   1 
HETATM 1072 O  O   . HOH H 5 .   ? -0.484  -1.873  15.951  1.00 20.75 ? 324 HOH A O   1 
HETATM 1073 O  O   . HOH H 5 .   ? 6.077   13.261  0.423   1.00 37.02 ? 325 HOH A O   1 
HETATM 1074 O  O   . HOH H 5 .   ? -6.135  4.858   -5.891  1.00 20.44 ? 326 HOH A O   1 
HETATM 1075 O  O   . HOH H 5 .   ? -7.694  -4.058  20.264  0.59 25.60 ? 327 HOH A O   1 
HETATM 1076 O  O   . HOH H 5 .   ? -10.797 5.791   5.478   1.00 17.45 ? 328 HOH A O   1 
HETATM 1077 O  O   . HOH H 5 .   ? 4.604   8.750   9.095   1.00 24.26 ? 329 HOH A O   1 
HETATM 1078 O  O   . HOH H 5 .   ? -2.400  4.489   -6.060  1.00 21.45 ? 330 HOH A O   1 
HETATM 1079 O  O   . HOH H 5 .   ? -1.105  -1.994  12.263  1.00 16.50 ? 331 HOH A O   1 
HETATM 1080 O  O   . HOH H 5 .   ? -6.662  8.447   4.878   1.00 23.17 ? 332 HOH A O   1 
HETATM 1081 O  O   . HOH H 5 .   ? 12.047  2.383   -9.404  1.00 31.62 ? 333 HOH A O   1 
HETATM 1082 O  O   . HOH H 5 .   ? 9.632   5.687   -5.756  1.00 22.19 ? 334 HOH A O   1 
HETATM 1083 O  O   . HOH H 5 .   ? -2.180  11.776  1.114   1.00 30.58 ? 335 HOH A O   1 
HETATM 1084 O  O   . HOH H 5 .   ? 7.525   7.085   15.252  1.00 33.46 ? 336 HOH A O   1 
HETATM 1085 O  O   . HOH H 5 .   ? 10.104  -4.103  11.038  1.00 17.28 ? 337 HOH A O   1 
HETATM 1086 O  O   . HOH H 5 .   ? 6.859   13.181  -13.197 1.00 25.86 ? 338 HOH A O   1 
HETATM 1087 O  O   . HOH H 5 .   ? -11.392 9.477   -3.847  1.00 28.15 ? 339 HOH A O   1 
HETATM 1088 O  O   . HOH H 5 .   ? -2.429  4.580   -19.140 1.00 35.85 ? 340 HOH A O   1 
HETATM 1089 O  O   . HOH H 5 .   ? 11.063  -17.879 22.534  1.00 29.94 ? 341 HOH A O   1 
HETATM 1090 O  O   . HOH H 5 .   ? -6.063  -8.940  4.817   1.00 19.01 ? 342 HOH A O   1 
HETATM 1091 O  O   . HOH H 5 .   ? 6.290   -11.291 3.751   1.00 20.91 ? 343 HOH A O   1 
HETATM 1092 O  O   . HOH H 5 .   ? 12.415  -7.125  3.735   1.00 22.31 ? 344 HOH A O   1 
HETATM 1093 O  O   . HOH H 5 .   ? -4.354  8.591   6.373   1.00 28.12 ? 345 HOH A O   1 
HETATM 1094 O  O   . HOH H 5 .   ? 1.979   9.326   -10.880 1.00 20.35 ? 346 HOH A O   1 
HETATM 1095 O  O   . HOH H 5 .   ? 9.815   -4.338  -11.634 1.00 22.22 ? 347 HOH A O   1 
HETATM 1096 O  O   . HOH H 5 .   ? 13.225  2.950   0.670   1.00 25.46 ? 348 HOH A O   1 
HETATM 1097 O  O   . HOH H 5 .   ? -0.645  9.515   0.807   1.00 22.04 ? 349 HOH A O   1 
HETATM 1098 O  O   . HOH H 5 .   ? -4.056  -7.643  10.441  1.00 18.64 ? 350 HOH A O   1 
HETATM 1099 O  O   . HOH H 5 .   ? -8.398  -5.636  10.838  1.00 17.21 ? 351 HOH A O   1 
HETATM 1100 O  O   . HOH H 5 .   ? -0.672  8.298   -8.298  1.00 30.36 ? 352 HOH A O   1 
HETATM 1101 O  O   . HOH H 5 .   ? 16.137  2.270   5.636   1.00 22.28 ? 353 HOH A O   1 
HETATM 1102 O  O   . HOH H 5 .   ? 8.840   10.496  -1.285  1.00 28.04 ? 354 HOH A O   1 
HETATM 1103 O  O   . HOH H 5 .   ? -5.363  -4.334  -4.804  1.00 21.91 ? 355 HOH A O   1 
HETATM 1104 O  O   . HOH H 5 .   ? -9.449  -10.136 -11.262 1.00 34.64 ? 356 HOH A O   1 
HETATM 1105 O  O   . HOH H 5 .   ? 9.212   -13.824 24.299  1.00 30.07 ? 357 HOH A O   1 
HETATM 1106 O  O   . HOH H 5 .   ? 1.548   11.071  -8.835  1.00 23.62 ? 358 HOH A O   1 
HETATM 1107 O  O   . HOH H 5 .   ? 14.462  -1.353  23.143  1.00 31.41 ? 359 HOH A O   1 
HETATM 1108 O  O   . HOH H 5 .   ? 6.628   14.846  -10.929 0.58 21.01 ? 360 HOH A O   1 
HETATM 1109 O  O   . HOH H 5 .   ? 9.980   -7.573  12.387  0.62 22.82 ? 361 HOH A O   1 
HETATM 1110 O  O   . HOH H 5 .   ? 5.600   -9.432  8.356   1.00 16.60 ? 362 HOH A O   1 
HETATM 1111 O  O   . HOH H 5 .   ? 4.518   2.444   -9.615  1.00 16.14 ? 363 HOH A O   1 
HETATM 1112 O  O   . HOH H 5 .   ? -13.505 -10.255 -6.579  1.00 34.25 ? 364 HOH A O   1 
HETATM 1113 O  O   . HOH H 5 .   ? 10.736  -4.236  -4.064  1.00 17.11 ? 365 HOH A O   1 
HETATM 1114 O  O   . HOH H 5 .   ? 6.978   -0.578  15.108  1.00 31.28 ? 366 HOH A O   1 
HETATM 1115 O  O   . HOH H 5 .   ? -13.899 -6.280  -4.906  1.00 30.04 ? 367 HOH A O   1 
HETATM 1116 O  O   . HOH H 5 .   ? 2.901   -13.845 4.824   1.00 23.67 ? 368 HOH A O   1 
HETATM 1117 O  O   . HOH H 5 .   ? -6.535  -5.170  18.504  0.41 23.43 ? 369 HOH A O   1 
HETATM 1118 O  O   . HOH H 5 .   ? 8.052   -8.427  -2.220  1.00 17.87 ? 370 HOH A O   1 
HETATM 1119 O  O   . HOH H 5 .   ? 10.119  -8.457  4.287   1.00 20.15 ? 371 HOH A O   1 
HETATM 1120 O  O   . HOH H 5 .   ? -0.224  -13.301 5.224   1.00 24.69 ? 372 HOH A O   1 
HETATM 1121 O  O   . HOH H 5 .   ? -4.632  12.199  -2.360  1.00 36.50 ? 373 HOH A O   1 
HETATM 1122 O  O   . HOH H 5 .   ? -2.280  -11.971 -0.743  1.00 23.61 ? 374 HOH A O   1 
HETATM 1123 O  O   . HOH H 5 .   ? 4.507   5.072   -15.991 1.00 16.60 ? 375 HOH A O   1 
HETATM 1124 O  O   . HOH H 5 .   ? -1.034  -11.527 11.274  1.00 21.23 ? 376 HOH A O   1 
HETATM 1125 O  O   . HOH H 5 .   ? -4.780  3.743   14.425  1.00 28.73 ? 377 HOH A O   1 
HETATM 1126 O  O   . HOH H 5 .   ? -15.021 -6.670  -0.359  1.00 33.47 ? 378 HOH A O   1 
HETATM 1127 O  O   . HOH H 5 .   ? -4.004  -15.033 0.209   1.00 36.87 ? 379 HOH A O   1 
HETATM 1128 O  O   . HOH H 5 .   ? 16.304  0.444   10.777  1.00 29.47 ? 380 HOH A O   1 
HETATM 1129 O  O   . HOH H 5 .   ? -8.424  -2.168  9.843   0.52 12.92 ? 381 HOH A O   1 
HETATM 1130 O  O   . HOH H 5 .   ? 4.810   -12.621 -1.298  1.00 32.69 ? 382 HOH A O   1 
HETATM 1131 O  O   . HOH H 5 .   ? 6.990   8.664   -14.284 1.00 31.94 ? 383 HOH A O   1 
HETATM 1132 O  O   . HOH H 5 .   ? 20.439  -12.373 19.782  1.00 23.71 ? 384 HOH A O   1 
HETATM 1133 O  O   . HOH H 5 .   ? -1.753  -0.040  -16.195 1.00 28.06 ? 385 HOH A O   1 
HETATM 1134 O  O   . HOH H 5 .   ? 1.610   -8.096  -9.148  1.00 27.02 ? 386 HOH A O   1 
HETATM 1135 O  O   . HOH H 5 .   ? 10.566  4.585   -2.452  1.00 27.14 ? 387 HOH A O   1 
HETATM 1136 O  O   . HOH H 5 .   ? 11.969  -5.713  13.284  1.00 26.46 ? 388 HOH A O   1 
HETATM 1137 O  O   . HOH H 5 .   ? 6.819   13.553  -4.139  1.00 23.85 ? 389 HOH A O   1 
HETATM 1138 O  O   . HOH H 5 .   ? 9.762   -9.032  7.238   1.00 29.82 ? 390 HOH A O   1 
HETATM 1139 O  O   . HOH H 5 .   ? 3.785   4.900   18.484  1.00 30.21 ? 391 HOH A O   1 
HETATM 1140 O  O   . HOH H 5 .   ? -0.703  8.575   -11.244 1.00 28.74 ? 392 HOH A O   1 
HETATM 1141 O  O   . HOH H 5 .   ? -15.076 -2.793  -11.102 1.00 35.73 ? 393 HOH A O   1 
HETATM 1142 O  O   . HOH H 5 .   ? 9.631   10.664  -10.943 1.00 27.02 ? 394 HOH A O   1 
HETATM 1143 O  O   . HOH H 5 .   ? 16.396  -0.618  8.414   1.00 31.62 ? 395 HOH A O   1 
HETATM 1144 O  O   . HOH H 5 .   ? -11.394 -8.279  -11.111 1.00 28.22 ? 396 HOH A O   1 
HETATM 1145 O  O   . HOH H 5 .   ? 0.160   10.509  3.819   1.00 32.06 ? 397 HOH A O   1 
HETATM 1146 O  O   . HOH H 5 .   ? 10.555  -10.462 -6.854  1.00 26.89 ? 398 HOH A O   1 
HETATM 1147 O  O   . HOH H 5 .   ? -15.411 6.300   -5.382  1.00 32.53 ? 399 HOH A O   1 
HETATM 1148 O  O   . HOH H 5 .   ? 4.607   -1.901  16.153  1.00 26.49 ? 400 HOH A O   1 
HETATM 1149 O  O   . HOH H 5 .   ? -1.990  -2.423  -15.364 1.00 35.03 ? 401 HOH A O   1 
HETATM 1150 O  O   . HOH H 5 .   ? -12.934 -8.023  2.870   0.5  28.95 ? 402 HOH A O   1 
HETATM 1151 O  O   . HOH H 5 .   ? -1.255  -7.907  15.798  1.00 36.90 ? 403 HOH A O   1 
HETATM 1152 O  O   . HOH H 5 .   ? -4.106  -14.793 6.422   1.00 33.52 ? 404 HOH A O   1 
HETATM 1153 O  O   . HOH H 5 .   ? 3.701   -15.362 3.012   1.00 34.11 ? 405 HOH A O   1 
HETATM 1154 O  O   . HOH H 5 .   ? 5.034   -7.567  15.479  1.00 21.45 ? 406 HOH A O   1 
HETATM 1155 O  O   . HOH H 5 .   ? -11.465 -13.040 1.111   1.00 33.98 ? 407 HOH A O   1 
HETATM 1156 O  O   . HOH H 5 .   ? 0.473   6.265   16.493  1.00 27.89 ? 408 HOH A O   1 
HETATM 1157 O  O   . HOH H 5 .   ? -5.438  16.026  -13.824 1.00 33.57 ? 409 HOH A O   1 
HETATM 1158 O  O   . HOH H 5 .   ? -7.323  5.464   13.881  1.00 28.78 ? 410 HOH A O   1 
HETATM 1159 O  O   . HOH H 5 .   ? 4.796   -12.090 1.315   1.00 31.11 ? 411 HOH A O   1 
HETATM 1160 O  O   . HOH H 5 .   ? -0.539  -15.341 1.931   1.00 33.35 ? 412 HOH A O   1 
HETATM 1161 O  O   . HOH H 5 .   ? -3.831  -5.976  12.811  1.00 27.67 ? 413 HOH A O   1 
HETATM 1162 O  O   . HOH H 5 .   ? -8.434  1.279   -14.144 1.00 28.89 ? 414 HOH A O   1 
HETATM 1163 O  O   . HOH H 5 .   ? 5.593   20.393  -9.291  1.00 29.28 ? 415 HOH A O   1 
HETATM 1164 O  O   . HOH H 5 .   ? 4.809   0.621   16.861  1.00 35.20 ? 416 HOH A O   1 
HETATM 1165 O  O   . HOH H 5 .   ? -10.353 -7.406  -13.927 1.00 31.31 ? 417 HOH A O   1 
HETATM 1166 O  O   . HOH H 5 .   ? -13.691 3.057   2.987   1.00 28.32 ? 418 HOH A O   1 
HETATM 1167 O  O   . HOH H 5 .   ? 6.096   -10.545 23.679  1.00 31.25 ? 419 HOH A O   1 
HETATM 1168 O  O   . HOH H 5 .   ? -1.946  -13.109 9.044   1.00 24.65 ? 420 HOH A O   1 
HETATM 1169 O  O   . HOH H 5 .   ? -2.522  9.301   -9.179  1.00 32.86 ? 421 HOH A O   1 
HETATM 1170 O  O   . HOH H 5 .   ? -7.525  -14.010 -5.336  1.00 25.56 ? 422 HOH A O   1 
HETATM 1171 O  O   . HOH H 5 .   ? 7.103   -11.546 -2.283  1.00 28.55 ? 423 HOH A O   1 
HETATM 1172 O  O   . HOH H 5 .   ? 6.705   1.540   18.000  1.00 36.76 ? 424 HOH A O   1 
HETATM 1173 O  O   . HOH H 5 .   ? -2.942  2.238   18.051  1.00 31.59 ? 425 HOH A O   1 
HETATM 1174 O  O   . HOH H 5 .   ? -4.914  -11.888 -10.328 1.00 37.24 ? 426 HOH A O   1 
HETATM 1175 O  O   . HOH H 5 .   ? 1.089   11.506  10.096  1.00 37.55 ? 427 HOH A O   1 
HETATM 1176 O  O   . HOH H 5 .   ? -5.553  11.442  -6.563  1.00 35.71 ? 428 HOH A O   1 
HETATM 1177 O  O   . HOH H 5 .   ? -6.785  -6.493  12.836  1.00 34.68 ? 429 HOH A O   1 
HETATM 1178 O  O   . HOH H 5 .   ? 3.113   7.936   11.463  1.00 29.20 ? 430 HOH A O   1 
HETATM 1179 O  O   . HOH H 5 .   ? -1.453  10.000  6.658   1.00 35.12 ? 431 HOH A O   1 
HETATM 1180 O  O   . HOH H 5 .   ? 12.693  8.507   -8.467  1.00 36.02 ? 432 HOH A O   1 
HETATM 1181 O  O   . HOH H 5 .   ? -5.134  -14.513 -7.138  1.00 38.54 ? 433 HOH A O   1 
HETATM 1182 O  O   . HOH H 5 .   ? 11.896  -7.402  8.505   1.00 33.58 ? 434 HOH A O   1 
HETATM 1183 O  O   . HOH H 5 .   ? 10.770  6.320   15.215  1.00 36.35 ? 435 HOH A O   1 
HETATM 1184 O  O   . HOH H 5 .   ? 0.701   2.792   -17.249 1.00 30.01 ? 436 HOH A O   1 
HETATM 1185 O  O   . HOH H 5 .   ? -8.840  -9.273  4.996   1.00 25.18 ? 437 HOH A O   1 
HETATM 1186 O  O   . HOH H 5 .   ? -5.372  10.845  -8.956  1.00 37.02 ? 438 HOH A O   1 
HETATM 1187 O  O   . HOH H 5 .   ? 0.136   11.519  12.193  1.00 39.24 ? 439 HOH A O   1 
HETATM 1188 O  O   . HOH H 5 .   ? -4.867  14.444  -16.986 1.00 37.49 ? 440 HOH A O   1 
HETATM 1189 O  O   . HOH H 5 .   ? 8.215   -8.299  14.170  0.38 21.85 ? 441 HOH A O   1 
HETATM 1190 O  O   . HOH H 5 .   ? -1.212  12.114  -12.154 1.00 34.76 ? 442 HOH A O   1 
HETATM 1191 O  O   . HOH H 5 .   ? 9.889   3.631   16.554  1.00 36.17 ? 443 HOH A O   1 
HETATM 1192 O  O   . HOH H 5 .   ? 16.149  1.653   2.753   1.00 30.24 ? 444 HOH A O   1 
HETATM 1193 O  O   . HOH H 5 .   ? -10.222 -14.859 -6.601  1.00 38.05 ? 445 HOH A O   1 
HETATM 1194 O  O   . HOH H 5 .   ? -7.920  1.839   -16.867 1.00 37.08 ? 446 HOH A O   1 
HETATM 1195 O  O   . HOH H 5 .   ? -3.025  11.247  -9.950  1.00 37.90 ? 447 HOH A O   1 
HETATM 1196 O  O   . HOH H 5 .   ? 0.797   8.964   13.988  1.00 38.20 ? 448 HOH A O   1 
HETATM 1197 O  O   . HOH H 5 .   ? 13.101  -11.683 12.042  1.00 33.37 ? 449 HOH A O   1 
HETATM 1198 O  O   . HOH H 5 .   ? 12.165  4.518   15.512  1.00 33.47 ? 450 HOH A O   1 
HETATM 1199 O  O   . HOH H 5 .   ? 3.029   -2.850  -16.817 1.00 39.71 ? 451 HOH A O   1 
HETATM 1200 O  O   . HOH H 5 .   ? -5.298  10.768  5.281   1.00 37.33 ? 452 HOH A O   1 
HETATM 1201 O  O   . HOH H 5 .   ? 3.806   11.208  8.211   1.00 32.47 ? 453 HOH A O   1 
HETATM 1202 O  O   . HOH H 5 .   ? -15.540 -5.610  -2.874  1.00 35.34 ? 454 HOH A O   1 
HETATM 1203 O  O   . HOH H 5 .   ? 7.864   -10.136 -4.585  1.00 30.87 ? 455 HOH A O   1 
HETATM 1204 O  O   . HOH H 5 .   ? 0.385   13.574  -10.275 1.00 35.82 ? 456 HOH A O   1 
HETATM 1205 O  O   . HOH H 5 .   ? 15.378  1.566   20.839  1.00 36.85 ? 457 HOH A O   1 
HETATM 1206 O  O   . HOH H 5 .   ? -1.034  11.766  -7.931  1.00 35.80 ? 458 HOH A O   1 
HETATM 1207 O  O   . HOH H 5 .   ? -1.439  0.680   19.024  1.00 36.37 ? 459 HOH A O   1 
HETATM 1208 O  O   . HOH H 5 .   ? -12.274 -13.762 -7.147  1.00 36.08 ? 460 HOH A O   1 
HETATM 1209 O  O   . HOH H 5 .   ? -16.824 -1.273  -10.175 1.00 42.14 ? 461 HOH A O   1 
HETATM 1210 O  O   . HOH H 5 .   ? -14.610 -11.571 -4.965  1.00 38.18 ? 462 HOH A O   1 
HETATM 1211 O  O   . HOH H 5 .   ? -4.613  -12.826 7.372   1.00 36.51 ? 463 HOH A O   1 
HETATM 1212 O  O   . HOH H 5 .   ? -3.358  -10.092 11.772  1.00 23.97 ? 464 HOH A O   1 
HETATM 1213 O  O   . HOH H 5 .   ? 15.257  -12.040 12.922  1.00 33.32 ? 465 HOH A O   1 
HETATM 1214 O  O   . HOH H 5 .   ? 12.518  2.860   -1.914  1.00 24.69 ? 466 HOH A O   1 
HETATM 1215 O  O   . HOH H 5 .   ? 0.968   0.825   -15.994 1.00 34.78 ? 467 HOH A O   1 
HETATM 1216 O  O   . HOH H 5 .   ? -1.894  -3.262  -17.628 1.00 42.76 ? 468 HOH A O   1 
HETATM 1217 O  O   . HOH H 5 .   ? -2.493  0.302   -18.772 1.00 39.18 ? 469 HOH A O   1 
HETATM 1218 O  O   . HOH H 5 .   ? 3.764   -4.550  17.669  1.00 35.19 ? 470 HOH A O   1 
HETATM 1219 O  O   . HOH H 5 .   ? 13.416  -6.222  6.467   1.00 32.32 ? 471 HOH A O   1 
HETATM 1220 O  O   . HOH H 5 .   ? -13.228 -11.325 -8.826  1.00 39.23 ? 472 HOH A O   1 
HETATM 1221 O  O   . HOH H 5 .   ? 4.276   -15.418 -0.313  1.00 38.13 ? 473 HOH A O   1 
HETATM 1222 O  O   . HOH H 5 .   ? 11.341  4.584   -7.618  1.00 24.05 ? 474 HOH A O   1 
HETATM 1223 O  O   . HOH H 5 .   ? 10.402  9.809   0.208   1.00 32.81 ? 475 HOH A O   1 
HETATM 1224 O  O   . HOH H 5 .   ? 0.135   2.504   -19.592 1.00 35.10 ? 476 HOH A O   1 
HETATM 1225 O  O   . HOH H 5 .   ? -1.827  -14.486 -1.839  1.00 34.83 ? 477 HOH A O   1 
HETATM 1226 O  O   . HOH H 5 .   ? -14.790 -0.011  2.273   1.00 35.11 ? 478 HOH A O   1 
HETATM 1227 O  O   . HOH H 5 .   ? 4.556   -10.254 15.609  0.42 18.03 ? 479 HOH A O   1 
HETATM 1228 O  O   . HOH H 5 .   ? 11.568  6.406   -3.776  1.00 35.61 ? 480 HOH A O   1 
HETATM 1229 O  O   . HOH H 5 .   ? -5.863  -10.635 7.094   1.00 29.98 ? 481 HOH A O   1 
HETATM 1230 O  O   . HOH H 5 .   ? -6.738  -7.791  10.091  1.00 27.85 ? 482 HOH A O   1 
HETATM 1231 O  O   . HOH H 5 .   ? -13.898 -12.679 1.612   1.00 39.33 ? 483 HOH A O   1 
HETATM 1232 O  O   . HOH H 5 .   ? -4.961  11.423  7.824   1.00 38.62 ? 484 HOH A O   1 
HETATM 1233 O  O   . HOH H 5 .   ? -13.515 5.571   5.683   1.00 31.46 ? 485 HOH A O   1 
HETATM 1234 O  O   . HOH H 5 .   ? 1.313   21.000  -9.154  1.00 38.56 ? 486 HOH A O   1 
HETATM 1235 O  O   . HOH H 5 .   ? 6.310   9.566   11.162  1.00 38.57 ? 487 HOH A O   1 
HETATM 1236 O  O   . HOH H 5 .   ? 4.649   -20.027 -0.282  1.00 30.88 ? 488 HOH A O   1 
HETATM 1237 O  O   . HOH H 5 .   ? 4.651   7.545   18.622  1.00 34.95 ? 489 HOH A O   1 
HETATM 1238 O  O   . HOH H 5 .   ? 5.445   8.834   13.476  1.00 38.89 ? 490 HOH A O   1 
HETATM 1239 O  O   . HOH H 5 .   ? -3.123  -9.144  16.830  1.00 39.46 ? 491 HOH A O   1 
HETATM 1240 O  O   . HOH H 5 .   ? 5.179   -17.632 -1.223  1.00 36.60 ? 492 HOH A O   1 
HETATM 1241 O  O   . HOH H 5 .   ? -12.356 -15.200 -2.355  1.00 37.09 ? 493 HOH A O   1 
HETATM 1242 O  O   . HOH H 5 .   ? -15.547 -11.644 -2.354  1.00 32.95 ? 494 HOH A O   1 
# 
